data_6C02
#
_entry.id   6C02
#
_cell.length_a   78.656
_cell.length_b   169.457
_cell.length_c   79.062
_cell.angle_alpha   90.00
_cell.angle_beta   103.87
_cell.angle_gamma   90.00
#
_symmetry.space_group_name_H-M   'P 1 21 1'
#
loop_
_entity.id
_entity.type
_entity.pdbx_description
1 polymer 'Ectonucleotide pyrophosphatase/phosphodiesterase family member 3'
2 branched 2-acetamido-2-deoxy-beta-D-glucopyranose-(1-4)-2-acetamido-2-deoxy-beta-D-glucopyranose
3 branched beta-D-mannopyranose-(1-4)-2-acetamido-2-deoxy-beta-D-glucopyranose-(1-4)-2-acetamido-2-deoxy-beta-D-glucopyranose
4 branched 2-acetamido-2-deoxy-beta-D-glucopyranose-(1-4)-[alpha-L-fucopyranose-(1-6)]2-acetamido-2-deoxy-beta-D-glucopyranose
5 branched alpha-L-fucopyranose-(1-6)-2-acetamido-2-deoxy-beta-D-glucopyranose
6 non-polymer 'ZINC ION'
7 non-polymer 'CALCIUM ION'
8 non-polymer 'SODIUM ION'
9 non-polymer 'CHLORIDE ION'
10 non-polymer 'SULFATE ION'
11 non-polymer 'DIPHOSPHOMETHYLPHOSPHONIC ACID ADENOSYL ESTER'
12 water water
#
_entity_poly.entity_id   1
_entity_poly.type   'polypeptide(L)'
_entity_poly.pdbx_seq_one_letter_code
;DRHHHHHHKLLEKQGSCRKKCFDASFRGLENCRCDVACKDRGDCCWDFEDTCVESTRIWMCNKFRCGETRLEASLCSCSD
DCLQRKDCCADYKSVCQGETSWLEENCDTAQQSQCPEGFDLPPVILFSMDGFRAEYLYTWDTLMPNINKLKTCGIHSKYM
RAMYPTKAFPNHYTIVTGLYPESHGIIDNNMYDVNLNKNFSLSSKEQNNPAWWHGQPMWLTAMYQGLKAATYFWPGSEVA
INGSFPSIYMPYNGSVPFEERISTLLKWLDLPKAERPRFYTMYFEEPDSSGHAGGPVSARVIKALQVVDHAFGMLMEGLK
QRNLHNCVNIILLADHGMDQTYCNKMEYMTDYFPRINFFYMYEGPAPRIRAHNIPHDFFSFNSEEIVRNLSCRKPDQHFK
PYLTPDLPKRLHYAKNVRIDKVHLFVDQQWLAVRSKSNTNCGGGNHGYNNEFRSMEAIFLAHGPSFKEKTEVEPFENIEV
YNLMCDLLRIQPAPNNGTHGSLNHLLKVPFYEPSHAEEVSKFSVCGFANPLPTESLDCFCPHLQNSTQLEQVNQMLSLTQ
EEITATVKVNLPFGRPRVLQKNVDHCLLYHREYVSGFGKAMRMPMWSSYTVPQLGDTSPLPPTVPDCLRADVRVPPSESQ
KCSFYLADKNITHGFLYPPASNRTSDSQYDALITSNLVPMYEEFRKMWDYFHSVLLIKHATERNGVNVVSGPIFDYNYDG
HFDAPDEITKHLANTDVPIPTHYFVVLTSCKNKSHTPENCPGWLDVLPFIIPHRPTNVESCPEGKPEALWVEERFTAHIA
RVRDVELLTGLDFYQDKVQPVSEILQLKTYLPTFETTI
;
_entity_poly.pdbx_strand_id   A,B
#
loop_
_chem_comp.id
_chem_comp.type
_chem_comp.name
_chem_comp.formula
APC non-polymer 'DIPHOSPHOMETHYLPHOSPHONIC ACID ADENOSYL ESTER' 'C11 H18 N5 O12 P3'
BMA D-saccharide, beta linking beta-D-mannopyranose 'C6 H12 O6'
CA non-polymer 'CALCIUM ION' 'Ca 2'
CL non-polymer 'CHLORIDE ION' 'Cl -1'
FUC L-saccharide, alpha linking alpha-L-fucopyranose 'C6 H12 O5'
NA non-polymer 'SODIUM ION' 'Na 1'
NAG D-saccharide, beta linking 2-acetamido-2-deoxy-beta-D-glucopyranose 'C8 H15 N O6'
SO4 non-polymer 'SULFATE ION' 'O4 S -2'
ZN non-polymer 'ZINC ION' 'Zn 2'
#
# COMPACT_ATOMS: atom_id res chain seq x y z
N GLY A 15 -0.98 -54.39 24.29
CA GLY A 15 -0.90 -52.97 24.62
C GLY A 15 -0.06 -52.17 23.66
N SER A 16 0.08 -50.87 23.94
CA SER A 16 0.89 -49.97 23.12
C SER A 16 2.14 -49.54 23.90
N CYS A 17 2.76 -48.45 23.48
CA CYS A 17 3.94 -47.94 24.15
C CYS A 17 3.61 -47.00 25.30
N ARG A 18 2.33 -46.75 25.56
CA ARG A 18 1.95 -45.95 26.71
C ARG A 18 2.54 -46.56 27.99
N LYS A 19 3.52 -45.88 28.57
CA LYS A 19 4.17 -46.27 29.82
C LYS A 19 5.14 -47.44 29.64
N LYS A 20 5.63 -47.67 28.42
CA LYS A 20 6.57 -48.75 28.15
C LYS A 20 7.67 -48.29 27.20
N CYS A 21 7.97 -47.00 27.16
CA CYS A 21 8.89 -46.46 26.18
C CYS A 21 10.30 -46.99 26.42
N PHE A 22 10.94 -47.42 25.33
CA PHE A 22 12.32 -47.90 25.33
C PHE A 22 12.48 -49.20 26.10
N ASP A 23 11.38 -49.89 26.42
CA ASP A 23 11.43 -51.20 27.06
C ASP A 23 11.58 -52.24 25.96
N ALA A 24 12.83 -52.61 25.69
CA ALA A 24 13.08 -53.68 24.72
C ALA A 24 12.44 -54.99 25.16
N SER A 25 12.35 -55.23 26.46
CA SER A 25 11.76 -56.44 26.99
C SER A 25 10.24 -56.49 26.83
N PHE A 26 9.62 -55.42 26.33
CA PHE A 26 8.17 -55.32 26.29
C PHE A 26 7.65 -55.70 24.92
N ARG A 27 6.68 -56.61 24.89
CA ARG A 27 5.93 -56.95 23.68
C ARG A 27 4.47 -56.64 23.93
N GLY A 28 3.89 -55.79 23.09
CA GLY A 28 2.51 -55.42 23.21
C GLY A 28 1.63 -56.18 22.24
N LEU A 29 0.63 -55.48 21.71
CA LEU A 29 -0.27 -56.08 20.74
C LEU A 29 0.50 -56.54 19.51
N GLU A 30 0.25 -57.78 19.09
CA GLU A 30 0.96 -58.37 17.95
C GLU A 30 2.46 -58.35 18.16
N ASN A 31 2.90 -58.36 19.42
CA ASN A 31 4.32 -58.36 19.76
C ASN A 31 5.03 -57.09 19.30
N CYS A 32 4.29 -55.99 19.15
CA CYS A 32 4.91 -54.73 18.79
C CYS A 32 5.83 -54.26 19.92
N ARG A 33 6.90 -53.57 19.55
CA ARG A 33 7.98 -53.24 20.46
C ARG A 33 8.09 -51.73 20.61
N CYS A 34 8.73 -51.31 21.71
CA CYS A 34 8.87 -49.90 22.04
C CYS A 34 10.32 -49.53 22.31
N ASP A 35 11.25 -50.26 21.72
CA ASP A 35 12.66 -49.99 21.92
C ASP A 35 13.20 -49.03 20.87
N VAL A 36 14.33 -48.42 21.19
CA VAL A 36 14.97 -47.46 20.28
C VAL A 36 15.24 -48.11 18.93
N ALA A 37 15.47 -49.43 18.92
CA ALA A 37 15.82 -50.14 17.70
C ALA A 37 14.61 -50.58 16.89
N CYS A 38 13.40 -50.51 17.45
CA CYS A 38 12.20 -50.84 16.68
C CYS A 38 12.08 -49.97 15.45
N LYS A 39 12.63 -48.74 15.52
CA LYS A 39 12.60 -47.84 14.38
C LYS A 39 13.27 -48.49 13.16
N ASP A 40 14.37 -49.21 13.38
CA ASP A 40 15.06 -49.87 12.28
C ASP A 40 14.40 -51.19 11.91
N ARG A 41 14.14 -52.05 12.89
CA ARG A 41 13.48 -53.31 12.61
C ARG A 41 12.08 -53.11 12.02
N GLY A 42 11.47 -51.96 12.26
CA GLY A 42 10.14 -51.68 11.71
C GLY A 42 9.03 -52.48 12.36
N ASP A 43 9.07 -52.62 13.69
CA ASP A 43 8.03 -53.33 14.42
C ASP A 43 7.51 -52.52 15.60
N CYS A 44 7.66 -51.20 15.58
CA CYS A 44 7.19 -50.37 16.69
C CYS A 44 5.67 -50.46 16.81
N CYS A 45 5.18 -50.34 18.04
CA CYS A 45 3.75 -50.15 18.22
C CYS A 45 3.33 -48.85 17.53
N TRP A 46 2.03 -48.74 17.26
CA TRP A 46 1.56 -47.66 16.39
C TRP A 46 1.87 -46.28 16.95
N ASP A 47 1.87 -46.12 18.27
CA ASP A 47 1.97 -44.81 18.91
C ASP A 47 3.36 -44.51 19.46
N PHE A 48 4.40 -45.15 18.92
CA PHE A 48 5.73 -45.02 19.51
C PHE A 48 6.31 -43.62 19.29
N GLU A 49 6.27 -43.13 18.04
CA GLU A 49 6.94 -41.88 17.72
C GLU A 49 6.40 -40.72 18.56
N ASP A 50 5.07 -40.58 18.63
CA ASP A 50 4.50 -39.46 19.37
C ASP A 50 4.59 -39.69 20.88
N THR A 51 4.50 -40.94 21.33
CA THR A 51 4.53 -41.22 22.76
C THR A 51 5.96 -41.13 23.32
N CYS A 52 6.94 -41.58 22.54
CA CYS A 52 8.29 -41.74 23.06
C CYS A 52 9.34 -40.84 22.41
N VAL A 53 9.11 -40.35 21.19
CA VAL A 53 10.12 -39.56 20.48
C VAL A 53 9.78 -38.07 20.52
N GLU A 54 8.70 -37.68 19.85
CA GLU A 54 8.33 -36.27 19.80
C GLU A 54 7.92 -35.72 21.16
N SER A 55 7.60 -36.60 22.12
CA SER A 55 7.13 -36.14 23.42
C SER A 55 8.21 -35.44 24.22
N THR A 56 9.48 -35.61 23.85
CA THR A 56 10.60 -34.98 24.55
C THR A 56 11.12 -33.75 23.81
N ARG A 57 10.44 -33.33 22.74
CA ARG A 57 10.88 -32.20 21.92
C ARG A 57 9.85 -31.09 21.84
N ILE A 58 8.75 -31.18 22.59
CA ILE A 58 7.64 -30.24 22.48
C ILE A 58 7.30 -29.70 23.86
N TRP A 59 6.60 -28.56 23.85
CA TRP A 59 6.22 -27.86 25.06
C TRP A 59 4.75 -28.08 25.43
N MET A 60 4.05 -28.94 24.71
CA MET A 60 2.63 -29.14 24.87
C MET A 60 2.31 -30.59 25.15
N CYS A 61 1.35 -30.82 26.04
CA CYS A 61 0.76 -32.13 26.22
C CYS A 61 -0.21 -32.41 25.08
N ASN A 62 -0.48 -33.70 24.86
CA ASN A 62 -1.45 -34.13 23.88
C ASN A 62 -2.01 -35.48 24.32
N LYS A 63 -2.85 -36.07 23.49
CA LYS A 63 -3.49 -37.33 23.87
C LYS A 63 -2.47 -38.45 24.06
N PHE A 64 -1.37 -38.43 23.29
CA PHE A 64 -0.34 -39.46 23.44
C PHE A 64 0.40 -39.32 24.76
N ARG A 65 0.51 -38.11 25.29
CA ARG A 65 1.38 -37.83 26.43
C ARG A 65 0.65 -37.84 27.78
N CYS A 66 -0.66 -37.65 27.81
CA CYS A 66 -1.34 -37.50 29.10
C CYS A 66 -1.27 -38.79 29.89
N GLY A 67 -0.77 -38.68 31.13
CA GLY A 67 -0.54 -39.83 31.98
C GLY A 67 0.78 -40.54 31.74
N GLU A 68 1.61 -40.02 30.84
CA GLU A 68 2.81 -40.72 30.41
C GLU A 68 3.70 -41.07 31.59
N THR A 69 4.59 -42.03 31.36
CA THR A 69 5.68 -42.28 32.28
C THR A 69 6.80 -41.28 32.02
N ARG A 70 7.36 -40.74 33.10
CA ARG A 70 8.37 -39.71 32.99
C ARG A 70 9.55 -40.19 32.16
N LEU A 71 10.11 -39.28 31.38
CA LEU A 71 11.32 -39.51 30.61
C LEU A 71 12.40 -38.53 31.08
N GLU A 72 13.49 -38.45 30.32
CA GLU A 72 14.67 -37.71 30.74
C GLU A 72 14.84 -36.39 29.99
N ALA A 73 14.88 -36.43 28.66
CA ALA A 73 15.15 -35.24 27.86
C ALA A 73 13.90 -34.42 27.56
N SER A 74 12.83 -34.61 28.33
CA SER A 74 11.58 -33.91 28.06
C SER A 74 11.65 -32.49 28.59
N LEU A 75 11.21 -31.53 27.77
CA LEU A 75 11.25 -30.13 28.16
C LEU A 75 10.21 -29.81 29.24
N CYS A 76 9.09 -30.53 29.24
CA CYS A 76 8.11 -30.45 30.32
C CYS A 76 7.40 -31.80 30.41
N SER A 77 6.62 -31.97 31.47
CA SER A 77 6.02 -33.26 31.79
C SER A 77 4.50 -33.20 31.73
N CYS A 78 3.90 -34.30 31.29
CA CYS A 78 2.46 -34.52 31.39
C CYS A 78 2.15 -35.70 32.30
N SER A 79 3.11 -36.12 33.11
CA SER A 79 2.89 -37.21 34.05
C SER A 79 1.91 -36.79 35.13
N ASP A 80 1.39 -37.79 35.85
CA ASP A 80 0.41 -37.53 36.89
C ASP A 80 1.01 -36.86 38.12
N ASP A 81 2.34 -36.85 38.24
CA ASP A 81 3.02 -36.20 39.35
C ASP A 81 3.63 -34.86 38.97
N CYS A 82 3.36 -34.35 37.77
CA CYS A 82 4.04 -33.13 37.34
C CYS A 82 3.59 -31.93 38.17
N LEU A 83 2.34 -31.91 38.63
CA LEU A 83 1.86 -30.77 39.42
C LEU A 83 2.56 -30.70 40.77
N GLN A 84 2.81 -31.84 41.42
CA GLN A 84 3.54 -31.82 42.67
C GLN A 84 5.02 -31.53 42.45
N ARG A 85 5.61 -32.11 41.41
CA ARG A 85 6.99 -31.79 41.04
C ARG A 85 7.13 -30.40 40.44
N LYS A 86 6.03 -29.74 40.08
CA LYS A 86 6.07 -28.39 39.52
C LYS A 86 6.84 -28.36 38.20
N ASP A 87 6.48 -29.25 37.27
CA ASP A 87 7.09 -29.23 35.95
C ASP A 87 6.11 -29.63 34.86
N CYS A 88 4.80 -29.41 35.08
CA CYS A 88 3.83 -29.67 34.04
C CYS A 88 4.05 -28.73 32.86
N CYS A 89 3.77 -29.23 31.65
CA CYS A 89 3.62 -28.33 30.52
C CYS A 89 2.51 -27.33 30.82
N ALA A 90 2.52 -26.21 30.10
CA ALA A 90 1.60 -25.12 30.43
C ALA A 90 0.14 -25.50 30.23
N ASP A 91 -0.16 -26.33 29.24
CA ASP A 91 -1.55 -26.71 28.94
C ASP A 91 -1.92 -28.06 29.53
N TYR A 92 -1.19 -28.54 30.53
CA TYR A 92 -1.48 -29.86 31.09
C TYR A 92 -2.92 -29.94 31.58
N LYS A 93 -3.33 -29.00 32.43
CA LYS A 93 -4.63 -29.10 33.07
C LYS A 93 -5.77 -29.13 32.05
N SER A 94 -5.69 -28.31 31.01
CA SER A 94 -6.78 -28.28 30.06
C SER A 94 -6.71 -29.45 29.09
N VAL A 95 -5.51 -29.86 28.69
CA VAL A 95 -5.38 -30.97 27.76
C VAL A 95 -5.59 -32.30 28.47
N CYS A 96 -4.98 -32.47 29.65
CA CYS A 96 -5.02 -33.75 30.34
C CYS A 96 -6.12 -33.85 31.39
N GLN A 97 -6.34 -32.81 32.18
CA GLN A 97 -7.28 -32.88 33.29
C GLN A 97 -8.68 -32.38 32.93
N GLY A 98 -8.91 -31.99 31.68
CA GLY A 98 -10.22 -31.52 31.27
C GLY A 98 -10.61 -30.17 31.79
N GLU A 99 -9.67 -29.41 32.35
CA GLU A 99 -9.97 -28.06 32.81
C GLU A 99 -10.12 -27.12 31.61
N THR A 100 -10.90 -26.06 31.80
CA THR A 100 -11.13 -25.11 30.73
C THR A 100 -9.87 -24.28 30.48
N SER A 101 -9.47 -24.17 29.22
CA SER A 101 -8.31 -23.37 28.88
C SER A 101 -8.55 -21.90 29.21
N TRP A 102 -7.46 -21.15 29.33
CA TRP A 102 -7.59 -19.71 29.50
C TRP A 102 -8.32 -19.09 28.32
N LEU A 103 -8.02 -19.58 27.12
CA LEU A 103 -8.62 -19.03 25.91
C LEU A 103 -10.12 -19.30 25.85
N GLU A 104 -10.57 -20.45 26.38
CA GLU A 104 -11.99 -20.79 26.40
C GLU A 104 -12.73 -20.11 27.56
N GLU A 105 -12.01 -19.59 28.54
CA GLU A 105 -12.65 -18.92 29.66
C GLU A 105 -13.19 -17.56 29.23
N ASN A 106 -14.29 -17.15 29.85
CA ASN A 106 -14.79 -15.80 29.65
C ASN A 106 -13.87 -14.79 30.29
N CYS A 107 -14.03 -13.53 29.89
CA CYS A 107 -13.32 -12.45 30.56
C CYS A 107 -13.57 -12.51 32.05
N ASP A 108 -12.56 -12.12 32.82
CA ASP A 108 -12.65 -12.13 34.28
C ASP A 108 -13.88 -11.37 34.77
N GLN A 114 -7.98 -11.74 41.46
CA GLN A 114 -7.77 -12.77 42.49
C GLN A 114 -6.33 -13.29 42.48
N CYS A 115 -5.70 -13.26 43.66
CA CYS A 115 -4.34 -13.72 43.84
C CYS A 115 -4.29 -14.94 44.76
N PRO A 116 -3.44 -15.94 44.47
CA PRO A 116 -3.33 -17.09 45.38
C PRO A 116 -2.58 -16.75 46.65
N GLU A 117 -2.42 -17.73 47.54
CA GLU A 117 -1.70 -17.50 48.79
C GLU A 117 -0.25 -17.12 48.50
N GLY A 118 0.27 -16.17 49.27
CA GLY A 118 1.61 -15.68 49.10
C GLY A 118 1.75 -14.52 48.14
N PHE A 119 0.80 -14.36 47.21
CA PHE A 119 0.81 -13.23 46.28
C PHE A 119 -0.05 -12.11 46.84
N ASP A 120 0.36 -11.63 48.02
CA ASP A 120 -0.34 -10.50 48.64
C ASP A 120 -0.55 -9.40 47.63
N LEU A 121 0.50 -8.99 46.94
CA LEU A 121 0.43 -7.95 45.94
C LEU A 121 0.67 -8.52 44.55
N PRO A 122 0.04 -7.95 43.52
CA PRO A 122 0.11 -8.54 42.20
C PRO A 122 1.43 -8.21 41.52
N PRO A 123 2.16 -9.21 41.02
CA PRO A 123 3.37 -8.91 40.26
C PRO A 123 3.05 -8.26 38.93
N VAL A 124 4.07 -7.64 38.34
CA VAL A 124 3.94 -6.93 37.07
C VAL A 124 4.80 -7.64 36.04
N ILE A 125 4.20 -7.94 34.89
CA ILE A 125 4.92 -8.47 33.74
C ILE A 125 4.83 -7.43 32.64
N LEU A 126 5.99 -6.99 32.15
CA LEU A 126 6.09 -6.08 31.01
C LEU A 126 6.60 -6.89 29.81
N PHE A 127 5.72 -7.10 28.84
CA PHE A 127 5.94 -8.02 27.72
C PHE A 127 6.02 -7.21 26.44
N SER A 128 7.16 -7.28 25.76
CA SER A 128 7.36 -6.55 24.51
C SER A 128 7.51 -7.51 23.34
N MET A 129 6.80 -7.22 22.25
CA MET A 129 6.94 -7.92 20.98
C MET A 129 7.47 -6.90 19.98
N ASP A 130 8.76 -6.99 19.69
CA ASP A 130 9.40 -6.04 18.80
C ASP A 130 8.62 -5.89 17.49
N GLY A 131 8.42 -4.64 17.07
CA GLY A 131 7.85 -4.36 15.76
C GLY A 131 6.39 -4.72 15.59
N PHE A 132 5.63 -4.81 16.68
CA PHE A 132 4.20 -5.14 16.61
C PHE A 132 3.43 -3.84 16.40
N ARG A 133 3.14 -3.53 15.15
CA ARG A 133 2.51 -2.27 14.82
C ARG A 133 1.00 -2.34 15.02
N ALA A 134 0.42 -1.19 15.37
CA ALA A 134 -0.99 -1.15 15.74
C ALA A 134 -1.90 -1.73 14.67
N GLU A 135 -1.52 -1.60 13.39
CA GLU A 135 -2.37 -2.09 12.30
C GLU A 135 -2.45 -3.61 12.28
N TYR A 136 -1.38 -4.30 12.70
CA TYR A 136 -1.43 -5.74 12.83
C TYR A 136 -2.62 -6.17 13.69
N LEU A 137 -2.82 -5.47 14.80
CA LEU A 137 -3.89 -5.85 15.71
C LEU A 137 -5.27 -5.50 15.16
N TYR A 138 -5.35 -4.53 14.24
CA TYR A 138 -6.63 -4.15 13.65
C TYR A 138 -7.04 -5.13 12.55
N THR A 139 -6.13 -5.46 11.65
CA THR A 139 -6.45 -6.27 10.48
C THR A 139 -6.40 -7.77 10.77
N TRP A 140 -5.52 -8.23 11.65
CA TRP A 140 -5.26 -9.66 11.80
C TRP A 140 -5.67 -10.21 13.16
N ASP A 141 -6.51 -9.47 13.90
CA ASP A 141 -6.82 -9.86 15.27
C ASP A 141 -7.41 -11.26 15.35
N THR A 142 -8.23 -11.64 14.37
CA THR A 142 -8.83 -12.97 14.38
C THR A 142 -7.83 -14.07 14.08
N LEU A 143 -6.62 -13.73 13.64
CA LEU A 143 -5.53 -14.69 13.52
C LEU A 143 -4.70 -14.78 14.79
N MET A 144 -5.05 -14.01 15.82
CA MET A 144 -4.31 -13.94 17.08
C MET A 144 -5.30 -14.06 18.23
N PRO A 145 -5.85 -15.27 18.43
CA PRO A 145 -6.94 -15.40 19.42
C PRO A 145 -6.54 -15.09 20.85
N ASN A 146 -5.32 -15.46 21.26
CA ASN A 146 -4.90 -15.18 22.63
C ASN A 146 -4.70 -13.69 22.85
N ILE A 147 -4.00 -13.03 21.93
CA ILE A 147 -3.84 -11.58 22.01
C ILE A 147 -5.19 -10.89 21.89
N ASN A 148 -6.06 -11.38 21.00
CA ASN A 148 -7.37 -10.76 20.84
C ASN A 148 -8.21 -10.91 22.10
N LYS A 149 -8.06 -12.04 22.81
CA LYS A 149 -8.76 -12.22 24.08
C LYS A 149 -8.29 -11.19 25.10
N LEU A 150 -6.96 -11.02 25.20
CA LEU A 150 -6.41 -9.99 26.06
C LEU A 150 -7.00 -8.63 25.73
N LYS A 151 -7.14 -8.32 24.44
CA LYS A 151 -7.65 -7.02 24.02
C LYS A 151 -9.13 -6.87 24.39
N THR A 152 -9.90 -7.96 24.30
CA THR A 152 -11.33 -7.89 24.55
C THR A 152 -11.62 -7.77 26.05
N CYS A 153 -10.85 -8.47 26.87
CA CYS A 153 -11.14 -8.56 28.29
C CYS A 153 -10.48 -7.47 29.11
N GLY A 154 -9.36 -6.94 28.64
CA GLY A 154 -8.62 -5.98 29.43
C GLY A 154 -8.76 -4.58 28.89
N ILE A 155 -7.68 -3.81 29.01
CA ILE A 155 -7.66 -2.43 28.55
C ILE A 155 -6.93 -2.38 27.22
N HIS A 156 -7.43 -1.54 26.32
CA HIS A 156 -6.96 -1.54 24.94
C HIS A 156 -6.83 -0.10 24.47
N SER A 157 -5.61 0.35 24.18
CA SER A 157 -5.44 1.67 23.62
C SER A 157 -5.50 1.58 22.11
N LYS A 158 -6.01 2.64 21.48
CA LYS A 158 -6.07 2.70 20.02
C LYS A 158 -4.69 2.48 19.43
N TYR A 159 -3.67 3.08 20.03
CA TYR A 159 -2.27 2.72 19.78
C TYR A 159 -1.43 3.41 20.84
N MET A 160 -0.16 3.03 20.90
CA MET A 160 0.83 3.68 21.73
C MET A 160 1.85 4.34 20.83
N ARG A 161 2.17 5.59 21.11
CA ARG A 161 3.10 6.35 20.30
C ARG A 161 4.50 6.17 20.86
N ALA A 162 5.43 5.81 19.98
CA ALA A 162 6.83 5.64 20.33
C ALA A 162 7.54 7.00 20.33
N MET A 163 8.83 6.97 20.67
CA MET A 163 9.68 8.15 20.59
C MET A 163 10.54 8.10 19.33
N TYR A 164 10.91 9.27 18.85
CA TYR A 164 11.75 9.39 17.68
C TYR A 164 13.24 9.31 18.06
N PRO A 165 14.06 8.59 17.27
CA PRO A 165 13.68 7.73 16.14
C PRO A 165 13.10 6.42 16.62
N THR A 166 12.20 5.85 15.83
CA THR A 166 11.44 4.66 16.21
C THR A 166 12.30 3.41 15.99
N LYS A 167 13.28 3.24 16.89
CA LYS A 167 14.21 2.11 16.88
C LYS A 167 14.08 1.34 18.18
N ALA A 168 14.65 0.12 18.18
CA ALA A 168 14.41 -0.83 19.26
C ALA A 168 15.02 -0.36 20.58
N PHE A 169 16.33 -0.11 20.59
CA PHE A 169 16.98 0.20 21.86
C PHE A 169 16.53 1.55 22.42
N PRO A 170 16.44 2.62 21.63
CA PRO A 170 15.93 3.88 22.18
C PRO A 170 14.56 3.75 22.83
N ASN A 171 13.65 2.98 22.22
CA ASN A 171 12.29 2.92 22.72
C ASN A 171 12.11 1.88 23.82
N HIS A 172 12.84 0.77 23.78
CA HIS A 172 12.77 -0.17 24.89
C HIS A 172 13.29 0.47 26.17
N TYR A 173 14.32 1.30 26.06
CA TYR A 173 14.85 1.93 27.26
C TYR A 173 14.00 3.11 27.72
N THR A 174 13.37 3.82 26.77
CA THR A 174 12.38 4.83 27.13
C THR A 174 11.24 4.21 27.95
N ILE A 175 10.73 3.07 27.50
CA ILE A 175 9.60 2.43 28.18
C ILE A 175 9.93 2.18 29.66
N VAL A 176 11.15 1.73 29.95
CA VAL A 176 11.50 1.35 31.32
C VAL A 176 12.14 2.49 32.11
N THR A 177 12.35 3.67 31.51
CA THR A 177 12.90 4.82 32.24
C THR A 177 11.96 6.01 32.31
N GLY A 178 10.95 6.08 31.46
CA GLY A 178 10.11 7.27 31.37
C GLY A 178 10.78 8.48 30.73
N LEU A 179 11.92 8.30 30.07
CA LEU A 179 12.76 9.39 29.61
C LEU A 179 12.81 9.45 28.08
N TYR A 180 12.92 10.67 27.55
CA TYR A 180 13.22 10.86 26.14
C TYR A 180 14.61 10.32 25.84
N PRO A 181 14.86 9.91 24.60
CA PRO A 181 16.22 9.47 24.29
C PRO A 181 17.31 10.47 24.58
N GLU A 182 17.13 11.75 24.25
CA GLU A 182 18.15 12.75 24.54
C GLU A 182 18.55 12.74 26.01
N SER A 183 17.66 12.31 26.91
CA SER A 183 17.95 12.27 28.34
C SER A 183 18.50 10.91 28.79
N HIS A 184 17.96 9.80 28.25
CA HIS A 184 18.42 8.48 28.69
C HIS A 184 19.74 8.06 28.04
N GLY A 185 20.13 8.67 26.91
CA GLY A 185 21.44 8.48 26.29
C GLY A 185 21.46 7.55 25.09
N ILE A 186 20.51 6.63 24.98
CA ILE A 186 20.47 5.65 23.87
C ILE A 186 19.68 6.29 22.74
N ILE A 187 20.32 7.21 22.01
CA ILE A 187 19.59 7.99 21.00
C ILE A 187 19.47 7.28 19.66
N ASP A 188 20.05 6.09 19.52
CA ASP A 188 19.91 5.27 18.32
C ASP A 188 20.54 3.92 18.66
N ASN A 189 20.30 2.94 17.78
CA ASN A 189 20.99 1.66 17.93
C ASN A 189 22.47 1.78 17.59
N ASN A 190 22.85 2.76 16.78
CA ASN A 190 24.23 3.01 16.39
C ASN A 190 24.56 4.47 16.67
N MET A 191 25.65 4.70 17.39
CA MET A 191 26.01 6.08 17.71
C MET A 191 27.46 6.15 18.17
N TYR A 192 27.99 7.37 18.10
CA TYR A 192 29.33 7.67 18.55
C TYR A 192 29.25 8.73 19.64
N ASP A 193 30.07 8.58 20.67
CA ASP A 193 30.14 9.56 21.76
C ASP A 193 31.55 10.12 21.77
N VAL A 194 31.67 11.41 21.43
CA VAL A 194 32.99 12.04 21.30
C VAL A 194 33.68 12.17 22.64
N ASN A 195 32.91 12.32 23.72
CA ASN A 195 33.51 12.40 25.06
C ASN A 195 34.13 11.07 25.46
N LEU A 196 33.42 9.97 25.25
CA LEU A 196 33.99 8.65 25.48
C LEU A 196 34.91 8.22 24.35
N ASN A 197 34.76 8.81 23.16
CA ASN A 197 35.43 8.35 21.93
C ASN A 197 35.20 6.86 21.72
N LYS A 198 33.93 6.46 21.74
CA LYS A 198 33.55 5.07 21.56
C LYS A 198 32.35 4.99 20.63
N ASN A 199 32.22 3.83 20.00
CA ASN A 199 31.10 3.52 19.12
C ASN A 199 30.18 2.52 19.80
N PHE A 200 28.88 2.75 19.65
CA PHE A 200 27.83 1.91 20.22
C PHE A 200 27.12 1.22 19.06
N SER A 201 26.89 -0.08 19.20
CA SER A 201 26.17 -0.86 18.20
C SER A 201 25.66 -2.12 18.87
N LEU A 202 24.65 -2.73 18.27
CA LEU A 202 24.01 -3.90 18.88
C LEU A 202 24.85 -5.17 18.79
N SER A 203 25.78 -5.26 17.83
CA SER A 203 26.62 -6.45 17.71
C SER A 203 27.89 -6.36 18.54
N SER A 204 28.21 -5.21 19.11
CA SER A 204 29.47 -4.98 19.82
C SER A 204 29.28 -5.20 21.31
N LYS A 205 30.41 -5.35 22.01
CA LYS A 205 30.40 -5.41 23.46
C LYS A 205 30.40 -4.02 24.10
N GLU A 206 30.58 -2.96 23.31
CA GLU A 206 30.55 -1.61 23.86
C GLU A 206 29.18 -1.26 24.40
N GLN A 207 28.12 -1.92 23.91
CA GLN A 207 26.79 -1.65 24.42
C GLN A 207 26.65 -2.00 25.89
N ASN A 208 27.56 -2.82 26.42
CA ASN A 208 27.51 -3.22 27.82
C ASN A 208 28.32 -2.29 28.73
N ASN A 209 28.90 -1.24 28.17
CA ASN A 209 29.51 -0.17 28.95
C ASN A 209 28.42 0.66 29.64
N PRO A 210 28.32 0.64 30.97
CA PRO A 210 27.25 1.40 31.64
C PRO A 210 27.28 2.89 31.36
N ALA A 211 28.37 3.41 30.78
CA ALA A 211 28.48 4.85 30.53
C ALA A 211 27.46 5.36 29.53
N TRP A 212 26.94 4.51 28.65
CA TRP A 212 25.92 4.93 27.69
C TRP A 212 24.55 5.09 28.31
N TRP A 213 24.28 4.43 29.43
CA TRP A 213 22.94 4.22 29.94
C TRP A 213 22.69 5.15 31.13
N HIS A 214 21.93 6.22 30.90
CA HIS A 214 21.58 7.16 31.96
C HIS A 214 20.19 6.84 32.48
N GLY A 215 19.78 7.61 33.48
CA GLY A 215 18.49 7.41 34.10
C GLY A 215 18.48 6.18 35.01
N GLN A 216 17.26 5.78 35.34
CA GLN A 216 17.02 4.66 36.26
C GLN A 216 15.98 3.73 35.66
N PRO A 217 16.39 2.59 35.09
CA PRO A 217 15.41 1.67 34.53
C PRO A 217 14.53 1.05 35.61
N MET A 218 13.35 0.59 35.17
CA MET A 218 12.29 0.18 36.08
C MET A 218 12.74 -0.93 37.02
N TRP A 219 13.60 -1.86 36.56
CA TRP A 219 13.99 -2.95 37.44
C TRP A 219 14.87 -2.48 38.59
N LEU A 220 15.57 -1.36 38.42
CA LEU A 220 16.33 -0.81 39.54
C LEU A 220 15.44 0.04 40.44
N THR A 221 14.49 0.76 39.87
CA THR A 221 13.53 1.50 40.70
C THR A 221 12.85 0.56 41.68
N ALA A 222 12.46 -0.62 41.22
CA ALA A 222 11.84 -1.62 42.08
C ALA A 222 12.86 -2.17 43.08
N MET A 223 14.00 -2.64 42.58
CA MET A 223 15.03 -3.20 43.45
C MET A 223 15.43 -2.22 44.54
N TYR A 224 15.69 -0.96 44.17
CA TYR A 224 16.05 0.06 45.15
C TYR A 224 14.98 0.23 46.22
N GLN A 225 13.73 -0.12 45.91
CA GLN A 225 12.62 0.03 46.84
C GLN A 225 12.10 -1.32 47.33
N GLY A 226 12.94 -2.35 47.28
CA GLY A 226 12.70 -3.59 48.00
C GLY A 226 12.06 -4.71 47.22
N LEU A 227 11.85 -4.54 45.93
CA LEU A 227 11.17 -5.53 45.11
C LEU A 227 12.15 -6.14 44.12
N LYS A 228 12.26 -7.47 44.13
CA LYS A 228 13.17 -8.14 43.21
C LYS A 228 12.63 -8.07 41.78
N ALA A 229 13.54 -8.11 40.82
CA ALA A 229 13.20 -7.95 39.41
C ALA A 229 13.95 -8.96 38.55
N ALA A 230 13.21 -9.64 37.67
CA ALA A 230 13.77 -10.57 36.72
C ALA A 230 13.48 -10.07 35.32
N THR A 231 14.49 -10.10 34.46
CA THR A 231 14.39 -9.60 33.10
C THR A 231 14.78 -10.72 32.15
N TYR A 232 13.97 -10.92 31.11
CA TYR A 232 14.29 -11.87 30.06
C TYR A 232 14.48 -11.08 28.76
N PHE A 233 15.72 -10.67 28.51
CA PHE A 233 16.24 -10.14 27.24
C PHE A 233 15.87 -8.68 26.96
N TRP A 234 15.37 -7.94 27.93
CA TRP A 234 15.05 -6.53 27.71
C TRP A 234 16.33 -5.73 27.44
N PRO A 235 16.33 -4.84 26.46
CA PRO A 235 17.51 -3.99 26.23
C PRO A 235 17.91 -3.21 27.48
N GLY A 236 19.19 -3.34 27.85
CA GLY A 236 19.72 -2.70 29.04
C GLY A 236 19.77 -3.60 30.26
N SER A 237 19.00 -4.69 30.27
CA SER A 237 18.96 -5.58 31.43
C SER A 237 20.25 -6.37 31.57
N GLU A 238 21.04 -6.51 30.51
CA GLU A 238 22.33 -7.18 30.56
C GLU A 238 23.48 -6.21 30.80
N VAL A 239 23.18 -5.03 31.34
CA VAL A 239 24.16 -3.97 31.60
C VAL A 239 24.10 -3.65 33.08
N ALA A 240 25.28 -3.43 33.69
CA ALA A 240 25.35 -3.00 35.08
C ALA A 240 25.10 -1.49 35.11
N ILE A 241 23.86 -1.14 34.78
CA ILE A 241 23.45 0.26 34.77
C ILE A 241 23.55 0.81 36.19
N ASN A 242 24.13 2.00 36.31
CA ASN A 242 24.37 2.62 37.62
C ASN A 242 25.06 1.65 38.57
N GLY A 243 25.80 0.68 38.02
CA GLY A 243 26.57 -0.25 38.79
C GLY A 243 25.84 -1.50 39.23
N SER A 244 24.65 -1.77 38.69
CA SER A 244 23.82 -2.87 39.17
C SER A 244 23.16 -3.61 38.02
N PHE A 245 23.19 -4.93 38.10
CA PHE A 245 22.38 -5.80 37.26
C PHE A 245 21.02 -6.00 37.90
N PRO A 246 20.02 -6.41 37.12
CA PRO A 246 18.77 -6.88 37.73
C PRO A 246 19.02 -8.09 38.60
N SER A 247 18.11 -8.31 39.56
CA SER A 247 18.19 -9.47 40.43
C SER A 247 18.46 -10.73 39.61
N ILE A 248 17.63 -10.97 38.59
CA ILE A 248 17.86 -12.05 37.63
C ILE A 248 17.85 -11.42 36.25
N TYR A 249 18.76 -11.87 35.38
CA TYR A 249 18.82 -11.41 34.01
C TYR A 249 19.43 -12.50 33.14
N MET A 250 19.19 -12.39 31.84
CA MET A 250 19.56 -13.44 30.89
C MET A 250 20.49 -12.87 29.83
N PRO A 251 21.72 -13.35 29.69
CA PRO A 251 22.55 -12.96 28.56
C PRO A 251 21.81 -13.18 27.25
N TYR A 252 21.80 -12.16 26.40
CA TYR A 252 20.95 -12.18 25.22
C TYR A 252 21.39 -13.24 24.23
N ASN A 253 20.40 -13.96 23.71
CA ASN A 253 20.62 -14.96 22.67
C ASN A 253 19.29 -15.13 21.95
N GLY A 254 19.18 -14.56 20.75
CA GLY A 254 17.94 -14.58 20.01
C GLY A 254 17.48 -15.97 19.60
N SER A 255 18.37 -16.96 19.67
CA SER A 255 18.05 -18.32 19.24
C SER A 255 17.19 -19.09 20.25
N VAL A 256 17.05 -18.58 21.47
CA VAL A 256 16.24 -19.24 22.50
C VAL A 256 14.78 -19.29 22.04
N PRO A 257 14.20 -20.48 21.85
CA PRO A 257 12.78 -20.54 21.48
C PRO A 257 11.90 -19.76 22.45
N PHE A 258 10.85 -19.16 21.91
CA PHE A 258 9.97 -18.33 22.72
C PHE A 258 9.36 -19.14 23.87
N GLU A 259 9.00 -20.39 23.61
CA GLU A 259 8.40 -21.23 24.65
C GLU A 259 9.36 -21.46 25.80
N GLU A 260 10.65 -21.61 25.51
CA GLU A 260 11.64 -21.75 26.57
C GLU A 260 11.69 -20.49 27.43
N ARG A 261 11.62 -19.32 26.80
CA ARG A 261 11.59 -18.07 27.56
C ARG A 261 10.36 -18.01 28.47
N ILE A 262 9.19 -18.40 27.94
CA ILE A 262 7.96 -18.36 28.73
C ILE A 262 8.04 -19.35 29.88
N SER A 263 8.59 -20.54 29.64
CA SER A 263 8.72 -21.54 30.69
C SER A 263 9.64 -21.05 31.81
N THR A 264 10.69 -20.30 31.46
CA THR A 264 11.57 -19.74 32.49
C THR A 264 10.85 -18.69 33.31
N LEU A 265 10.03 -17.87 32.66
CA LEU A 265 9.24 -16.87 33.36
C LEU A 265 8.28 -17.53 34.35
N LEU A 266 7.66 -18.64 33.95
CA LEU A 266 6.72 -19.31 34.86
C LEU A 266 7.47 -19.95 36.02
N LYS A 267 8.65 -20.49 35.78
CA LYS A 267 9.48 -21.02 36.86
C LYS A 267 9.83 -19.95 37.88
N TRP A 268 10.17 -18.74 37.42
CA TRP A 268 10.45 -17.64 38.34
C TRP A 268 9.25 -17.37 39.24
N LEU A 269 8.05 -17.41 38.66
CA LEU A 269 6.83 -17.23 39.45
C LEU A 269 6.59 -18.39 40.42
N ASP A 270 7.30 -19.51 40.25
CA ASP A 270 7.23 -20.63 41.17
C ASP A 270 8.32 -20.60 42.24
N LEU A 271 9.13 -19.54 42.27
CA LEU A 271 10.14 -19.42 43.31
C LEU A 271 9.48 -19.11 44.64
N PRO A 272 10.09 -19.51 45.76
CA PRO A 272 9.53 -19.16 47.06
C PRO A 272 9.37 -17.66 47.21
N LYS A 273 8.37 -17.26 48.00
CA LYS A 273 8.04 -15.85 48.15
C LYS A 273 9.27 -15.01 48.41
N ALA A 274 10.14 -15.47 49.33
CA ALA A 274 11.31 -14.70 49.70
C ALA A 274 12.23 -14.42 48.53
N GLU A 275 12.17 -15.24 47.48
CA GLU A 275 13.04 -15.11 46.32
C GLU A 275 12.30 -14.71 45.07
N ARG A 276 10.97 -14.61 45.12
CA ARG A 276 10.16 -14.42 43.93
C ARG A 276 10.20 -12.96 43.50
N PRO A 277 10.66 -12.65 42.29
CA PRO A 277 10.60 -11.26 41.81
C PRO A 277 9.17 -10.73 41.84
N ARG A 278 9.06 -9.41 41.94
CA ARG A 278 7.78 -8.74 41.80
C ARG A 278 7.61 -8.07 40.45
N PHE A 279 8.70 -7.78 39.74
CA PHE A 279 8.66 -7.14 38.43
C PHE A 279 9.37 -8.02 37.42
N TYR A 280 8.75 -8.18 36.25
CA TYR A 280 9.24 -9.05 35.19
C TYR A 280 9.20 -8.32 33.87
N THR A 281 10.18 -8.58 33.01
CA THR A 281 10.12 -8.16 31.62
C THR A 281 10.37 -9.35 30.72
N MET A 282 9.76 -9.30 29.54
CA MET A 282 9.86 -10.37 28.56
C MET A 282 9.99 -9.71 27.19
N TYR A 283 10.81 -10.30 26.32
CA TYR A 283 11.08 -9.70 25.02
C TYR A 283 11.12 -10.77 23.95
N PHE A 284 10.40 -10.52 22.85
CA PHE A 284 10.41 -11.34 21.64
C PHE A 284 10.93 -10.50 20.48
N GLU A 285 11.72 -11.12 19.60
CA GLU A 285 12.22 -10.45 18.39
C GLU A 285 11.16 -10.30 17.30
N GLU A 286 10.07 -11.05 17.39
CA GLU A 286 9.00 -10.99 16.41
C GLU A 286 7.85 -10.12 16.92
N PRO A 287 7.08 -9.52 15.99
CA PRO A 287 7.15 -9.64 14.52
C PRO A 287 8.16 -8.74 13.82
N ASP A 288 9.09 -8.15 14.57
CA ASP A 288 10.06 -7.25 13.97
C ASP A 288 10.93 -7.98 12.93
N SER A 289 11.42 -9.17 13.26
CA SER A 289 12.34 -9.87 12.37
C SER A 289 11.65 -10.21 11.06
N SER A 290 10.42 -10.70 11.12
CA SER A 290 9.71 -11.04 9.89
C SER A 290 9.24 -9.80 9.16
N GLY A 291 8.91 -8.74 9.89
CA GLY A 291 8.62 -7.47 9.24
C GLY A 291 9.76 -6.99 8.38
N HIS A 292 11.00 -7.10 8.86
CA HIS A 292 12.15 -6.72 8.06
C HIS A 292 12.28 -7.61 6.83
N ALA A 293 12.10 -8.91 7.00
CA ALA A 293 12.30 -9.84 5.90
C ALA A 293 11.25 -9.67 4.81
N GLY A 294 9.98 -9.64 5.21
CA GLY A 294 8.89 -9.73 4.25
C GLY A 294 8.13 -8.44 4.01
N GLY A 295 8.32 -7.45 4.89
CA GLY A 295 7.51 -6.26 4.87
C GLY A 295 6.30 -6.44 5.78
N PRO A 296 5.64 -5.33 6.14
CA PRO A 296 4.54 -5.42 7.12
C PRO A 296 3.31 -6.18 6.62
N VAL A 297 3.14 -6.32 5.31
CA VAL A 297 2.02 -7.08 4.73
C VAL A 297 2.68 -8.23 3.98
N SER A 298 2.73 -9.40 4.61
CA SER A 298 3.48 -10.53 4.06
C SER A 298 3.10 -11.78 4.82
N ALA A 299 3.27 -12.93 4.16
CA ALA A 299 3.07 -14.21 4.81
C ALA A 299 4.01 -14.38 5.99
N ARG A 300 5.22 -13.83 5.90
CA ARG A 300 6.19 -13.98 6.98
C ARG A 300 5.73 -13.27 8.24
N VAL A 301 5.16 -12.06 8.12
CA VAL A 301 4.62 -11.38 9.29
C VAL A 301 3.42 -12.13 9.85
N ILE A 302 2.52 -12.57 8.99
CA ILE A 302 1.34 -13.31 9.44
C ILE A 302 1.76 -14.51 10.28
N LYS A 303 2.70 -15.30 9.78
CA LYS A 303 3.16 -16.48 10.51
C LYS A 303 3.82 -16.09 11.83
N ALA A 304 4.62 -15.03 11.82
CA ALA A 304 5.25 -14.56 13.05
C ALA A 304 4.22 -14.08 14.06
N LEU A 305 3.13 -13.46 13.57
CA LEU A 305 2.07 -13.02 14.47
C LEU A 305 1.36 -14.19 15.12
N GLN A 306 1.20 -15.29 14.39
CA GLN A 306 0.59 -16.48 14.97
C GLN A 306 1.53 -17.15 15.96
N VAL A 307 2.83 -17.08 15.71
CA VAL A 307 3.82 -17.68 16.62
C VAL A 307 3.85 -16.95 17.94
N VAL A 308 3.93 -15.61 17.89
CA VAL A 308 3.99 -14.84 19.13
C VAL A 308 2.68 -14.99 19.88
N ASP A 309 1.55 -15.03 19.16
CA ASP A 309 0.27 -15.21 19.83
C ASP A 309 0.21 -16.58 20.48
N HIS A 310 0.77 -17.59 19.83
CA HIS A 310 0.77 -18.91 20.45
C HIS A 310 1.60 -18.91 21.74
N ALA A 311 2.79 -18.30 21.70
CA ALA A 311 3.64 -18.25 22.88
C ALA A 311 3.01 -17.41 23.98
N PHE A 312 2.32 -16.32 23.61
CA PHE A 312 1.65 -15.52 24.62
C PHE A 312 0.53 -16.30 25.29
N GLY A 313 -0.25 -17.03 24.49
CA GLY A 313 -1.25 -17.92 25.08
C GLY A 313 -0.64 -18.92 26.04
N MET A 314 0.52 -19.49 25.68
CA MET A 314 1.21 -20.40 26.57
C MET A 314 1.44 -19.78 27.94
N LEU A 315 1.84 -18.50 27.96
CA LEU A 315 2.02 -17.79 29.22
C LEU A 315 0.72 -17.72 30.01
N MET A 316 -0.38 -17.40 29.35
CA MET A 316 -1.63 -17.24 30.06
C MET A 316 -2.16 -18.59 30.55
N GLU A 317 -2.00 -19.65 29.75
CA GLU A 317 -2.39 -20.99 30.20
C GLU A 317 -1.56 -21.42 31.41
N GLY A 318 -0.26 -21.16 31.40
CA GLY A 318 0.56 -21.50 32.55
C GLY A 318 0.20 -20.68 33.77
N LEU A 319 -0.15 -19.41 33.58
CA LEU A 319 -0.63 -18.59 34.68
C LEU A 319 -1.92 -19.18 35.25
N LYS A 320 -2.81 -19.64 34.38
CA LYS A 320 -4.07 -20.22 34.85
C LYS A 320 -3.81 -21.53 35.58
N GLN A 321 -2.87 -22.34 35.10
CA GLN A 321 -2.48 -23.55 35.81
C GLN A 321 -2.06 -23.23 37.24
N ARG A 322 -1.53 -22.03 37.47
CA ARG A 322 -1.13 -21.59 38.80
C ARG A 322 -2.16 -20.65 39.42
N ASN A 323 -3.30 -20.45 38.77
CA ASN A 323 -4.34 -19.57 39.28
C ASN A 323 -3.82 -18.13 39.39
N LEU A 324 -2.96 -17.74 38.45
CA LEU A 324 -2.35 -16.41 38.45
C LEU A 324 -2.86 -15.51 37.33
N HIS A 325 -3.71 -16.05 36.43
CA HIS A 325 -4.15 -15.30 35.26
C HIS A 325 -4.83 -13.99 35.64
N ASN A 326 -5.54 -13.95 36.75
CA ASN A 326 -6.22 -12.74 37.21
C ASN A 326 -5.53 -12.10 38.40
N CYS A 327 -4.30 -12.49 38.70
CA CYS A 327 -3.49 -11.88 39.74
C CYS A 327 -2.40 -10.97 39.19
N VAL A 328 -1.87 -11.29 38.02
CA VAL A 328 -0.76 -10.54 37.46
C VAL A 328 -1.28 -9.31 36.73
N ASN A 329 -0.55 -8.20 36.86
CA ASN A 329 -0.77 -7.03 36.02
C ASN A 329 0.19 -7.13 34.84
N ILE A 330 -0.30 -7.61 33.72
CA ILE A 330 0.50 -7.79 32.51
C ILE A 330 0.27 -6.63 31.57
N ILE A 331 1.35 -6.10 31.00
CA ILE A 331 1.31 -5.10 29.94
C ILE A 331 1.96 -5.71 28.70
N LEU A 332 1.20 -5.80 27.62
CA LEU A 332 1.71 -6.24 26.33
C LEU A 332 1.80 -5.04 25.40
N LEU A 333 3.01 -4.73 24.93
CA LEU A 333 3.21 -3.58 24.07
C LEU A 333 4.35 -3.88 23.11
N ALA A 334 4.77 -2.87 22.37
CA ALA A 334 5.87 -2.98 21.42
C ALA A 334 6.65 -1.69 21.41
N ASP A 335 7.85 -1.75 20.81
CA ASP A 335 8.76 -0.61 20.78
C ASP A 335 8.42 0.37 19.67
N HIS A 336 7.87 -0.11 18.56
CA HIS A 336 7.60 0.71 17.37
C HIS A 336 6.84 -0.17 16.38
N GLY A 337 6.44 0.44 15.27
CA GLY A 337 5.75 -0.24 14.18
C GLY A 337 6.69 -0.64 13.07
N MET A 338 6.14 -0.78 11.87
CA MET A 338 6.89 -1.27 10.72
C MET A 338 6.25 -0.70 9.44
N ASP A 339 7.11 -0.24 8.54
CA ASP A 339 6.67 0.23 7.22
C ASP A 339 7.41 -0.54 6.14
N GLN A 340 6.90 -0.41 4.92
CA GLN A 340 7.51 -1.04 3.74
C GLN A 340 8.44 -0.05 3.06
N THR A 341 9.60 -0.53 2.64
CA THR A 341 10.55 0.27 1.90
C THR A 341 10.62 -0.22 0.46
N TYR A 342 11.17 0.61 -0.41
CA TYR A 342 11.29 0.31 -1.83
C TYR A 342 12.66 0.75 -2.34
N CYS A 343 13.21 -0.02 -3.26
CA CYS A 343 14.49 0.35 -3.85
C CYS A 343 14.36 1.50 -4.84
N ASN A 344 13.14 1.83 -5.28
CA ASN A 344 12.91 3.03 -6.11
C ASN A 344 12.45 4.22 -5.27
N LYS A 345 12.50 4.10 -3.95
CA LYS A 345 12.26 5.23 -3.06
C LYS A 345 13.48 5.46 -2.18
N MET A 346 14.62 5.79 -2.79
CA MET A 346 15.85 6.05 -2.08
C MET A 346 16.46 7.36 -2.55
N GLU A 347 16.86 8.19 -1.59
CA GLU A 347 17.57 9.43 -1.86
C GLU A 347 19.05 9.21 -1.60
N TYR A 348 19.89 9.84 -2.43
CA TYR A 348 21.33 9.61 -2.41
C TYR A 348 22.04 10.94 -2.16
N MET A 349 22.99 10.93 -1.22
CA MET A 349 23.78 12.13 -0.95
C MET A 349 24.70 12.49 -2.12
N THR A 350 25.05 11.51 -2.96
CA THR A 350 25.83 11.84 -4.16
C THR A 350 25.08 12.80 -5.08
N ASP A 351 23.75 12.79 -5.02
CA ASP A 351 22.97 13.71 -5.83
C ASP A 351 23.12 15.16 -5.39
N TYR A 352 23.62 15.39 -4.17
CA TYR A 352 23.66 16.72 -3.59
C TYR A 352 25.07 17.22 -3.28
N PHE A 353 26.05 16.34 -3.11
CA PHE A 353 27.43 16.72 -2.85
C PHE A 353 28.33 16.09 -3.90
N PRO A 354 29.20 16.86 -4.57
CA PRO A 354 30.14 16.21 -5.49
C PRO A 354 31.07 15.23 -4.81
N ARG A 355 31.52 15.56 -3.59
CA ARG A 355 32.35 14.69 -2.76
C ARG A 355 31.63 14.45 -1.44
N ILE A 356 31.59 13.20 -1.00
CA ILE A 356 30.95 12.83 0.26
C ILE A 356 31.88 12.11 1.22
N ASN A 357 33.16 11.97 0.87
CA ASN A 357 34.07 11.20 1.69
C ASN A 357 34.59 11.97 2.91
N PHE A 358 34.19 13.23 3.10
CA PHE A 358 34.61 13.98 4.26
C PHE A 358 33.65 13.85 5.44
N PHE A 359 32.52 13.18 5.26
CA PHE A 359 31.57 12.99 6.36
C PHE A 359 31.12 11.54 6.42
N TYR A 360 30.53 11.18 7.55
CA TYR A 360 30.01 9.85 7.80
C TYR A 360 28.50 9.95 8.04
N MET A 361 27.76 8.99 7.49
CA MET A 361 26.31 9.02 7.52
C MET A 361 25.76 7.76 8.18
N TYR A 362 24.96 7.95 9.23
CA TYR A 362 24.05 6.92 9.71
C TYR A 362 22.85 6.93 8.78
N GLU A 363 22.66 5.84 8.02
CA GLU A 363 21.76 5.81 6.88
C GLU A 363 20.40 5.22 7.24
N GLY A 364 19.42 5.52 6.40
CA GLY A 364 18.14 4.87 6.47
C GLY A 364 16.96 5.79 6.71
N PRO A 365 16.02 5.36 7.56
CA PRO A 365 14.82 6.17 7.80
C PRO A 365 15.05 7.40 8.67
N ALA A 366 16.10 7.44 9.50
CA ALA A 366 16.37 8.56 10.39
C ALA A 366 17.87 8.86 10.35
N PRO A 367 18.36 9.44 9.26
CA PRO A 367 19.80 9.56 9.09
C PRO A 367 20.39 10.75 9.83
N ARG A 368 21.68 10.62 10.12
CA ARG A 368 22.50 11.68 10.69
C ARG A 368 23.83 11.71 9.96
N ILE A 369 24.48 12.87 9.99
CA ILE A 369 25.76 13.07 9.32
C ILE A 369 26.73 13.72 10.30
N ARG A 370 27.95 13.18 10.38
CA ARG A 370 28.99 13.70 11.24
C ARG A 370 30.31 13.72 10.47
N ALA A 371 31.31 14.33 11.09
CA ALA A 371 32.64 14.38 10.51
C ALA A 371 33.19 12.97 10.29
N HIS A 372 33.95 12.80 9.22
CA HIS A 372 34.56 11.50 8.97
C HIS A 372 35.71 11.23 9.92
N ASN A 373 36.55 12.24 10.17
CA ASN A 373 37.76 12.09 10.99
C ASN A 373 37.42 12.41 12.43
N ILE A 374 37.12 11.38 13.21
CA ILE A 374 36.72 11.56 14.61
C ILE A 374 37.72 10.91 15.55
N PRO A 375 37.93 11.52 16.73
CA PRO A 375 37.24 12.72 17.24
C PRO A 375 37.78 14.07 16.74
N HIS A 376 38.83 14.06 15.93
CA HIS A 376 39.55 15.29 15.60
C HIS A 376 38.60 16.37 15.09
N ASP A 377 37.84 16.07 14.05
CA ASP A 377 37.00 17.07 13.38
C ASP A 377 35.53 16.98 13.79
N PHE A 378 35.23 16.45 14.98
CA PHE A 378 33.83 16.30 15.37
C PHE A 378 33.16 17.66 15.55
N PHE A 379 33.81 18.57 16.29
CA PHE A 379 33.24 19.88 16.55
C PHE A 379 33.58 20.90 15.48
N SER A 380 34.69 20.74 14.77
CA SER A 380 35.02 21.64 13.69
C SER A 380 34.11 21.43 12.48
N PHE A 381 33.50 20.25 12.39
CA PHE A 381 32.59 19.94 11.29
C PHE A 381 31.58 21.06 11.08
N ASN A 382 31.41 21.45 9.81
CA ASN A 382 30.45 22.50 9.45
C ASN A 382 29.10 21.85 9.17
N SER A 383 28.44 21.48 10.27
CA SER A 383 27.09 20.95 10.16
C SER A 383 26.17 21.94 9.45
N GLU A 384 26.38 23.23 9.68
CA GLU A 384 25.51 24.26 9.11
C GLU A 384 25.58 24.26 7.59
N GLU A 385 26.79 24.13 7.03
CA GLU A 385 26.93 24.10 5.58
C GLU A 385 26.30 22.84 4.99
N ILE A 386 26.47 21.70 5.66
CA ILE A 386 25.83 20.46 5.20
C ILE A 386 24.32 20.67 5.05
N VAL A 387 23.68 21.17 6.10
CA VAL A 387 22.23 21.35 6.08
C VAL A 387 21.84 22.38 5.03
N ARG A 388 22.63 23.43 4.88
CA ARG A 388 22.35 24.45 3.89
C ARG A 388 22.36 23.86 2.48
N ASN A 389 23.36 23.04 2.18
CA ASN A 389 23.49 22.46 0.84
C ASN A 389 22.47 21.37 0.55
N LEU A 390 21.79 20.87 1.57
CA LEU A 390 20.74 19.88 1.39
C LEU A 390 19.35 20.51 1.37
N SER A 391 19.24 21.83 1.51
CA SER A 391 17.96 22.51 1.66
C SER A 391 17.39 22.87 0.29
N CYS A 392 16.14 22.49 0.06
CA CYS A 392 15.37 22.95 -1.09
C CYS A 392 16.13 22.74 -2.41
N ARG A 393 16.80 21.60 -2.52
CA ARG A 393 17.60 21.33 -3.72
C ARG A 393 16.73 20.80 -4.86
N LYS A 394 15.66 20.07 -4.56
CA LYS A 394 14.70 19.61 -5.55
C LYS A 394 13.30 19.92 -5.05
N PRO A 395 12.36 20.22 -5.95
CA PRO A 395 10.99 20.51 -5.48
C PRO A 395 10.31 19.30 -4.87
N ASP A 396 10.65 18.09 -5.32
CA ASP A 396 10.02 16.88 -4.84
C ASP A 396 10.95 16.02 -3.97
N GLN A 397 11.97 16.62 -3.37
CA GLN A 397 12.89 15.82 -2.55
C GLN A 397 12.17 15.28 -1.32
N HIS A 398 12.49 14.04 -0.98
CA HIS A 398 11.69 13.25 -0.06
C HIS A 398 12.31 13.19 1.33
N PHE A 399 12.88 14.32 1.74
CA PHE A 399 13.46 14.49 3.06
C PHE A 399 13.73 15.98 3.22
N LYS A 400 13.90 16.39 4.48
CA LYS A 400 14.20 17.78 4.80
C LYS A 400 15.37 17.79 5.77
N PRO A 401 16.46 18.47 5.47
CA PRO A 401 17.55 18.56 6.45
C PRO A 401 17.22 19.53 7.57
N TYR A 402 17.74 19.24 8.75
CA TYR A 402 17.60 20.11 9.91
C TYR A 402 18.90 20.14 10.69
N LEU A 403 19.21 21.31 11.25
CA LEU A 403 20.00 21.35 12.46
C LEU A 403 19.09 20.95 13.63
N THR A 404 19.60 20.11 14.52
CA THR A 404 18.72 19.50 15.52
C THR A 404 17.94 20.52 16.34
N PRO A 405 18.50 21.67 16.76
CA PRO A 405 17.69 22.65 17.47
C PRO A 405 16.51 23.17 16.66
N ASP A 406 16.49 22.95 15.35
CA ASP A 406 15.40 23.39 14.49
C ASP A 406 14.35 22.32 14.22
N LEU A 407 14.58 21.08 14.66
CA LEU A 407 13.58 20.04 14.53
C LEU A 407 12.33 20.42 15.32
N PRO A 408 11.17 19.90 14.94
CA PRO A 408 9.96 20.13 15.74
C PRO A 408 10.21 19.80 17.21
N LYS A 409 9.85 20.75 18.07
CA LYS A 409 10.17 20.63 19.49
C LYS A 409 9.49 19.44 20.15
N ARG A 410 8.40 18.91 19.57
CA ARG A 410 7.72 17.77 20.19
C ARG A 410 8.53 16.49 20.11
N LEU A 411 9.51 16.41 19.20
CA LEU A 411 10.37 15.24 19.11
C LEU A 411 11.35 15.14 20.27
N HIS A 412 11.68 16.27 20.91
CA HIS A 412 12.63 16.33 22.00
C HIS A 412 13.92 15.60 21.66
N TYR A 413 14.47 15.91 20.49
CA TYR A 413 15.61 15.15 19.96
C TYR A 413 16.76 16.11 19.59
N ALA A 414 17.35 16.77 20.59
CA ALA A 414 18.45 17.66 20.32
C ALA A 414 19.54 17.68 21.40
N LYS A 415 19.15 17.56 22.67
CA LYS A 415 20.07 17.88 23.78
C LYS A 415 20.87 16.65 24.22
N ASN A 416 21.81 16.27 23.36
CA ASN A 416 22.74 15.20 23.65
C ASN A 416 23.88 15.27 22.65
N VAL A 417 25.12 15.21 23.13
CA VAL A 417 26.27 15.28 22.25
C VAL A 417 26.31 14.11 21.28
N ARG A 418 25.63 13.01 21.62
CA ARG A 418 25.56 11.86 20.72
C ARG A 418 24.60 12.09 19.57
N ILE A 419 23.71 13.07 19.67
CA ILE A 419 22.83 13.47 18.57
C ILE A 419 23.60 14.47 17.71
N ASP A 420 24.01 14.02 16.53
CA ASP A 420 24.74 14.90 15.63
C ASP A 420 23.85 16.05 15.16
N LYS A 421 24.47 17.21 14.95
CA LYS A 421 23.72 18.41 14.59
C LYS A 421 22.97 18.21 13.27
N VAL A 422 23.57 17.49 12.32
CA VAL A 422 22.95 17.30 11.01
C VAL A 422 21.96 16.15 11.09
N HIS A 423 20.68 16.44 10.80
CA HIS A 423 19.63 15.45 10.80
C HIS A 423 18.79 15.55 9.54
N LEU A 424 18.37 14.40 9.03
CA LEU A 424 17.47 14.35 7.89
C LEU A 424 16.14 13.74 8.35
N PHE A 425 15.06 14.48 8.14
CA PHE A 425 13.70 14.04 8.45
C PHE A 425 13.11 13.51 7.15
N VAL A 426 12.83 12.21 7.09
CA VAL A 426 12.60 11.50 5.83
C VAL A 426 11.11 11.22 5.67
N ASP A 427 10.60 11.39 4.45
CA ASP A 427 9.19 11.15 4.17
C ASP A 427 8.86 9.67 4.32
N GLN A 428 7.56 9.38 4.41
CA GLN A 428 7.08 8.02 4.58
C GLN A 428 7.61 7.12 3.47
N GLN A 429 8.05 5.93 3.85
CA GLN A 429 8.46 4.83 2.97
C GLN A 429 9.69 5.16 2.12
N TRP A 430 10.39 6.25 2.42
CA TRP A 430 11.64 6.57 1.73
C TRP A 430 12.83 6.29 2.62
N LEU A 431 14.01 6.24 1.99
CA LEU A 431 15.30 6.04 2.65
C LEU A 431 16.31 7.03 2.10
N ALA A 432 17.18 7.52 2.97
CA ALA A 432 18.26 8.42 2.57
C ALA A 432 19.59 7.72 2.85
N VAL A 433 20.39 7.51 1.80
CA VAL A 433 21.64 6.78 1.87
C VAL A 433 22.74 7.61 1.23
N ARG A 434 23.95 7.04 1.22
CA ARG A 434 25.11 7.73 0.66
C ARG A 434 25.13 7.68 -0.85
N SER A 435 25.09 6.47 -1.41
CA SER A 435 25.33 6.27 -2.83
C SER A 435 24.38 5.20 -3.37
N LYS A 436 24.32 5.11 -4.69
CA LYS A 436 23.44 4.14 -5.35
C LYS A 436 23.93 2.70 -5.20
N SER A 437 25.10 2.48 -4.59
CA SER A 437 25.52 1.12 -4.30
C SER A 437 24.60 0.45 -3.28
N ASN A 438 23.96 1.26 -2.44
CA ASN A 438 23.21 0.71 -1.31
C ASN A 438 22.04 -0.13 -1.78
N THR A 439 21.99 -1.37 -1.30
CA THR A 439 20.93 -2.31 -1.64
C THR A 439 20.03 -2.65 -0.45
N ASN A 440 20.23 -2.00 0.70
CA ASN A 440 19.41 -2.27 1.89
C ASN A 440 18.05 -1.63 1.69
N CYS A 441 17.23 -2.28 0.87
CA CYS A 441 15.91 -1.81 0.51
C CYS A 441 15.07 -3.02 0.11
N GLY A 442 13.76 -2.79 0.03
CA GLY A 442 12.83 -3.82 -0.41
C GLY A 442 12.11 -4.54 0.72
N GLY A 443 12.65 -4.49 1.94
CA GLY A 443 12.03 -5.11 3.08
C GLY A 443 11.30 -4.10 3.97
N GLY A 444 10.94 -4.56 5.16
CA GLY A 444 10.39 -3.66 6.15
C GLY A 444 11.47 -2.89 6.88
N ASN A 445 11.13 -1.68 7.32
CA ASN A 445 12.04 -0.92 8.15
C ASN A 445 11.27 0.08 9.00
N HIS A 446 11.97 0.67 9.96
CA HIS A 446 11.37 1.59 10.91
C HIS A 446 12.41 2.63 11.31
N GLY A 447 12.00 3.57 12.16
CA GLY A 447 12.83 4.69 12.52
C GLY A 447 12.25 6.02 12.10
N TYR A 448 11.18 6.02 11.30
CA TYR A 448 10.57 7.24 10.80
C TYR A 448 9.88 8.00 11.92
N ASN A 449 9.50 9.24 11.59
CA ASN A 449 8.60 10.08 12.38
C ASN A 449 7.62 9.22 13.17
N ASN A 450 7.59 9.41 14.50
CA ASN A 450 6.75 8.58 15.35
C ASN A 450 5.26 8.85 15.12
N GLU A 451 4.91 9.93 14.41
CA GLU A 451 3.51 10.23 14.14
C GLU A 451 2.97 9.47 12.94
N PHE A 452 3.84 8.87 12.12
CA PHE A 452 3.38 8.06 11.00
C PHE A 452 2.59 6.86 11.52
N ARG A 453 1.41 6.63 10.95
CA ARG A 453 0.55 5.55 11.42
C ARG A 453 1.29 4.22 11.45
N SER A 454 2.14 3.96 10.45
CA SER A 454 2.86 2.70 10.36
C SER A 454 3.81 2.48 11.53
N MET A 455 4.26 3.54 12.18
CA MET A 455 5.20 3.44 13.30
C MET A 455 4.50 3.32 14.64
N GLU A 456 3.18 3.40 14.70
CA GLU A 456 2.47 3.24 15.97
C GLU A 456 2.57 1.80 16.45
N ALA A 457 2.66 1.63 17.77
CA ALA A 457 2.78 0.34 18.42
C ALA A 457 1.51 0.02 19.19
N ILE A 458 1.42 -1.23 19.66
CA ILE A 458 0.28 -1.66 20.44
C ILE A 458 0.55 -1.40 21.92
N PHE A 459 -0.53 -1.29 22.70
CA PHE A 459 -0.46 -1.35 24.14
C PHE A 459 -1.74 -2.00 24.64
N LEU A 460 -1.59 -3.14 25.31
CA LEU A 460 -2.69 -3.86 25.93
C LEU A 460 -2.27 -4.18 27.36
N ALA A 461 -3.22 -4.09 28.29
CA ALA A 461 -2.94 -4.45 29.67
C ALA A 461 -4.11 -5.24 30.24
N HIS A 462 -3.82 -6.02 31.28
CA HIS A 462 -4.85 -6.77 31.99
C HIS A 462 -4.30 -7.14 33.35
N GLY A 463 -5.16 -7.03 34.36
CA GLY A 463 -4.80 -7.40 35.70
C GLY A 463 -5.75 -6.82 36.72
N PRO A 464 -5.68 -7.30 37.95
CA PRO A 464 -6.61 -6.81 38.99
C PRO A 464 -6.56 -5.31 39.19
N SER A 465 -5.43 -4.67 38.89
CA SER A 465 -5.32 -3.22 39.10
C SER A 465 -5.86 -2.42 37.91
N PHE A 466 -6.05 -3.04 36.76
CA PHE A 466 -6.55 -2.36 35.57
C PHE A 466 -8.05 -2.45 35.46
N LYS A 467 -8.63 -1.48 34.76
CA LYS A 467 -10.04 -1.56 34.41
C LYS A 467 -10.26 -2.66 33.37
N GLU A 468 -11.48 -3.18 33.33
CA GLU A 468 -11.84 -4.26 32.44
C GLU A 468 -12.56 -3.74 31.21
N LYS A 469 -12.33 -4.41 30.09
CA LYS A 469 -13.10 -4.21 28.87
C LYS A 469 -13.17 -2.73 28.52
N THR A 470 -12.02 -2.06 28.57
CA THR A 470 -11.96 -0.61 28.45
C THR A 470 -11.00 -0.23 27.34
N GLU A 471 -11.49 0.57 26.40
CA GLU A 471 -10.63 1.15 25.37
C GLU A 471 -10.27 2.58 25.77
N VAL A 472 -8.99 2.91 25.61
CA VAL A 472 -8.47 4.23 25.99
C VAL A 472 -7.87 4.91 24.77
N GLU A 473 -7.74 6.23 24.87
CA GLU A 473 -7.17 7.01 23.79
C GLU A 473 -5.68 6.75 23.65
N PRO A 474 -5.08 7.09 22.51
CA PRO A 474 -3.64 6.92 22.35
C PRO A 474 -2.85 7.68 23.40
N PHE A 475 -1.69 7.11 23.76
CA PHE A 475 -0.74 7.79 24.63
C PHE A 475 0.67 7.40 24.22
N GLU A 476 1.65 8.05 24.84
CA GLU A 476 3.05 7.91 24.48
C GLU A 476 3.77 6.99 25.45
N ASN A 477 4.80 6.31 24.94
CA ASN A 477 5.48 5.30 25.74
C ASN A 477 6.25 5.89 26.91
N ILE A 478 6.44 7.21 26.97
CA ILE A 478 7.08 7.84 28.12
C ILE A 478 6.20 7.80 29.37
N GLU A 479 4.91 7.51 29.21
CA GLU A 479 3.97 7.47 30.33
C GLU A 479 3.93 6.14 31.07
N VAL A 480 4.52 5.09 30.50
CA VAL A 480 4.37 3.73 31.04
C VAL A 480 5.14 3.57 32.35
N TYR A 481 6.29 4.23 32.49
CA TYR A 481 7.13 4.07 33.67
C TYR A 481 6.37 4.45 34.94
N ASN A 482 5.77 5.65 34.97
CA ASN A 482 4.95 6.06 36.12
C ASN A 482 3.84 5.06 36.39
N LEU A 483 3.20 4.57 35.32
CA LEU A 483 2.14 3.57 35.48
C LEU A 483 2.65 2.33 36.18
N MET A 484 3.83 1.84 35.79
CA MET A 484 4.35 0.62 36.41
C MET A 484 4.76 0.86 37.85
N CYS A 485 5.27 2.05 38.16
CA CYS A 485 5.54 2.39 39.56
C CYS A 485 4.24 2.45 40.35
N ASP A 486 3.17 2.97 39.77
CA ASP A 486 1.87 2.97 40.43
C ASP A 486 1.34 1.55 40.63
N LEU A 487 1.66 0.64 39.70
CA LEU A 487 1.19 -0.74 39.83
C LEU A 487 1.91 -1.45 40.96
N LEU A 488 3.17 -1.10 41.20
CA LEU A 488 3.94 -1.66 42.30
C LEU A 488 3.88 -0.81 43.56
N ARG A 489 3.23 0.36 43.50
CA ARG A 489 3.05 1.22 44.67
C ARG A 489 4.39 1.75 45.18
N ILE A 490 5.29 2.06 44.25
CA ILE A 490 6.60 2.63 44.57
C ILE A 490 6.72 4.00 43.91
N GLN A 491 7.73 4.73 44.31
CA GLN A 491 7.95 6.07 43.79
C GLN A 491 8.80 6.01 42.52
N PRO A 492 8.45 6.79 41.50
CA PRO A 492 9.28 6.83 40.28
C PRO A 492 10.43 7.81 40.39
N ALA A 493 11.51 7.49 39.68
CA ALA A 493 12.58 8.44 39.51
C ALA A 493 12.08 9.58 38.62
N PRO A 494 12.71 10.75 38.71
CA PRO A 494 12.28 11.87 37.85
C PRO A 494 12.36 11.50 36.37
N ASN A 495 11.27 11.75 35.64
CA ASN A 495 11.20 11.35 34.25
C ASN A 495 10.31 12.33 33.48
N ASN A 496 10.00 11.99 32.23
CA ASN A 496 9.27 12.87 31.32
C ASN A 496 7.80 12.49 31.16
N GLY A 497 7.35 11.46 31.86
CA GLY A 497 5.93 11.21 31.95
C GLY A 497 5.23 12.28 32.77
N THR A 498 3.93 12.35 32.60
CA THR A 498 3.09 13.30 33.33
C THR A 498 2.27 12.47 34.29
N HIS A 499 2.73 12.41 35.54
CA HIS A 499 2.23 11.43 36.48
C HIS A 499 0.76 11.71 36.81
N GLY A 500 -0.08 10.69 36.62
CA GLY A 500 -1.52 10.83 36.72
C GLY A 500 -2.23 10.79 35.38
N SER A 501 -1.51 10.98 34.27
CA SER A 501 -2.13 11.01 32.95
C SER A 501 -2.68 9.66 32.53
N LEU A 502 -2.23 8.56 33.16
CA LEU A 502 -2.74 7.24 32.85
C LEU A 502 -3.60 6.67 33.97
N ASN A 503 -4.08 7.51 34.89
CA ASN A 503 -4.91 7.03 35.98
C ASN A 503 -6.21 6.41 35.48
N HIS A 504 -6.73 6.87 34.34
CA HIS A 504 -7.96 6.30 33.81
C HIS A 504 -7.80 4.87 33.32
N LEU A 505 -6.57 4.32 33.36
CA LEU A 505 -6.36 2.90 33.13
C LEU A 505 -6.61 2.07 34.37
N LEU A 506 -6.65 2.69 35.55
CA LEU A 506 -6.58 1.99 36.82
C LEU A 506 -7.90 2.05 37.55
N LYS A 507 -8.27 0.91 38.16
CA LYS A 507 -9.46 0.86 39.02
C LYS A 507 -9.35 1.87 40.15
N VAL A 508 -8.24 1.85 40.88
CA VAL A 508 -8.03 2.72 42.04
C VAL A 508 -6.64 3.34 41.95
N PRO A 509 -6.50 4.56 41.41
CA PRO A 509 -5.16 5.16 41.27
C PRO A 509 -4.36 5.13 42.56
N PHE A 510 -3.05 4.90 42.43
CA PHE A 510 -2.12 4.99 43.54
C PHE A 510 -1.62 6.41 43.76
N TYR A 511 -1.58 7.23 42.70
CA TYR A 511 -1.08 8.60 42.78
C TYR A 511 -2.18 9.54 42.31
N GLU A 512 -2.65 10.40 43.22
CA GLU A 512 -3.66 11.37 42.87
C GLU A 512 -2.97 12.68 42.52
N PRO A 513 -3.08 13.18 41.29
CA PRO A 513 -2.38 14.40 40.92
C PRO A 513 -3.11 15.65 41.43
N SER A 514 -2.35 16.74 41.47
CA SER A 514 -2.87 18.03 41.93
C SER A 514 -2.32 19.14 41.05
N HIS A 515 -3.02 20.28 41.07
CA HIS A 515 -2.54 21.44 40.33
C HIS A 515 -1.21 21.92 40.88
N ALA A 516 -0.29 22.24 39.96
CA ALA A 516 0.97 22.84 40.37
C ALA A 516 0.72 24.26 40.87
N GLU A 517 1.20 24.55 42.08
CA GLU A 517 0.98 25.86 42.69
C GLU A 517 1.85 26.91 42.04
N GLU A 518 1.29 28.11 41.88
CA GLU A 518 2.00 29.18 41.19
C GLU A 518 3.18 29.66 42.02
N VAL A 519 4.31 29.91 41.36
CA VAL A 519 5.55 30.29 42.03
C VAL A 519 5.65 31.80 42.17
N SER A 520 5.44 32.55 41.09
CA SER A 520 5.52 34.01 41.12
C SER A 520 4.10 34.58 41.05
N LYS A 521 3.70 35.27 42.11
CA LYS A 521 2.39 35.92 42.14
C LYS A 521 2.38 37.13 41.20
N PHE A 522 1.19 37.45 40.70
CA PHE A 522 1.04 38.56 39.77
C PHE A 522 0.99 39.89 40.52
N SER A 523 1.45 40.95 39.85
CA SER A 523 1.39 42.30 40.38
C SER A 523 0.15 43.00 39.81
N VAL A 524 0.14 44.33 39.84
CA VAL A 524 -0.97 45.10 39.32
C VAL A 524 -0.45 46.12 38.32
N CYS A 525 -1.15 46.26 37.20
CA CYS A 525 -0.89 47.32 36.21
C CYS A 525 -2.20 48.05 35.93
N GLY A 526 -2.74 48.68 36.96
CA GLY A 526 -4.00 49.39 36.83
C GLY A 526 -3.85 50.67 36.02
N PHE A 527 -5.01 51.23 35.66
CA PHE A 527 -5.08 52.46 34.89
C PHE A 527 -5.09 53.64 35.84
N ALA A 528 -4.13 54.56 35.68
CA ALA A 528 -4.04 55.72 36.55
C ALA A 528 -4.13 57.02 35.75
N ASN A 529 -3.06 57.38 35.02
CA ASN A 529 -3.00 58.61 34.25
C ASN A 529 -3.30 58.32 32.78
N PRO A 530 -4.21 59.04 32.12
CA PRO A 530 -4.49 58.76 30.71
C PRO A 530 -3.44 59.24 29.73
N LEU A 531 -2.39 59.92 30.20
CA LEU A 531 -1.33 60.38 29.31
C LEU A 531 0.00 59.72 29.70
N PRO A 532 0.90 59.53 28.72
CA PRO A 532 2.14 58.81 29.02
C PRO A 532 3.29 59.71 29.41
N THR A 533 3.99 59.36 30.51
CA THR A 533 5.15 60.14 30.92
C THR A 533 6.21 60.18 29.82
N GLU A 534 6.32 59.12 29.03
CA GLU A 534 7.28 59.06 27.93
C GLU A 534 6.58 58.58 26.67
N SER A 535 7.03 59.10 25.53
CA SER A 535 6.50 58.69 24.24
C SER A 535 7.07 57.37 23.76
N LEU A 536 8.19 56.93 24.31
CA LEU A 536 8.88 55.71 23.90
C LEU A 536 9.26 55.75 22.42
N ASP A 537 9.37 56.94 21.84
CA ASP A 537 9.79 57.11 20.44
C ASP A 537 8.82 56.41 19.49
N CYS A 538 7.57 56.23 19.90
CA CYS A 538 6.52 55.68 19.06
C CYS A 538 5.61 56.81 18.58
N PHE A 539 5.07 56.66 17.37
CA PHE A 539 4.32 57.72 16.72
C PHE A 539 3.01 57.18 16.14
N CYS A 540 1.93 57.94 16.34
CA CYS A 540 0.65 57.67 15.69
C CYS A 540 0.07 59.02 15.27
N PRO A 541 0.36 59.48 14.04
CA PRO A 541 -0.17 60.79 13.63
C PRO A 541 -1.68 60.91 13.70
N HIS A 542 -2.42 59.80 13.57
CA HIS A 542 -3.87 59.85 13.71
C HIS A 542 -4.28 60.44 15.04
N LEU A 543 -3.42 60.39 16.05
CA LEU A 543 -3.67 61.01 17.34
C LEU A 543 -2.70 62.16 17.58
N GLN A 544 -2.60 63.10 16.63
CA GLN A 544 -1.69 64.21 16.79
C GLN A 544 -2.08 65.12 17.94
N ASN A 545 -3.38 65.17 18.27
CA ASN A 545 -3.84 66.02 19.35
C ASN A 545 -3.82 65.26 20.67
N SER A 546 -4.03 66.00 21.76
CA SER A 546 -4.07 65.41 23.08
C SER A 546 -5.47 64.98 23.49
N THR A 547 -6.51 65.66 22.98
CA THR A 547 -7.88 65.25 23.27
C THR A 547 -8.17 63.87 22.70
N GLN A 548 -7.65 63.59 21.50
CA GLN A 548 -7.85 62.27 20.90
C GLN A 548 -7.17 61.19 21.73
N LEU A 549 -5.95 61.47 22.19
CA LEU A 549 -5.19 60.49 22.96
C LEU A 549 -5.89 60.15 24.26
N GLU A 550 -6.25 61.17 25.04
CA GLU A 550 -6.89 60.94 26.34
C GLU A 550 -8.10 60.04 26.21
N GLN A 551 -8.91 60.25 25.18
CA GLN A 551 -10.11 59.42 24.97
C GLN A 551 -9.72 58.00 24.62
N VAL A 552 -8.79 57.83 23.66
CA VAL A 552 -8.37 56.49 23.25
C VAL A 552 -7.79 55.74 24.43
N ASN A 553 -6.82 56.35 25.14
CA ASN A 553 -6.22 55.67 26.28
C ASN A 553 -7.23 55.40 27.38
N GLN A 554 -8.23 56.27 27.52
CA GLN A 554 -9.30 56.00 28.47
C GLN A 554 -9.99 54.68 28.18
N MET A 555 -10.02 54.26 26.90
CA MET A 555 -10.58 52.96 26.56
C MET A 555 -9.87 51.83 27.29
N LEU A 556 -8.60 52.05 27.67
CA LEU A 556 -7.88 51.05 28.44
C LEU A 556 -8.37 50.96 29.88
N SER A 557 -9.04 52.00 30.37
CA SER A 557 -9.64 51.98 31.69
C SER A 557 -10.92 51.16 31.62
N LEU A 558 -10.92 50.00 32.25
CA LEU A 558 -12.10 49.16 32.34
C LEU A 558 -12.62 49.19 33.77
N THR A 559 -13.94 49.23 33.91
CA THR A 559 -14.57 49.10 35.22
C THR A 559 -14.37 47.67 35.74
N GLN A 560 -14.82 47.45 36.98
CA GLN A 560 -14.78 46.09 37.52
C GLN A 560 -15.70 45.16 36.74
N GLU A 561 -16.85 45.68 36.31
CA GLU A 561 -17.78 44.88 35.52
C GLU A 561 -17.19 44.52 34.17
N GLU A 562 -16.44 45.45 33.56
CA GLU A 562 -15.82 45.18 32.27
C GLU A 562 -14.66 44.20 32.41
N ILE A 563 -13.90 44.30 33.50
CA ILE A 563 -12.82 43.34 33.75
C ILE A 563 -13.40 41.94 33.89
N THR A 564 -14.47 41.80 34.68
CA THR A 564 -15.09 40.50 34.87
C THR A 564 -15.65 39.94 33.58
N ALA A 565 -16.14 40.80 32.68
CA ALA A 565 -16.71 40.33 31.43
C ALA A 565 -15.62 39.83 30.48
N THR A 566 -14.50 40.56 30.40
CA THR A 566 -13.43 40.14 29.50
C THR A 566 -12.74 38.88 30.00
N VAL A 567 -12.57 38.76 31.32
CA VAL A 567 -11.99 37.55 31.89
C VAL A 567 -12.88 36.35 31.58
N LYS A 568 -14.21 36.55 31.63
CA LYS A 568 -15.14 35.45 31.43
C LYS A 568 -15.05 34.91 30.01
N VAL A 569 -14.87 35.78 29.02
CA VAL A 569 -14.87 35.34 27.63
C VAL A 569 -13.46 34.98 27.15
N ASN A 570 -12.45 35.75 27.56
CA ASN A 570 -11.10 35.59 27.03
C ASN A 570 -10.16 34.82 27.96
N LEU A 571 -10.52 34.64 29.24
CA LEU A 571 -9.79 33.74 30.11
C LEU A 571 -10.74 32.68 30.66
N PRO A 572 -11.45 31.96 29.80
CA PRO A 572 -12.53 31.07 30.29
C PRO A 572 -12.06 29.88 31.09
N PHE A 573 -10.77 29.52 31.02
CA PHE A 573 -10.20 28.46 31.83
C PHE A 573 -9.27 29.00 32.91
N GLY A 574 -9.35 30.29 33.20
CA GLY A 574 -8.46 30.91 34.16
C GLY A 574 -7.12 31.28 33.54
N ARG A 575 -6.46 32.24 34.18
CA ARG A 575 -5.20 32.74 33.65
C ARG A 575 -4.14 31.65 33.72
N PRO A 576 -3.19 31.66 32.78
CA PRO A 576 -2.00 30.81 32.96
C PRO A 576 -1.23 31.24 34.21
N ARG A 577 -0.75 30.26 34.96
CA ARG A 577 0.02 30.50 36.16
C ARG A 577 1.51 30.42 35.84
N VAL A 578 2.30 31.23 36.55
CA VAL A 578 3.73 31.32 36.33
C VAL A 578 4.41 30.41 37.35
N LEU A 579 5.04 29.34 36.86
CA LEU A 579 5.82 28.45 37.71
C LEU A 579 7.29 28.84 37.73
N GLN A 580 7.70 29.84 36.96
CA GLN A 580 9.03 30.43 37.12
C GLN A 580 9.13 31.15 38.45
N LYS A 581 10.36 31.26 38.97
CA LYS A 581 10.60 31.91 40.24
C LYS A 581 11.13 33.33 40.04
N ASN A 582 10.67 34.25 40.88
CA ASN A 582 11.15 35.63 40.89
C ASN A 582 10.92 36.31 39.55
N VAL A 583 9.75 36.07 38.96
CA VAL A 583 9.33 36.74 37.74
C VAL A 583 8.27 37.78 38.13
N ASP A 584 8.57 39.04 37.86
CA ASP A 584 7.62 40.13 38.09
C ASP A 584 6.74 40.25 36.86
N HIS A 585 5.43 40.07 37.05
CA HIS A 585 4.47 40.13 35.96
C HIS A 585 3.15 40.71 36.45
N CYS A 586 2.41 41.31 35.52
CA CYS A 586 1.09 41.86 35.80
C CYS A 586 0.16 41.53 34.65
N LEU A 587 -1.14 41.64 34.91
CA LEU A 587 -2.16 41.33 33.92
C LEU A 587 -2.67 42.61 33.29
N LEU A 588 -2.73 42.62 31.96
CA LEU A 588 -3.26 43.72 31.17
C LEU A 588 -4.64 43.33 30.66
N TYR A 589 -5.67 43.99 31.19
CA TYR A 589 -7.04 43.72 30.81
C TYR A 589 -7.43 44.61 29.64
N HIS A 590 -8.04 44.00 28.63
CA HIS A 590 -8.63 44.72 27.51
C HIS A 590 -9.98 44.10 27.23
N ARG A 591 -10.80 44.80 26.46
CA ARG A 591 -12.12 44.28 26.16
C ARG A 591 -12.05 43.02 25.30
N GLU A 592 -11.08 42.95 24.39
CA GLU A 592 -11.00 41.85 23.44
C GLU A 592 -9.86 40.89 23.72
N TYR A 593 -9.02 41.15 24.73
CA TYR A 593 -7.95 40.22 25.06
C TYR A 593 -7.34 40.58 26.40
N VAL A 594 -6.82 39.56 27.09
CA VAL A 594 -6.09 39.71 28.35
C VAL A 594 -4.71 39.10 28.17
N SER A 595 -3.70 39.76 28.72
CA SER A 595 -2.32 39.32 28.58
C SER A 595 -1.63 39.37 29.93
N GLY A 596 -0.58 38.55 30.04
CA GLY A 596 0.34 38.60 31.16
C GLY A 596 1.65 39.22 30.75
N PHE A 597 1.93 40.42 31.27
CA PHE A 597 3.09 41.20 30.87
C PHE A 597 4.28 40.85 31.75
N GLY A 598 5.39 40.48 31.12
CA GLY A 598 6.63 40.21 31.83
C GLY A 598 7.49 41.45 31.91
N LYS A 599 7.58 42.05 33.11
CA LYS A 599 8.17 43.37 33.28
C LYS A 599 9.64 43.39 32.88
N ALA A 600 10.43 42.48 33.44
CA ALA A 600 11.84 42.42 33.07
C ALA A 600 12.02 42.19 31.58
N MET A 601 11.13 41.38 30.99
CA MET A 601 11.20 41.02 29.58
C MET A 601 10.75 42.18 28.70
N ARG A 602 9.90 43.06 29.22
CA ARG A 602 9.33 44.18 28.49
C ARG A 602 8.39 43.73 27.38
N MET A 603 7.88 42.50 27.49
CA MET A 603 6.91 41.98 26.53
C MET A 603 6.02 40.97 27.25
N PRO A 604 4.87 40.64 26.68
CA PRO A 604 3.97 39.70 27.35
C PRO A 604 4.56 38.29 27.40
N MET A 605 4.29 37.60 28.51
CA MET A 605 4.55 36.16 28.55
C MET A 605 3.46 35.38 27.84
N TRP A 606 2.24 35.91 27.83
CA TRP A 606 1.13 35.24 27.18
C TRP A 606 0.07 36.29 26.86
N SER A 607 -0.73 36.00 25.84
CA SER A 607 -1.88 36.83 25.48
C SER A 607 -3.03 35.88 25.18
N SER A 608 -4.16 36.08 25.86
CA SER A 608 -5.30 35.17 25.74
C SER A 608 -6.51 35.92 25.19
N TYR A 609 -7.15 35.35 24.18
CA TYR A 609 -8.34 35.92 23.58
C TYR A 609 -9.14 34.81 22.92
N THR A 610 -10.45 35.00 22.86
CA THR A 610 -11.36 34.02 22.29
C THR A 610 -11.96 34.56 21.01
N VAL A 611 -11.82 33.79 19.94
CA VAL A 611 -12.26 34.18 18.60
C VAL A 611 -13.62 33.53 18.35
N PRO A 612 -14.69 34.30 18.16
CA PRO A 612 -16.01 33.69 17.98
C PRO A 612 -16.19 33.10 16.59
N GLN A 613 -17.21 32.27 16.47
CA GLN A 613 -17.62 31.78 15.16
C GLN A 613 -18.43 32.86 14.46
N LEU A 614 -18.09 33.14 13.20
CA LEU A 614 -18.78 34.15 12.41
C LEU A 614 -19.24 33.52 11.11
N GLY A 615 -20.31 34.08 10.55
CA GLY A 615 -20.84 33.58 9.30
C GLY A 615 -19.92 33.86 8.14
N ASP A 616 -19.58 35.13 7.93
CA ASP A 616 -18.71 35.51 6.82
C ASP A 616 -17.28 35.08 7.13
N THR A 617 -16.74 34.18 6.33
CA THR A 617 -15.34 33.79 6.44
C THR A 617 -14.40 34.75 5.73
N SER A 618 -14.64 36.05 5.88
CA SER A 618 -13.81 37.06 5.26
C SER A 618 -12.49 37.17 6.00
N PRO A 619 -11.34 36.96 5.33
CA PRO A 619 -10.06 37.13 6.03
C PRO A 619 -9.91 38.53 6.59
N LEU A 620 -9.24 38.61 7.74
CA LEU A 620 -9.06 39.89 8.41
C LEU A 620 -8.24 40.83 7.54
N PRO A 621 -8.53 42.13 7.53
CA PRO A 621 -7.72 43.06 6.74
C PRO A 621 -6.44 43.42 7.48
N PRO A 622 -5.47 44.04 6.81
CA PRO A 622 -4.23 44.40 7.49
C PRO A 622 -4.46 45.44 8.58
N THR A 623 -3.63 45.36 9.62
CA THR A 623 -3.65 46.34 10.69
C THR A 623 -3.42 47.74 10.13
N VAL A 624 -4.05 48.72 10.77
CA VAL A 624 -3.78 50.12 10.47
C VAL A 624 -2.29 50.36 10.72
N PRO A 625 -1.51 50.76 9.71
CA PRO A 625 -0.08 50.99 9.92
C PRO A 625 0.21 52.41 10.37
N ASP A 626 1.44 52.61 10.83
CA ASP A 626 1.91 53.92 11.26
C ASP A 626 1.18 54.43 12.50
N CYS A 627 0.71 53.54 13.36
CA CYS A 627 0.06 53.95 14.60
C CYS A 627 0.50 53.00 15.72
N LEU A 628 1.47 53.45 16.51
CA LEU A 628 1.86 52.78 17.75
C LEU A 628 2.02 53.83 18.84
N ARG A 629 1.68 53.45 20.07
CA ARG A 629 1.83 54.36 21.20
C ARG A 629 2.17 53.55 22.44
N ALA A 630 2.53 54.28 23.51
CA ALA A 630 2.92 53.66 24.76
C ALA A 630 1.69 53.14 25.50
N ASP A 631 1.94 52.29 26.50
CA ASP A 631 0.92 51.79 27.40
C ASP A 631 0.99 52.58 28.70
N VAL A 632 0.01 53.47 28.91
CA VAL A 632 -0.01 54.29 30.13
C VAL A 632 -0.02 53.45 31.39
N ARG A 633 -0.44 52.18 31.31
CA ARG A 633 -0.44 51.30 32.47
C ARG A 633 0.94 50.70 32.76
N VAL A 634 1.88 50.81 31.82
CA VAL A 634 3.21 50.21 31.96
C VAL A 634 4.22 51.35 31.94
N PRO A 635 5.13 51.44 32.90
CA PRO A 635 6.09 52.56 32.92
C PRO A 635 7.17 52.37 31.88
N PRO A 636 7.81 53.45 31.45
CA PRO A 636 8.76 53.34 30.32
C PRO A 636 9.96 52.46 30.60
N SER A 637 10.36 52.30 31.86
CA SER A 637 11.47 51.41 32.18
C SER A 637 11.14 49.97 31.79
N GLU A 638 9.86 49.61 31.79
CA GLU A 638 9.40 48.25 31.54
C GLU A 638 8.66 48.13 30.20
N SER A 639 8.87 49.07 29.29
CA SER A 639 8.20 49.11 28.00
C SER A 639 9.25 49.09 26.89
N GLN A 640 8.86 48.49 25.77
CA GLN A 640 9.67 48.59 24.57
C GLN A 640 9.55 49.98 23.96
N LYS A 641 10.57 50.35 23.19
CA LYS A 641 10.57 51.59 22.43
C LYS A 641 10.58 51.25 20.95
N CYS A 642 9.75 51.97 20.19
CA CYS A 642 9.73 51.75 18.75
C CYS A 642 11.07 52.06 18.10
N SER A 643 11.88 52.90 18.76
CA SER A 643 13.23 53.17 18.26
C SER A 643 14.13 51.94 18.38
N PHE A 644 13.83 51.03 19.31
CA PHE A 644 14.60 49.79 19.39
C PHE A 644 14.55 49.04 18.07
N TYR A 645 13.36 48.97 17.46
CA TYR A 645 13.20 48.18 16.24
C TYR A 645 13.81 48.90 15.04
N LEU A 646 13.66 50.22 14.96
CA LEU A 646 14.35 50.96 13.91
C LEU A 646 15.85 50.76 13.99
N ALA A 647 16.40 50.79 15.21
CA ALA A 647 17.84 50.61 15.37
C ALA A 647 18.28 49.23 14.92
N ASP A 648 17.52 48.19 15.28
CA ASP A 648 17.89 46.82 14.97
C ASP A 648 17.47 46.51 13.53
N LYS A 649 18.45 46.43 12.63
CA LYS A 649 18.18 46.24 11.21
C LYS A 649 17.85 44.79 10.86
N ASN A 650 18.08 43.85 11.77
CA ASN A 650 17.87 42.43 11.49
C ASN A 650 16.56 41.90 12.05
N ILE A 651 15.75 42.73 12.70
CA ILE A 651 14.49 42.28 13.26
C ILE A 651 13.53 43.46 13.36
N THR A 652 12.24 43.17 13.18
CA THR A 652 11.18 44.15 13.33
C THR A 652 10.24 43.71 14.46
N HIS A 653 9.08 44.34 14.54
CA HIS A 653 8.13 44.05 15.60
C HIS A 653 6.86 43.42 15.04
N GLY A 654 6.28 42.51 15.82
CA GLY A 654 5.01 41.92 15.50
C GLY A 654 4.03 42.10 16.64
N PHE A 655 2.77 41.76 16.37
CA PHE A 655 1.70 41.86 17.34
C PHE A 655 1.32 40.47 17.84
N LEU A 656 1.23 40.32 19.16
CA LEU A 656 0.79 39.05 19.73
C LEU A 656 -0.72 38.87 19.53
N TYR A 657 -1.50 39.81 20.00
CA TYR A 657 -2.93 39.79 19.68
C TYR A 657 -3.17 40.52 18.36
N PRO A 658 -3.86 39.89 17.40
CA PRO A 658 -4.05 40.51 16.08
C PRO A 658 -4.92 41.75 16.17
N PRO A 659 -4.39 42.93 15.89
CA PRO A 659 -5.20 44.15 16.04
C PRO A 659 -6.35 44.23 15.05
N ALA A 660 -6.19 43.71 13.83
CA ALA A 660 -7.24 43.82 12.82
C ALA A 660 -8.48 42.98 13.15
N SER A 661 -8.41 42.11 14.17
CA SER A 661 -9.57 41.32 14.56
C SER A 661 -10.49 42.07 15.51
N ASN A 662 -10.47 43.39 15.49
CA ASN A 662 -11.37 44.17 16.32
C ASN A 662 -12.82 43.93 15.92
N ARG A 663 -13.69 43.86 16.93
CA ARG A 663 -15.11 43.64 16.72
C ARG A 663 -15.94 44.88 17.00
N THR A 664 -15.30 46.05 17.16
CA THR A 664 -16.00 47.31 17.31
C THR A 664 -15.26 48.38 16.52
N SER A 665 -15.78 49.60 16.55
CA SER A 665 -15.28 50.65 15.66
C SER A 665 -13.85 51.04 16.00
N ASP A 666 -13.56 51.33 17.27
CA ASP A 666 -12.27 51.87 17.67
C ASP A 666 -11.54 50.96 18.65
N SER A 667 -11.84 49.68 18.68
CA SER A 667 -11.16 48.79 19.61
C SER A 667 -9.80 48.33 19.12
N GLN A 668 -9.45 48.60 17.85
CA GLN A 668 -8.12 48.27 17.38
C GLN A 668 -7.06 49.09 18.10
N TYR A 669 -7.43 50.28 18.57
CA TYR A 669 -6.49 51.08 19.36
C TYR A 669 -5.98 50.29 20.55
N ASP A 670 -6.84 49.45 21.16
CA ASP A 670 -6.46 48.70 22.34
C ASP A 670 -5.33 47.72 22.07
N ALA A 671 -5.03 47.42 20.80
CA ALA A 671 -3.97 46.50 20.43
C ALA A 671 -2.74 47.20 19.86
N LEU A 672 -2.83 48.48 19.55
CA LEU A 672 -1.75 49.24 18.91
C LEU A 672 -0.85 49.91 19.94
N ILE A 673 -0.46 49.16 20.96
CA ILE A 673 0.30 49.71 22.09
C ILE A 673 1.57 48.90 22.28
N THR A 674 2.55 49.53 22.92
CA THR A 674 3.86 48.91 23.09
C THR A 674 3.79 47.61 23.88
N SER A 675 2.74 47.41 24.69
CA SER A 675 2.63 46.21 25.50
C SER A 675 2.21 44.99 24.70
N ASN A 676 1.78 45.15 23.45
CA ASN A 676 1.36 44.05 22.59
C ASN A 676 2.38 43.78 21.48
N LEU A 677 3.61 44.28 21.64
CA LEU A 677 4.67 44.12 20.65
C LEU A 677 5.61 43.00 21.06
N VAL A 678 6.05 42.23 20.07
CA VAL A 678 7.06 41.20 20.29
C VAL A 678 8.04 41.19 19.13
N PRO A 679 9.32 40.89 19.41
CA PRO A 679 10.33 40.92 18.35
C PRO A 679 10.10 39.81 17.32
N MET A 680 10.10 40.18 16.04
CA MET A 680 9.82 39.25 14.96
C MET A 680 10.67 39.58 13.75
N TYR A 681 11.42 38.59 13.27
CA TYR A 681 12.02 38.69 11.95
C TYR A 681 10.93 38.91 10.89
N GLU A 682 11.26 39.72 9.89
CA GLU A 682 10.31 40.03 8.83
C GLU A 682 9.68 38.77 8.24
N GLU A 683 10.52 37.79 7.87
CA GLU A 683 10.02 36.62 7.18
C GLU A 683 9.08 35.80 8.08
N PHE A 684 9.39 35.71 9.36
CA PHE A 684 8.50 35.00 10.27
C PHE A 684 7.15 35.71 10.38
N ARG A 685 7.18 37.05 10.47
CA ARG A 685 5.96 37.81 10.65
C ARG A 685 5.02 37.65 9.45
N LYS A 686 5.57 37.45 8.25
CA LYS A 686 4.72 37.09 7.11
C LYS A 686 3.94 35.82 7.40
N MET A 687 4.65 34.75 7.79
CA MET A 687 4.00 33.54 8.24
C MET A 687 3.05 33.81 9.39
N TRP A 688 3.53 34.55 10.40
CA TRP A 688 2.71 34.83 11.59
C TRP A 688 1.40 35.50 11.22
N ASP A 689 1.45 36.53 10.39
CA ASP A 689 0.26 37.30 10.06
C ASP A 689 -0.71 36.49 9.18
N TYR A 690 -0.18 35.70 8.26
CA TYR A 690 -1.06 34.85 7.45
C TYR A 690 -1.87 33.90 8.32
N PHE A 691 -1.24 33.29 9.33
CA PHE A 691 -1.97 32.37 10.19
C PHE A 691 -3.10 33.09 10.91
N HIS A 692 -2.82 34.26 11.46
CA HIS A 692 -3.85 34.97 12.22
C HIS A 692 -4.89 35.60 11.31
N SER A 693 -4.53 35.87 10.06
CA SER A 693 -5.45 36.54 9.14
C SER A 693 -6.33 35.57 8.38
N VAL A 694 -5.87 34.34 8.12
CA VAL A 694 -6.60 33.40 7.29
C VAL A 694 -6.92 32.14 8.08
N LEU A 695 -5.88 31.47 8.57
CA LEU A 695 -6.04 30.14 9.14
C LEU A 695 -6.78 30.17 10.46
N LEU A 696 -6.44 31.12 11.33
CA LEU A 696 -7.11 31.21 12.63
C LEU A 696 -8.61 31.29 12.47
N ILE A 697 -9.07 32.04 11.46
CA ILE A 697 -10.50 32.23 11.26
C ILE A 697 -11.16 30.89 10.87
N LYS A 698 -10.50 30.12 10.01
CA LYS A 698 -11.03 28.81 9.66
C LYS A 698 -11.16 27.91 10.88
N HIS A 699 -10.14 27.91 11.75
CA HIS A 699 -10.21 27.10 12.95
C HIS A 699 -11.37 27.53 13.84
N ALA A 700 -11.65 28.84 13.89
CA ALA A 700 -12.74 29.32 14.72
C ALA A 700 -14.10 28.90 14.15
N THR A 701 -14.23 28.88 12.82
CA THR A 701 -15.49 28.50 12.22
C THR A 701 -15.74 27.00 12.31
N GLU A 702 -14.67 26.20 12.26
CA GLU A 702 -14.80 24.74 12.36
C GLU A 702 -15.08 24.29 13.79
N ARG A 703 -14.56 25.01 14.78
CA ARG A 703 -14.64 24.60 16.18
C ARG A 703 -15.73 25.31 16.95
N ASN A 704 -16.57 26.10 16.28
CA ASN A 704 -17.58 26.93 16.94
C ASN A 704 -16.93 27.94 17.88
N GLY A 705 -15.98 28.69 17.35
CA GLY A 705 -15.16 29.56 18.17
C GLY A 705 -13.97 28.85 18.76
N VAL A 706 -12.93 29.61 19.06
CA VAL A 706 -11.71 29.04 19.60
C VAL A 706 -11.05 30.07 20.51
N ASN A 707 -10.56 29.60 21.65
CA ASN A 707 -9.71 30.41 22.51
C ASN A 707 -8.25 30.27 22.10
N VAL A 708 -7.55 31.40 22.07
CA VAL A 708 -6.15 31.46 21.67
C VAL A 708 -5.31 31.95 22.85
N VAL A 709 -4.19 31.29 23.08
CA VAL A 709 -3.17 31.79 23.99
C VAL A 709 -1.84 31.68 23.26
N SER A 710 -1.13 32.80 23.15
CA SER A 710 0.12 32.82 22.42
C SER A 710 1.14 33.60 23.23
N GLY A 711 2.41 33.41 22.89
CA GLY A 711 3.48 34.05 23.61
C GLY A 711 4.84 33.63 23.12
N PRO A 712 5.89 34.20 23.71
CA PRO A 712 7.27 33.88 23.29
C PRO A 712 7.84 32.68 24.03
N ILE A 713 8.80 32.04 23.38
CA ILE A 713 9.54 30.93 23.95
C ILE A 713 11.03 31.24 23.78
N PHE A 714 11.80 31.05 24.85
CA PHE A 714 13.25 31.19 24.82
C PHE A 714 13.84 29.85 25.22
N ASP A 715 14.49 29.17 24.29
CA ASP A 715 15.18 27.93 24.56
C ASP A 715 16.44 27.90 23.70
N TYR A 716 17.41 28.75 24.04
CA TYR A 716 18.63 28.87 23.25
C TYR A 716 19.56 27.68 23.46
N ASN A 717 19.50 27.01 24.61
CA ASN A 717 20.24 25.77 24.80
C ASN A 717 19.44 24.55 24.38
N TYR A 718 18.26 24.76 23.78
CA TYR A 718 17.42 23.70 23.20
C TYR A 718 17.37 22.46 24.08
N ASP A 719 17.01 22.66 25.36
CA ASP A 719 16.85 21.57 26.30
C ASP A 719 15.39 21.30 26.61
N GLY A 720 14.46 22.01 25.96
CA GLY A 720 13.04 21.80 26.18
C GLY A 720 12.47 22.56 27.35
N HIS A 721 13.27 23.38 28.00
CA HIS A 721 12.85 24.15 29.16
C HIS A 721 13.05 25.63 28.90
N PHE A 722 12.25 26.45 29.55
CA PHE A 722 12.41 27.89 29.42
C PHE A 722 13.81 28.29 29.89
N ASP A 723 14.40 29.24 29.18
CA ASP A 723 15.68 29.79 29.58
C ASP A 723 15.51 30.75 30.76
N ALA A 724 16.53 30.78 31.60
CA ALA A 724 16.64 31.89 32.53
C ALA A 724 17.23 33.09 31.79
N PRO A 725 16.93 34.31 32.25
CA PRO A 725 17.37 35.50 31.49
C PRO A 725 18.83 35.46 31.10
N ASP A 726 19.70 34.91 31.94
CA ASP A 726 21.14 34.89 31.68
C ASP A 726 21.53 33.79 30.71
N GLU A 727 20.60 32.93 30.31
CA GLU A 727 20.86 31.93 29.28
C GLU A 727 20.53 32.44 27.88
N ILE A 728 19.89 33.61 27.77
CA ILE A 728 19.44 34.14 26.49
C ILE A 728 20.58 34.93 25.87
N THR A 729 20.99 34.53 24.67
CA THR A 729 22.18 35.08 24.04
C THR A 729 21.89 36.02 22.88
N LYS A 730 20.62 36.31 22.60
CA LYS A 730 20.26 37.26 21.54
C LYS A 730 19.23 38.23 22.08
N HIS A 731 19.43 39.53 21.79
CA HIS A 731 18.59 40.58 22.33
C HIS A 731 18.33 41.62 21.25
N LEU A 732 17.39 42.51 21.55
CA LEU A 732 16.92 43.49 20.56
C LEU A 732 17.82 44.72 20.61
N ALA A 733 18.46 45.01 19.47
CA ALA A 733 19.34 46.18 19.33
C ALA A 733 20.40 46.09 20.42
N ASN A 734 20.65 47.15 21.18
CA ASN A 734 21.60 47.14 22.28
C ASN A 734 20.90 47.09 23.63
N THR A 735 19.67 46.57 23.66
CA THR A 735 18.86 46.56 24.86
C THR A 735 18.93 45.20 25.53
N ASP A 736 18.16 45.05 26.61
CA ASP A 736 18.01 43.80 27.34
C ASP A 736 16.77 43.03 26.91
N VAL A 737 16.08 43.48 25.87
CA VAL A 737 14.86 42.81 25.38
C VAL A 737 15.28 41.56 24.62
N PRO A 738 14.87 40.37 25.05
CA PRO A 738 15.34 39.14 24.40
C PRO A 738 14.54 38.80 23.15
N ILE A 739 15.21 38.08 22.26
CA ILE A 739 14.60 37.59 21.01
C ILE A 739 14.13 36.16 21.25
N PRO A 740 12.85 35.85 21.05
CA PRO A 740 12.40 34.47 21.21
C PRO A 740 12.99 33.52 20.18
N THR A 741 13.17 32.26 20.61
CA THR A 741 13.52 31.20 19.69
C THR A 741 12.30 30.57 19.03
N HIS A 742 11.14 30.69 19.68
CA HIS A 742 9.89 30.12 19.21
C HIS A 742 8.77 30.99 19.71
N TYR A 743 7.62 30.86 19.07
CA TYR A 743 6.37 31.40 19.58
C TYR A 743 5.37 30.27 19.71
N PHE A 744 4.60 30.27 20.78
CA PHE A 744 3.56 29.27 20.93
C PHE A 744 2.20 29.87 20.62
N VAL A 745 1.31 29.01 20.15
CA VAL A 745 -0.09 29.33 19.92
C VAL A 745 -0.88 28.10 20.32
N VAL A 746 -1.72 28.24 21.34
CA VAL A 746 -2.54 27.14 21.83
C VAL A 746 -3.99 27.47 21.50
N LEU A 747 -4.59 26.68 20.62
CA LEU A 747 -6.00 26.79 20.32
C LEU A 747 -6.77 25.80 21.19
N THR A 748 -7.77 26.30 21.90
CA THR A 748 -8.58 25.50 22.82
C THR A 748 -10.05 25.78 22.54
N SER A 749 -10.81 24.73 22.26
CA SER A 749 -12.24 24.83 22.03
C SER A 749 -12.94 23.72 22.80
N CYS A 750 -14.27 23.69 22.70
CA CYS A 750 -15.06 22.66 23.34
C CYS A 750 -15.12 21.42 22.47
N LYS A 751 -14.84 20.25 23.06
CA LYS A 751 -14.92 19.01 22.30
C LYS A 751 -16.30 18.83 21.70
N ASN A 752 -17.34 19.13 22.48
CA ASN A 752 -18.72 19.13 21.99
C ASN A 752 -18.94 20.43 21.24
N LYS A 753 -18.88 20.36 19.91
CA LYS A 753 -18.95 21.54 19.04
C LYS A 753 -20.22 22.36 19.25
N SER A 754 -21.20 21.82 19.97
CA SER A 754 -22.41 22.56 20.26
C SER A 754 -22.18 23.71 21.22
N HIS A 755 -21.01 23.77 21.85
CA HIS A 755 -20.70 24.82 22.82
C HIS A 755 -19.52 25.66 22.34
N THR A 756 -19.49 26.89 22.80
CA THR A 756 -18.35 27.77 22.54
C THR A 756 -17.26 27.49 23.56
N PRO A 757 -16.04 28.00 23.32
CA PRO A 757 -14.97 27.81 24.32
C PRO A 757 -15.31 28.35 25.68
N GLU A 758 -16.13 29.40 25.78
CA GLU A 758 -16.42 30.02 27.07
C GLU A 758 -17.63 29.41 27.77
N ASN A 759 -18.38 28.52 27.10
CA ASN A 759 -19.56 27.90 27.70
C ASN A 759 -19.49 26.38 27.51
N CYS A 760 -18.40 25.78 27.96
CA CYS A 760 -18.10 24.37 27.71
C CYS A 760 -18.03 23.59 29.02
N PRO A 761 -19.08 22.86 29.40
CA PRO A 761 -19.06 22.13 30.67
C PRO A 761 -18.39 20.77 30.60
N GLY A 762 -18.11 20.26 29.40
CA GLY A 762 -17.45 19.00 29.22
C GLY A 762 -15.99 19.17 28.88
N TRP A 763 -15.46 18.23 28.10
CA TRP A 763 -14.03 18.20 27.80
C TRP A 763 -13.65 19.27 26.80
N LEU A 764 -12.40 19.70 26.88
CA LEU A 764 -11.85 20.65 25.92
C LEU A 764 -11.20 19.89 24.77
N ASP A 765 -10.81 20.64 23.75
CA ASP A 765 -10.13 20.11 22.58
C ASP A 765 -9.04 21.10 22.21
N VAL A 766 -7.78 20.65 22.20
CA VAL A 766 -6.65 21.57 22.02
C VAL A 766 -5.93 21.28 20.71
N LEU A 767 -5.34 22.35 20.18
CA LEU A 767 -4.49 22.29 18.99
C LEU A 767 -3.31 23.21 19.25
N PRO A 768 -2.19 22.67 19.80
CA PRO A 768 -1.05 23.53 20.14
C PRO A 768 0.02 23.59 19.07
N PHE A 769 0.60 24.78 18.88
CA PHE A 769 1.70 25.02 17.95
C PHE A 769 2.89 25.58 18.71
N ILE A 770 4.09 25.18 18.29
CA ILE A 770 5.35 25.77 18.76
C ILE A 770 6.18 26.04 17.50
N ILE A 771 6.04 27.25 16.97
CA ILE A 771 6.62 27.59 15.67
C ILE A 771 8.00 28.20 15.90
N PRO A 772 9.05 27.68 15.26
CA PRO A 772 10.37 28.31 15.40
C PRO A 772 10.40 29.71 14.80
N HIS A 773 11.13 30.59 15.48
CA HIS A 773 11.24 31.99 15.11
C HIS A 773 12.57 32.18 14.38
N ARG A 774 12.56 31.88 13.07
CA ARG A 774 13.79 31.91 12.29
C ARG A 774 13.78 33.08 11.31
N PRO A 775 14.96 33.60 10.94
CA PRO A 775 15.02 34.76 10.05
C PRO A 775 14.73 34.48 8.59
N THR A 776 14.66 33.21 8.18
CA THR A 776 14.26 32.86 6.82
C THR A 776 13.28 31.71 6.88
N ASN A 777 12.58 31.51 5.77
CA ASN A 777 11.58 30.46 5.66
C ASN A 777 12.08 29.26 4.85
N VAL A 778 13.39 29.02 4.85
CA VAL A 778 13.98 27.94 4.08
C VAL A 778 13.42 26.57 4.49
N GLU A 779 12.87 26.45 5.70
CA GLU A 779 12.27 25.18 6.11
C GLU A 779 11.05 24.85 5.27
N SER A 780 10.39 25.86 4.70
CA SER A 780 9.18 25.68 3.93
C SER A 780 9.41 25.64 2.43
N CYS A 781 10.63 25.88 1.96
CA CYS A 781 10.96 26.04 0.56
C CYS A 781 9.83 26.78 -0.18
N PRO A 782 9.55 28.04 0.20
CA PRO A 782 8.48 28.78 -0.50
C PRO A 782 8.77 28.92 -2.00
N GLU A 783 10.00 29.29 -2.36
CA GLU A 783 10.47 29.26 -3.73
C GLU A 783 9.78 30.26 -4.65
N GLY A 784 8.71 30.90 -4.18
CA GLY A 784 7.96 31.82 -5.00
C GLY A 784 6.48 31.49 -5.07
N LYS A 785 6.02 30.65 -4.13
CA LYS A 785 4.63 30.28 -4.02
C LYS A 785 3.91 31.18 -3.03
N PRO A 786 2.63 31.48 -3.25
CA PRO A 786 1.87 32.23 -2.24
C PRO A 786 1.86 31.50 -0.91
N GLU A 787 1.68 32.27 0.17
CA GLU A 787 1.68 31.70 1.51
C GLU A 787 0.59 30.66 1.68
N ALA A 788 -0.50 30.78 0.93
CA ALA A 788 -1.56 29.78 0.98
C ALA A 788 -1.04 28.38 0.69
N LEU A 789 0.14 28.25 0.07
CA LEU A 789 0.65 26.97 -0.38
C LEU A 789 1.79 26.44 0.49
N TRP A 790 2.04 27.01 1.67
CA TRP A 790 3.11 26.48 2.50
C TRP A 790 3.07 26.89 3.96
N VAL A 791 2.31 27.94 4.30
CA VAL A 791 2.26 28.39 5.70
C VAL A 791 1.59 27.34 6.57
N GLU A 792 0.36 26.93 6.20
CA GLU A 792 -0.37 25.98 7.02
C GLU A 792 0.42 24.68 7.18
N GLU A 793 1.12 24.27 6.13
CA GLU A 793 1.97 23.09 6.20
C GLU A 793 3.06 23.28 7.26
N ARG A 794 3.65 24.47 7.32
CA ARG A 794 4.73 24.72 8.27
C ARG A 794 4.21 24.65 9.70
N PHE A 795 3.09 25.31 9.99
CA PHE A 795 2.48 25.24 11.32
C PHE A 795 2.13 23.81 11.68
N THR A 796 1.56 23.05 10.75
CA THR A 796 1.16 21.68 11.05
C THR A 796 2.38 20.86 11.47
N ALA A 797 3.52 21.09 10.83
CA ALA A 797 4.74 20.36 11.17
C ALA A 797 5.23 20.68 12.57
N HIS A 798 4.72 21.73 13.21
CA HIS A 798 5.19 22.15 14.52
C HIS A 798 4.09 22.11 15.56
N ILE A 799 3.08 21.27 15.33
CA ILE A 799 2.15 20.93 16.38
C ILE A 799 2.90 20.21 17.51
N ALA A 800 2.44 20.43 18.74
CA ALA A 800 3.04 19.86 19.93
C ALA A 800 1.95 19.65 20.97
N ARG A 801 2.34 19.10 22.12
CA ARG A 801 1.44 18.95 23.25
C ARG A 801 1.42 20.23 24.07
N VAL A 802 0.34 20.42 24.83
CA VAL A 802 0.31 21.54 25.78
C VAL A 802 1.46 21.41 26.76
N ARG A 803 1.72 20.20 27.26
CA ARG A 803 2.82 20.02 28.21
C ARG A 803 4.14 20.52 27.63
N ASP A 804 4.38 20.28 26.33
CA ASP A 804 5.58 20.81 25.70
C ASP A 804 5.64 22.33 25.82
N VAL A 805 4.49 22.99 25.62
CA VAL A 805 4.44 24.44 25.80
C VAL A 805 4.71 24.81 27.26
N GLU A 806 4.08 24.08 28.19
CA GLU A 806 4.32 24.35 29.61
C GLU A 806 5.80 24.25 29.96
N LEU A 807 6.48 23.21 29.46
CA LEU A 807 7.89 23.02 29.77
C LEU A 807 8.75 24.15 29.18
N LEU A 808 8.39 24.63 27.99
CA LEU A 808 9.18 25.65 27.30
C LEU A 808 8.91 27.07 27.78
N THR A 809 7.85 27.29 28.55
CA THR A 809 7.46 28.63 28.97
C THR A 809 7.47 28.85 30.47
N GLY A 810 7.44 27.78 31.27
CA GLY A 810 7.26 27.96 32.69
C GLY A 810 5.85 28.37 33.07
N LEU A 811 4.88 28.10 32.21
CA LEU A 811 3.48 28.42 32.43
C LEU A 811 2.67 27.15 32.66
N ASP A 812 1.50 27.33 33.29
CA ASP A 812 0.63 26.20 33.63
C ASP A 812 -0.81 26.60 33.32
N PHE A 813 -1.48 25.80 32.50
CA PHE A 813 -2.75 26.16 31.90
C PHE A 813 -3.92 25.43 32.55
N TYR A 814 -5.11 25.98 32.34
CA TYR A 814 -6.40 25.35 32.64
C TYR A 814 -6.63 25.10 34.12
N GLN A 815 -5.94 25.82 35.02
CA GLN A 815 -6.07 25.52 36.44
C GLN A 815 -7.46 25.85 36.98
N ASP A 816 -8.25 26.68 36.30
CA ASP A 816 -9.59 27.02 36.76
C ASP A 816 -10.67 26.23 36.03
N LYS A 817 -10.31 25.24 35.23
CA LYS A 817 -11.27 24.36 34.59
C LYS A 817 -11.77 23.35 35.63
N VAL A 818 -13.07 23.40 35.94
CA VAL A 818 -13.65 22.49 36.92
C VAL A 818 -13.74 21.10 36.29
N GLN A 819 -12.81 20.24 36.66
CA GLN A 819 -12.65 18.92 36.05
C GLN A 819 -11.51 18.20 36.78
N PRO A 820 -11.57 16.89 36.95
CA PRO A 820 -10.48 16.18 37.65
C PRO A 820 -9.13 16.49 37.02
N VAL A 821 -8.10 16.61 37.88
CA VAL A 821 -6.77 16.96 37.42
C VAL A 821 -6.25 15.94 36.42
N SER A 822 -6.48 14.66 36.69
CA SER A 822 -5.96 13.62 35.81
C SER A 822 -6.57 13.70 34.42
N GLU A 823 -7.80 14.20 34.31
CA GLU A 823 -8.39 14.41 33.00
C GLU A 823 -7.79 15.62 32.31
N ILE A 824 -7.44 16.66 33.06
CA ILE A 824 -6.70 17.76 32.49
C ILE A 824 -5.32 17.29 32.04
N LEU A 825 -4.71 16.38 32.78
CA LEU A 825 -3.41 15.87 32.38
C LEU A 825 -3.51 15.10 31.07
N GLN A 826 -4.62 14.38 30.86
CA GLN A 826 -4.86 13.79 29.55
C GLN A 826 -4.89 14.86 28.47
N LEU A 827 -5.56 15.97 28.74
CA LEU A 827 -5.64 17.03 27.75
C LEU A 827 -4.26 17.60 27.42
N LYS A 828 -3.40 17.71 28.43
CA LYS A 828 -2.11 18.36 28.25
C LYS A 828 -1.08 17.46 27.56
N THR A 829 -1.27 16.15 27.59
CA THR A 829 -0.41 15.20 26.89
C THR A 829 -0.90 14.89 25.49
N TYR A 830 -2.12 15.28 25.14
CA TYR A 830 -2.69 15.00 23.83
C TYR A 830 -1.81 15.61 22.72
N LEU A 831 -1.58 14.82 21.67
CA LEU A 831 -0.92 15.32 20.47
C LEU A 831 -1.91 15.27 19.32
N PRO A 832 -2.28 16.41 18.72
CA PRO A 832 -3.06 16.33 17.47
C PRO A 832 -2.24 15.67 16.38
N THR A 833 -2.88 14.81 15.62
CA THR A 833 -2.22 14.09 14.55
C THR A 833 -2.99 14.28 13.25
N PHE A 834 -2.27 14.17 12.13
CA PHE A 834 -2.85 14.39 10.81
C PHE A 834 -2.10 13.58 9.75
N GLY B 15 -6.36 -52.75 26.37
CA GLY B 15 -6.24 -52.18 25.04
C GLY B 15 -7.08 -50.94 24.82
N SER B 16 -7.07 -50.41 23.60
CA SER B 16 -7.78 -49.19 23.25
C SER B 16 -8.88 -49.51 22.24
N CYS B 17 -9.40 -48.47 21.58
CA CYS B 17 -10.49 -48.63 20.62
C CYS B 17 -10.01 -49.02 19.23
N ARG B 18 -8.72 -49.17 19.00
CA ARG B 18 -8.24 -49.62 17.71
C ARG B 18 -8.93 -50.93 17.32
N LYS B 19 -9.56 -50.93 16.14
CA LYS B 19 -10.22 -52.09 15.57
C LYS B 19 -11.45 -52.52 16.36
N LYS B 20 -11.89 -51.71 17.34
CA LYS B 20 -13.00 -52.06 18.20
C LYS B 20 -14.03 -50.93 18.28
N CYS B 21 -14.10 -50.08 17.25
CA CYS B 21 -15.01 -48.94 17.30
C CYS B 21 -16.46 -49.42 17.39
N PHE B 22 -17.21 -48.82 18.32
CA PHE B 22 -18.62 -49.14 18.51
C PHE B 22 -18.82 -50.63 18.79
N ASP B 23 -17.79 -51.27 19.34
CA ASP B 23 -17.87 -52.65 19.81
C ASP B 23 -18.25 -52.62 21.28
N ALA B 24 -19.56 -52.63 21.54
CA ALA B 24 -20.05 -52.52 22.92
C ALA B 24 -19.48 -53.64 23.80
N SER B 25 -19.35 -54.83 23.24
CA SER B 25 -18.89 -55.99 24.01
C SER B 25 -17.41 -55.92 24.39
N PHE B 26 -16.71 -54.86 24.01
CA PHE B 26 -15.27 -54.76 24.25
C PHE B 26 -14.96 -53.98 25.51
N ARG B 27 -13.92 -54.40 26.23
CA ARG B 27 -13.46 -53.73 27.44
C ARG B 27 -11.94 -53.71 27.40
N GLY B 28 -11.37 -52.55 27.11
CA GLY B 28 -9.93 -52.37 27.09
C GLY B 28 -9.39 -52.04 28.47
N LEU B 29 -8.25 -51.35 28.49
CA LEU B 29 -7.62 -50.96 29.74
C LEU B 29 -8.62 -50.21 30.61
N GLU B 30 -8.56 -50.44 31.92
CA GLU B 30 -9.48 -49.84 32.88
C GLU B 30 -10.93 -50.17 32.57
N ASN B 31 -11.17 -51.23 31.78
CA ASN B 31 -12.51 -51.54 31.29
C ASN B 31 -13.08 -50.43 30.42
N CYS B 32 -12.21 -49.73 29.70
CA CYS B 32 -12.66 -48.62 28.86
C CYS B 32 -13.50 -49.14 27.71
N ARG B 33 -14.45 -48.32 27.27
CA ARG B 33 -15.47 -48.70 26.31
C ARG B 33 -15.24 -47.98 24.99
N CYS B 34 -15.83 -48.54 23.94
CA CYS B 34 -15.72 -47.98 22.59
C CYS B 34 -17.08 -47.93 21.91
N ASP B 35 -18.14 -47.78 22.68
CA ASP B 35 -19.49 -47.65 22.16
C ASP B 35 -19.90 -46.18 22.12
N VAL B 36 -21.01 -45.93 21.42
CA VAL B 36 -21.45 -44.56 21.15
C VAL B 36 -21.82 -43.83 22.44
N ALA B 37 -22.09 -44.54 23.52
CA ALA B 37 -22.50 -43.92 24.78
C ALA B 37 -21.35 -43.76 25.76
N CYS B 38 -20.15 -44.25 25.43
CA CYS B 38 -19.03 -44.14 26.36
C CYS B 38 -18.75 -42.70 26.74
N LYS B 39 -19.09 -41.75 25.86
CA LYS B 39 -18.82 -40.35 26.14
C LYS B 39 -19.76 -39.80 27.19
N ASP B 40 -21.05 -40.17 27.13
CA ASP B 40 -22.00 -39.75 28.15
C ASP B 40 -21.61 -40.33 29.51
N ARG B 41 -21.34 -41.64 29.56
CA ARG B 41 -20.87 -42.24 30.80
C ARG B 41 -19.49 -41.71 31.18
N GLY B 42 -18.67 -41.36 30.20
CA GLY B 42 -17.33 -40.88 30.47
C GLY B 42 -16.33 -41.98 30.74
N ASP B 43 -16.37 -43.06 29.95
CA ASP B 43 -15.47 -44.19 30.14
C ASP B 43 -14.83 -44.65 28.83
N CYS B 44 -14.87 -43.82 27.79
CA CYS B 44 -14.24 -44.19 26.52
C CYS B 44 -12.77 -44.50 26.74
N CYS B 45 -12.23 -45.38 25.89
CA CYS B 45 -10.79 -45.51 25.83
C CYS B 45 -10.18 -44.19 25.38
N TRP B 46 -8.88 -44.06 25.58
CA TRP B 46 -8.23 -42.76 25.42
C TRP B 46 -8.27 -42.26 23.98
N ASP B 47 -8.43 -43.15 23.00
CA ASP B 47 -8.37 -42.77 21.59
C ASP B 47 -9.71 -42.92 20.88
N PHE B 48 -10.83 -42.89 21.61
CA PHE B 48 -12.12 -43.14 20.99
C PHE B 48 -12.46 -42.07 19.96
N GLU B 49 -12.48 -40.81 20.40
CA GLU B 49 -12.95 -39.73 19.53
C GLU B 49 -12.16 -39.68 18.23
N ASP B 50 -10.84 -39.81 18.31
CA ASP B 50 -10.03 -39.70 17.09
C ASP B 50 -10.15 -40.94 16.22
N THR B 51 -10.28 -42.11 16.83
CA THR B 51 -10.34 -43.34 16.05
C THR B 51 -11.74 -43.62 15.51
N CYS B 52 -12.78 -43.27 16.27
CA CYS B 52 -14.14 -43.69 15.96
C CYS B 52 -15.08 -42.58 15.51
N VAL B 53 -14.82 -41.32 15.90
CA VAL B 53 -15.74 -40.23 15.57
C VAL B 53 -15.17 -39.36 14.47
N GLU B 54 -14.07 -38.65 14.75
CA GLU B 54 -13.51 -37.75 13.76
C GLU B 54 -12.96 -38.47 12.54
N SER B 55 -12.77 -39.78 12.60
CA SER B 55 -12.14 -40.51 11.51
C SER B 55 -13.05 -40.61 10.29
N THR B 56 -14.36 -40.56 10.49
CA THR B 56 -15.32 -40.70 9.41
C THR B 56 -15.74 -39.36 8.82
N ARG B 57 -15.18 -38.25 9.30
CA ARG B 57 -15.57 -36.92 8.83
C ARG B 57 -14.41 -36.15 8.22
N ILE B 58 -13.26 -36.79 7.99
CA ILE B 58 -12.09 -36.11 7.45
C ILE B 58 -11.61 -36.84 6.20
N TRP B 59 -10.86 -36.11 5.38
CA TRP B 59 -10.31 -36.62 4.13
C TRP B 59 -8.83 -36.98 4.24
N MET B 60 -8.27 -36.95 5.45
CA MET B 60 -6.86 -37.21 5.66
C MET B 60 -6.68 -38.42 6.57
N CYS B 61 -5.59 -39.15 6.36
CA CYS B 61 -5.19 -40.17 7.32
C CYS B 61 -4.39 -39.55 8.46
N ASN B 62 -4.32 -40.29 9.57
CA ASN B 62 -3.48 -39.90 10.69
C ASN B 62 -3.13 -41.18 11.45
N LYS B 63 -2.35 -41.02 12.52
CA LYS B 63 -1.87 -42.19 13.24
C LYS B 63 -3.01 -42.99 13.88
N PHE B 64 -4.10 -42.32 14.23
CA PHE B 64 -5.26 -43.04 14.77
C PHE B 64 -5.97 -43.86 13.71
N ARG B 65 -5.74 -43.56 12.42
CA ARG B 65 -6.46 -44.22 11.33
C ARG B 65 -5.62 -45.24 10.57
N CYS B 66 -4.29 -45.18 10.64
CA CYS B 66 -3.47 -46.08 9.85
C CYS B 66 -3.65 -47.52 10.31
N GLY B 67 -4.01 -48.40 9.38
CA GLY B 67 -4.33 -49.77 9.70
C GLY B 67 -5.72 -49.98 10.26
N GLU B 68 -6.58 -48.95 10.19
CA GLU B 68 -7.87 -48.98 10.86
C GLU B 68 -8.74 -50.12 10.31
N THR B 69 -9.75 -50.48 11.10
CA THR B 69 -10.83 -51.32 10.62
C THR B 69 -11.79 -50.45 9.81
N ARG B 70 -12.09 -50.89 8.58
CA ARG B 70 -13.00 -50.15 7.73
C ARG B 70 -14.27 -49.77 8.47
N LEU B 71 -14.72 -48.54 8.27
CA LEU B 71 -16.04 -48.10 8.66
C LEU B 71 -16.82 -47.76 7.39
N GLU B 72 -18.08 -47.35 7.58
CA GLU B 72 -18.96 -47.13 6.43
C GLU B 72 -19.29 -45.67 6.18
N ALA B 73 -19.30 -44.81 7.20
CA ALA B 73 -19.53 -43.39 6.98
C ALA B 73 -18.26 -42.63 6.62
N SER B 74 -17.13 -43.31 6.52
CA SER B 74 -15.86 -42.62 6.30
C SER B 74 -15.76 -42.15 4.85
N LEU B 75 -15.21 -40.94 4.67
CA LEU B 75 -15.13 -40.33 3.35
C LEU B 75 -14.03 -40.97 2.52
N CYS B 76 -12.97 -41.44 3.16
CA CYS B 76 -11.89 -42.18 2.50
C CYS B 76 -11.30 -43.12 3.53
N SER B 77 -10.44 -44.01 3.08
CA SER B 77 -9.98 -45.13 3.90
C SER B 77 -8.49 -45.07 4.15
N CYS B 78 -8.09 -45.49 5.35
CA CYS B 78 -6.69 -45.72 5.69
C CYS B 78 -6.46 -47.18 6.09
N SER B 79 -7.32 -48.07 5.62
CA SER B 79 -7.16 -49.50 5.87
C SER B 79 -5.99 -50.04 5.06
N ASP B 80 -5.52 -51.23 5.45
CA ASP B 80 -4.40 -51.86 4.76
C ASP B 80 -4.77 -52.30 3.35
N ASP B 81 -6.05 -52.59 3.12
CA ASP B 81 -6.53 -52.99 1.80
C ASP B 81 -7.09 -51.83 0.99
N CYS B 82 -6.83 -50.58 1.40
CA CYS B 82 -7.43 -49.46 0.69
C CYS B 82 -6.84 -49.29 -0.70
N LEU B 83 -5.56 -49.62 -0.88
CA LEU B 83 -4.94 -49.48 -2.20
C LEU B 83 -5.53 -50.47 -3.19
N GLN B 84 -5.65 -51.74 -2.80
CA GLN B 84 -6.29 -52.72 -3.69
C GLN B 84 -7.71 -52.29 -4.01
N ARG B 85 -8.42 -51.73 -3.03
CA ARG B 85 -9.78 -51.27 -3.22
C ARG B 85 -9.86 -49.90 -3.87
N LYS B 86 -8.74 -49.25 -4.11
CA LYS B 86 -8.71 -47.94 -4.75
C LYS B 86 -9.66 -46.96 -4.05
N ASP B 87 -9.40 -46.76 -2.75
CA ASP B 87 -10.16 -45.78 -1.99
C ASP B 87 -9.35 -45.21 -0.82
N CYS B 88 -8.02 -45.22 -0.89
CA CYS B 88 -7.21 -44.61 0.14
C CYS B 88 -7.39 -43.09 0.14
N CYS B 89 -7.27 -42.50 1.32
CA CYS B 89 -7.13 -41.05 1.40
C CYS B 89 -5.87 -40.62 0.65
N ALA B 90 -5.91 -39.39 0.12
CA ALA B 90 -4.85 -38.95 -0.79
C ALA B 90 -3.48 -39.04 -0.15
N ASP B 91 -3.40 -38.93 1.18
CA ASP B 91 -2.13 -38.91 1.89
C ASP B 91 -1.83 -40.21 2.61
N TYR B 92 -2.47 -41.31 2.18
CA TYR B 92 -2.28 -42.58 2.89
C TYR B 92 -0.83 -43.02 2.84
N LYS B 93 -0.20 -42.96 1.67
CA LYS B 93 1.16 -43.48 1.52
C LYS B 93 2.17 -42.67 2.32
N SER B 94 1.93 -41.37 2.53
CA SER B 94 2.89 -40.59 3.29
C SER B 94 2.67 -40.72 4.79
N VAL B 95 1.42 -40.79 5.23
CA VAL B 95 1.13 -40.87 6.66
C VAL B 95 1.34 -42.29 7.18
N CYS B 96 0.91 -43.29 6.42
CA CYS B 96 0.87 -44.66 6.91
C CYS B 96 2.04 -45.52 6.43
N GLN B 97 2.57 -45.27 5.23
CA GLN B 97 3.66 -46.06 4.67
C GLN B 97 5.01 -45.38 4.76
N GLY B 98 5.07 -44.14 5.26
CA GLY B 98 6.33 -43.44 5.41
C GLY B 98 6.91 -42.84 4.15
N GLU B 99 6.17 -42.85 3.05
CA GLU B 99 6.63 -42.15 1.85
C GLU B 99 6.70 -40.66 2.11
N THR B 100 7.60 -39.98 1.41
CA THR B 100 7.66 -38.53 1.51
C THR B 100 6.45 -37.92 0.81
N SER B 101 5.94 -36.83 1.36
CA SER B 101 4.83 -36.14 0.74
C SER B 101 5.28 -35.46 -0.54
N TRP B 102 4.32 -35.13 -1.41
CA TRP B 102 4.63 -34.29 -2.56
C TRP B 102 5.20 -32.95 -2.10
N LEU B 103 4.63 -32.40 -1.02
CA LEU B 103 5.08 -31.11 -0.52
C LEU B 103 6.54 -31.16 -0.09
N GLU B 104 6.92 -32.21 0.65
CA GLU B 104 8.28 -32.29 1.16
C GLU B 104 9.28 -32.81 0.14
N GLU B 105 8.82 -33.39 -0.97
CA GLU B 105 9.72 -33.90 -1.97
C GLU B 105 10.39 -32.76 -2.73
N ASN B 106 11.65 -32.97 -3.10
CA ASN B 106 12.36 -32.00 -3.92
C ASN B 106 11.85 -32.03 -5.35
N CYS B 107 11.94 -30.88 -6.03
CA CYS B 107 11.45 -30.78 -7.40
C CYS B 107 12.02 -31.88 -8.28
N ASP B 108 13.31 -32.17 -8.14
CA ASP B 108 13.94 -33.22 -8.93
C ASP B 108 14.37 -34.37 -8.03
N GLN B 114 8.24 -39.13 -14.94
CA GLN B 114 7.69 -40.06 -15.92
C GLN B 114 6.19 -40.32 -15.72
N CYS B 115 5.61 -41.13 -16.62
CA CYS B 115 4.22 -41.52 -16.56
C CYS B 115 4.10 -43.00 -16.18
N PRO B 116 3.12 -43.37 -15.36
CA PRO B 116 2.92 -44.80 -15.05
C PRO B 116 2.41 -45.56 -16.26
N GLU B 117 2.47 -46.88 -16.15
CA GLU B 117 1.94 -47.73 -17.21
C GLU B 117 0.44 -47.51 -17.37
N GLY B 118 0.00 -47.41 -18.63
CA GLY B 118 -1.36 -47.07 -18.95
C GLY B 118 -1.55 -45.61 -19.30
N PHE B 119 -0.60 -44.75 -18.95
CA PHE B 119 -0.66 -43.32 -19.25
C PHE B 119 0.36 -42.99 -20.33
N ASP B 120 0.11 -43.50 -21.53
CA ASP B 120 0.97 -43.20 -22.66
C ASP B 120 1.22 -41.71 -22.77
N LEU B 121 0.15 -40.94 -22.88
CA LEU B 121 0.24 -39.51 -23.02
C LEU B 121 -0.24 -38.81 -21.74
N PRO B 122 0.34 -37.67 -21.40
CA PRO B 122 -0.01 -37.01 -20.15
C PRO B 122 -1.35 -36.31 -20.26
N PRO B 123 -2.27 -36.54 -19.33
CA PRO B 123 -3.51 -35.76 -19.33
C PRO B 123 -3.24 -34.30 -18.97
N VAL B 124 -4.22 -33.47 -19.26
CA VAL B 124 -4.20 -32.06 -18.87
C VAL B 124 -5.26 -31.84 -17.80
N ILE B 125 -4.88 -31.15 -16.72
CA ILE B 125 -5.81 -30.70 -15.69
C ILE B 125 -5.78 -29.18 -15.67
N LEU B 126 -6.91 -28.56 -16.01
CA LEU B 126 -7.07 -27.11 -15.94
C LEU B 126 -7.84 -26.78 -14.66
N PHE B 127 -7.22 -26.00 -13.78
CA PHE B 127 -7.67 -25.80 -12.40
C PHE B 127 -7.83 -24.30 -12.17
N SER B 128 -9.06 -23.84 -11.96
CA SER B 128 -9.32 -22.43 -11.72
C SER B 128 -9.73 -22.18 -10.29
N MET B 129 -9.12 -21.18 -9.68
CA MET B 129 -9.52 -20.65 -8.38
C MET B 129 -10.03 -19.23 -8.60
N ASP B 130 -11.35 -19.08 -8.54
CA ASP B 130 -11.99 -17.80 -8.84
C ASP B 130 -11.37 -16.69 -7.99
N GLY B 131 -11.08 -15.56 -8.63
CA GLY B 131 -10.69 -14.35 -7.93
C GLY B 131 -9.31 -14.35 -7.29
N PHE B 132 -8.41 -15.22 -7.75
CA PHE B 132 -7.07 -15.38 -7.19
C PHE B 132 -6.17 -14.41 -7.94
N ARG B 133 -6.00 -13.22 -7.36
CA ARG B 133 -5.24 -12.19 -8.05
C ARG B 133 -3.75 -12.47 -7.95
N ALA B 134 -3.01 -12.02 -8.96
CA ALA B 134 -1.59 -12.31 -9.04
C ALA B 134 -0.87 -11.94 -7.74
N GLU B 135 -1.25 -10.81 -7.16
CA GLU B 135 -0.55 -10.29 -5.98
C GLU B 135 -0.64 -11.24 -4.80
N TYR B 136 -1.70 -12.05 -4.70
CA TYR B 136 -1.80 -13.03 -3.63
C TYR B 136 -0.61 -13.98 -3.63
N LEU B 137 -0.23 -14.45 -4.82
CA LEU B 137 0.80 -15.47 -4.94
C LEU B 137 2.11 -15.03 -4.30
N TYR B 138 2.45 -13.76 -4.42
CA TYR B 138 3.74 -13.30 -3.92
C TYR B 138 3.64 -12.73 -2.51
N THR B 139 2.54 -12.07 -2.19
CA THR B 139 2.35 -11.53 -0.84
C THR B 139 2.20 -12.65 0.17
N TRP B 140 1.41 -13.67 -0.14
CA TRP B 140 1.02 -14.71 0.80
C TRP B 140 1.67 -16.05 0.51
N ASP B 141 2.78 -16.04 -0.24
CA ASP B 141 3.40 -17.25 -0.75
C ASP B 141 3.50 -18.37 0.29
N THR B 142 4.08 -18.08 1.45
CA THR B 142 4.37 -19.15 2.40
C THR B 142 3.15 -19.57 3.21
N LEU B 143 2.05 -18.83 3.14
CA LEU B 143 0.78 -19.33 3.66
C LEU B 143 0.12 -20.36 2.75
N MET B 144 0.70 -20.59 1.57
CA MET B 144 0.18 -21.54 0.60
C MET B 144 1.32 -22.45 0.18
N PRO B 145 1.77 -23.33 1.07
CA PRO B 145 2.98 -24.12 0.78
C PRO B 145 2.84 -25.01 -0.44
N ASN B 146 1.64 -25.50 -0.74
CA ASN B 146 1.47 -26.37 -1.90
C ASN B 146 1.51 -25.59 -3.20
N ILE B 147 0.72 -24.52 -3.29
CA ILE B 147 0.81 -23.63 -4.45
C ILE B 147 2.22 -23.05 -4.56
N ASN B 148 2.80 -22.62 -3.44
CA ASN B 148 4.16 -22.12 -3.47
C ASN B 148 5.13 -23.17 -3.99
N LYS B 149 4.89 -24.43 -3.66
CA LYS B 149 5.71 -25.52 -4.19
C LYS B 149 5.52 -25.66 -5.70
N LEU B 150 4.26 -25.64 -6.15
CA LEU B 150 3.98 -25.67 -7.58
C LEU B 150 4.74 -24.57 -8.31
N LYS B 151 4.80 -23.38 -7.70
CA LYS B 151 5.51 -22.27 -8.34
C LYS B 151 7.00 -22.54 -8.42
N THR B 152 7.58 -23.05 -7.33
CA THR B 152 9.02 -23.28 -7.30
C THR B 152 9.43 -24.28 -8.35
N CYS B 153 8.74 -25.42 -8.42
CA CYS B 153 9.14 -26.51 -9.30
C CYS B 153 8.72 -26.27 -10.74
N GLY B 154 7.57 -25.65 -10.95
CA GLY B 154 6.99 -25.53 -12.26
C GLY B 154 7.39 -24.26 -12.97
N ILE B 155 6.48 -23.78 -13.80
CA ILE B 155 6.65 -22.53 -14.54
C ILE B 155 5.53 -21.59 -14.11
N HIS B 156 5.85 -20.30 -13.98
CA HIS B 156 4.81 -19.35 -13.63
C HIS B 156 5.10 -18.03 -14.32
N SER B 157 4.03 -17.33 -14.66
CA SER B 157 4.11 -16.01 -15.24
C SER B 157 4.02 -14.97 -14.14
N LYS B 158 4.69 -13.83 -14.35
CA LYS B 158 4.56 -12.73 -13.40
C LYS B 158 3.09 -12.47 -13.10
N TYR B 159 2.25 -12.57 -14.12
CA TYR B 159 0.80 -12.55 -13.96
C TYR B 159 0.20 -12.94 -15.30
N MET B 160 -1.09 -13.22 -15.29
CA MET B 160 -1.85 -13.48 -16.50
C MET B 160 -2.91 -12.39 -16.62
N ARG B 161 -3.00 -11.79 -17.79
CA ARG B 161 -3.94 -10.71 -18.04
C ARG B 161 -5.27 -11.30 -18.51
N ALA B 162 -6.35 -10.91 -17.83
CA ALA B 162 -7.68 -11.33 -18.19
C ALA B 162 -8.25 -10.41 -19.28
N MET B 163 -9.45 -10.74 -19.76
CA MET B 163 -10.16 -9.92 -20.72
C MET B 163 -11.17 -9.04 -20.00
N TYR B 164 -11.51 -7.92 -20.63
CA TYR B 164 -12.50 -6.98 -20.11
C TYR B 164 -13.90 -7.40 -20.56
N PRO B 165 -14.89 -7.32 -19.67
CA PRO B 165 -14.81 -6.95 -18.26
C PRO B 165 -14.30 -8.13 -17.45
N THR B 166 -13.58 -7.86 -16.36
CA THR B 166 -12.93 -8.90 -15.56
C THR B 166 -13.96 -9.55 -14.63
N LYS B 167 -14.90 -10.27 -15.25
CA LYS B 167 -15.95 -11.00 -14.56
C LYS B 167 -15.76 -12.51 -14.78
N ALA B 168 -16.46 -13.31 -13.98
CA ALA B 168 -16.20 -14.74 -13.92
C ALA B 168 -16.48 -15.43 -15.26
N PHE B 169 -17.73 -15.42 -15.69
CA PHE B 169 -18.14 -16.26 -16.82
C PHE B 169 -17.46 -15.82 -18.12
N PRO B 170 -17.38 -14.53 -18.43
CA PRO B 170 -16.65 -14.13 -19.64
C PRO B 170 -15.24 -14.68 -19.68
N ASN B 171 -14.53 -14.68 -18.57
CA ASN B 171 -13.12 -15.04 -18.59
C ASN B 171 -12.91 -16.54 -18.52
N HIS B 172 -13.75 -17.25 -17.76
CA HIS B 172 -13.67 -18.70 -17.80
C HIS B 172 -13.95 -19.23 -19.20
N TYR B 173 -14.90 -18.62 -19.91
CA TYR B 173 -15.22 -19.12 -21.24
C TYR B 173 -14.15 -18.70 -22.25
N THR B 174 -13.51 -17.55 -22.04
CA THR B 174 -12.36 -17.17 -22.85
C THR B 174 -11.24 -18.19 -22.70
N ILE B 175 -10.92 -18.57 -21.46
CA ILE B 175 -9.83 -19.50 -21.21
C ILE B 175 -9.98 -20.75 -22.06
N VAL B 176 -11.20 -21.28 -22.15
CA VAL B 176 -11.43 -22.56 -22.81
C VAL B 176 -11.80 -22.44 -24.27
N THR B 177 -12.00 -21.22 -24.79
CA THR B 177 -12.26 -21.04 -26.21
C THR B 177 -11.15 -20.30 -26.94
N GLY B 178 -10.36 -19.50 -26.24
CA GLY B 178 -9.38 -18.64 -26.88
C GLY B 178 -9.98 -17.46 -27.59
N LEU B 179 -11.20 -17.07 -27.22
CA LEU B 179 -11.95 -16.05 -27.93
C LEU B 179 -12.20 -14.86 -27.02
N TYR B 180 -12.21 -13.67 -27.61
CA TYR B 180 -12.68 -12.50 -26.89
C TYR B 180 -14.14 -12.68 -26.53
N PRO B 181 -14.59 -12.14 -25.40
CA PRO B 181 -16.02 -12.18 -25.10
C PRO B 181 -16.91 -11.71 -26.25
N GLU B 182 -16.55 -10.64 -26.96
CA GLU B 182 -17.38 -10.19 -28.08
C GLU B 182 -17.60 -11.30 -29.10
N SER B 183 -16.70 -12.28 -29.19
CA SER B 183 -16.81 -13.37 -30.13
C SER B 183 -17.50 -14.60 -29.55
N HIS B 184 -17.17 -15.00 -28.32
CA HIS B 184 -17.81 -16.21 -27.80
C HIS B 184 -19.17 -15.94 -27.18
N GLY B 185 -19.58 -14.68 -27.05
CA GLY B 185 -20.95 -14.34 -26.73
C GLY B 185 -21.22 -14.02 -25.27
N ILE B 186 -20.37 -14.49 -24.35
CA ILE B 186 -20.60 -14.28 -22.91
C ILE B 186 -19.89 -12.98 -22.55
N ILE B 187 -20.55 -11.86 -22.84
CA ILE B 187 -19.93 -10.54 -22.65
C ILE B 187 -20.04 -10.05 -21.22
N ASP B 188 -20.84 -10.72 -20.37
CA ASP B 188 -20.93 -10.39 -18.95
C ASP B 188 -21.70 -11.50 -18.27
N ASN B 189 -21.69 -11.49 -16.93
CA ASN B 189 -22.52 -12.40 -16.15
C ASN B 189 -23.99 -12.06 -16.24
N ASN B 190 -24.31 -10.83 -16.63
CA ASN B 190 -25.69 -10.39 -16.77
C ASN B 190 -25.80 -9.64 -18.09
N MET B 191 -26.65 -10.13 -18.98
CA MET B 191 -26.80 -9.47 -20.26
C MET B 191 -28.18 -9.75 -20.82
N TYR B 192 -28.53 -8.99 -21.84
CA TYR B 192 -29.78 -9.15 -22.56
C TYR B 192 -29.48 -9.28 -24.05
N ASP B 193 -30.16 -10.19 -24.72
CA ASP B 193 -30.04 -10.38 -26.16
C ASP B 193 -31.37 -10.00 -26.80
N VAL B 194 -31.36 -8.92 -27.57
CA VAL B 194 -32.59 -8.40 -28.18
C VAL B 194 -33.15 -9.37 -29.21
N ASN B 195 -32.28 -10.13 -29.88
CA ASN B 195 -32.76 -11.10 -30.87
C ASN B 195 -33.45 -12.28 -30.18
N LEU B 196 -32.80 -12.89 -29.21
CA LEU B 196 -33.45 -13.93 -28.41
C LEU B 196 -34.56 -13.36 -27.53
N ASN B 197 -34.53 -12.06 -27.27
CA ASN B 197 -35.40 -11.44 -26.27
C ASN B 197 -35.40 -12.24 -24.97
N LYS B 198 -34.20 -12.35 -24.40
CA LYS B 198 -34.01 -13.13 -23.18
C LYS B 198 -32.93 -12.49 -22.34
N ASN B 199 -33.02 -12.72 -21.03
CA ASN B 199 -32.04 -12.25 -20.06
C ASN B 199 -31.15 -13.41 -19.61
N PHE B 200 -29.86 -13.15 -19.52
CA PHE B 200 -28.87 -14.11 -19.04
C PHE B 200 -28.38 -13.66 -17.67
N SER B 201 -28.41 -14.56 -16.71
CA SER B 201 -27.82 -14.33 -15.40
C SER B 201 -27.36 -15.68 -14.85
N LEU B 202 -26.51 -15.63 -13.83
CA LEU B 202 -26.01 -16.86 -13.22
C LEU B 202 -27.04 -17.53 -12.32
N SER B 203 -28.06 -16.80 -11.87
CA SER B 203 -29.10 -17.37 -11.02
C SER B 203 -30.35 -17.79 -11.80
N SER B 204 -30.31 -17.73 -13.13
CA SER B 204 -31.42 -18.14 -13.97
C SER B 204 -31.04 -19.37 -14.79
N LYS B 205 -32.06 -20.07 -15.27
CA LYS B 205 -31.84 -21.23 -16.12
C LYS B 205 -31.57 -20.86 -17.57
N GLU B 206 -31.77 -19.60 -17.96
CA GLU B 206 -31.45 -19.18 -19.31
C GLU B 206 -29.98 -19.43 -19.63
N GLN B 207 -29.11 -19.40 -18.63
CA GLN B 207 -27.69 -19.60 -18.90
C GLN B 207 -27.41 -20.94 -19.56
N ASN B 208 -28.25 -21.95 -19.29
CA ASN B 208 -28.10 -23.26 -19.92
C ASN B 208 -28.68 -23.31 -21.31
N ASN B 209 -29.21 -22.20 -21.81
CA ASN B 209 -29.62 -22.08 -23.21
C ASN B 209 -28.38 -22.05 -24.08
N PRO B 210 -28.16 -23.04 -24.97
CA PRO B 210 -26.93 -23.04 -25.78
C PRO B 210 -26.80 -21.82 -26.68
N ALA B 211 -27.89 -21.10 -26.93
CA ALA B 211 -27.86 -19.98 -27.85
C ALA B 211 -26.92 -18.86 -27.40
N TRP B 212 -26.53 -18.85 -26.12
CA TRP B 212 -25.61 -17.82 -25.65
C TRP B 212 -24.15 -18.16 -25.92
N TRP B 213 -23.83 -19.42 -26.18
CA TRP B 213 -22.47 -19.94 -26.10
C TRP B 213 -21.96 -20.24 -27.50
N HIS B 214 -21.17 -19.33 -28.06
CA HIS B 214 -20.56 -19.51 -29.36
C HIS B 214 -19.14 -20.06 -29.19
N GLY B 215 -18.48 -20.32 -30.32
CA GLY B 215 -17.14 -20.88 -30.28
C GLY B 215 -17.15 -22.35 -29.96
N GLN B 216 -15.96 -22.88 -29.68
CA GLN B 216 -15.76 -24.30 -29.42
C GLN B 216 -14.93 -24.44 -28.15
N PRO B 217 -15.54 -24.78 -27.02
CA PRO B 217 -14.77 -24.94 -25.78
C PRO B 217 -13.80 -26.11 -25.88
N MET B 218 -12.80 -26.08 -25.02
CA MET B 218 -11.70 -27.03 -25.09
C MET B 218 -12.18 -28.46 -24.95
N TRP B 219 -13.16 -28.71 -24.06
CA TRP B 219 -13.60 -30.09 -23.87
C TRP B 219 -14.20 -30.70 -25.13
N LEU B 220 -14.90 -29.90 -25.94
CA LEU B 220 -15.40 -30.40 -27.22
C LEU B 220 -14.28 -30.49 -28.25
N THR B 221 -13.36 -29.53 -28.27
CA THR B 221 -12.19 -29.62 -29.13
C THR B 221 -11.50 -30.96 -28.92
N ALA B 222 -11.31 -31.35 -27.66
CA ALA B 222 -10.71 -32.64 -27.34
C ALA B 222 -11.62 -33.78 -27.78
N MET B 223 -12.89 -33.73 -27.38
CA MET B 223 -13.82 -34.82 -27.69
C MET B 223 -13.95 -35.02 -29.20
N TYR B 224 -14.08 -33.94 -29.96
CA TYR B 224 -14.20 -34.06 -31.40
C TYR B 224 -12.99 -34.74 -32.04
N GLN B 225 -11.86 -34.76 -31.34
CA GLN B 225 -10.63 -35.36 -31.87
C GLN B 225 -10.20 -36.58 -31.05
N GLY B 226 -11.14 -37.24 -30.37
CA GLY B 226 -10.91 -38.55 -29.80
C GLY B 226 -10.54 -38.60 -28.34
N LEU B 227 -10.49 -37.48 -27.64
CA LEU B 227 -10.09 -37.43 -26.24
C LEU B 227 -11.29 -37.10 -25.37
N LYS B 228 -11.63 -38.00 -24.46
CA LYS B 228 -12.70 -37.74 -23.51
C LYS B 228 -12.31 -36.63 -22.55
N ALA B 229 -13.33 -35.95 -22.01
CA ALA B 229 -13.13 -34.80 -21.14
C ALA B 229 -14.09 -34.89 -19.97
N ALA B 230 -13.57 -34.63 -18.78
CA ALA B 230 -14.37 -34.54 -17.56
C ALA B 230 -14.22 -33.15 -16.99
N THR B 231 -15.35 -32.53 -16.67
CA THR B 231 -15.38 -31.14 -16.21
C THR B 231 -16.02 -31.11 -14.83
N TYR B 232 -15.36 -30.46 -13.88
CA TYR B 232 -15.93 -30.29 -12.55
C TYR B 232 -16.22 -28.80 -12.31
N PHE B 233 -17.42 -28.38 -12.68
CA PHE B 233 -18.03 -27.08 -12.34
C PHE B 233 -17.57 -25.91 -13.21
N TRP B 234 -16.94 -26.15 -14.36
CA TRP B 234 -16.49 -25.03 -15.19
C TRP B 234 -17.68 -24.31 -15.82
N PRO B 235 -17.68 -22.97 -15.85
CA PRO B 235 -18.72 -22.26 -16.62
C PRO B 235 -18.82 -22.73 -18.06
N GLY B 236 -20.01 -23.16 -18.48
CA GLY B 236 -20.23 -23.69 -19.80
C GLY B 236 -20.29 -25.20 -19.87
N SER B 237 -19.71 -25.90 -18.89
CA SER B 237 -19.63 -27.35 -18.93
C SER B 237 -20.96 -28.02 -18.61
N GLU B 238 -21.91 -27.29 -18.03
CA GLU B 238 -23.26 -27.76 -17.81
C GLU B 238 -24.22 -27.26 -18.88
N VAL B 239 -23.69 -26.90 -20.04
CA VAL B 239 -24.48 -26.42 -21.18
C VAL B 239 -24.16 -27.32 -22.36
N ALA B 240 -25.19 -27.64 -23.15
CA ALA B 240 -25.01 -28.45 -24.36
C ALA B 240 -24.57 -27.55 -25.51
N ILE B 241 -23.34 -27.04 -25.37
CA ILE B 241 -22.78 -26.14 -26.37
C ILE B 241 -22.64 -26.89 -27.69
N ASN B 242 -23.14 -26.27 -28.76
CA ASN B 242 -23.15 -26.88 -30.09
C ASN B 242 -23.77 -28.28 -30.02
N GLY B 243 -24.66 -28.49 -29.05
CA GLY B 243 -25.42 -29.72 -28.93
C GLY B 243 -24.82 -30.80 -28.09
N SER B 244 -23.65 -30.58 -27.47
CA SER B 244 -22.95 -31.65 -26.77
C SER B 244 -22.48 -31.17 -25.40
N PHE B 245 -22.73 -32.00 -24.40
CA PHE B 245 -22.12 -31.86 -23.09
C PHE B 245 -20.72 -32.48 -23.09
N PRO B 246 -19.89 -32.16 -22.11
CA PRO B 246 -18.62 -32.88 -21.98
C PRO B 246 -18.88 -34.34 -21.65
N SER B 247 -17.87 -35.19 -21.91
CA SER B 247 -18.03 -36.62 -21.66
C SER B 247 -18.55 -36.87 -20.24
N ILE B 248 -18.03 -36.13 -19.27
CA ILE B 248 -18.49 -36.19 -17.89
C ILE B 248 -18.60 -34.76 -17.39
N TYR B 249 -19.70 -34.44 -16.74
CA TYR B 249 -19.84 -33.11 -16.15
C TYR B 249 -20.69 -33.22 -14.89
N MET B 250 -20.63 -32.16 -14.09
CA MET B 250 -21.21 -32.12 -12.76
C MET B 250 -22.18 -30.95 -12.68
N PRO B 251 -23.47 -31.18 -12.41
CA PRO B 251 -24.37 -30.04 -12.18
C PRO B 251 -23.87 -29.16 -11.04
N TYR B 252 -23.80 -27.86 -11.30
CA TYR B 252 -23.14 -26.97 -10.35
C TYR B 252 -23.84 -26.98 -9.00
N ASN B 253 -23.02 -27.02 -7.94
CA ASN B 253 -23.50 -26.93 -6.56
C ASN B 253 -22.35 -26.38 -5.73
N GLY B 254 -22.41 -25.07 -5.44
CA GLY B 254 -21.34 -24.42 -4.69
C GLY B 254 -21.16 -24.95 -3.27
N SER B 255 -22.11 -25.74 -2.77
CA SER B 255 -22.00 -26.27 -1.40
C SER B 255 -21.11 -27.50 -1.31
N VAL B 256 -20.68 -28.06 -2.43
CA VAL B 256 -19.85 -29.26 -2.43
C VAL B 256 -18.48 -28.89 -1.88
N PRO B 257 -18.02 -29.54 -0.81
CA PRO B 257 -16.68 -29.26 -0.29
C PRO B 257 -15.60 -29.48 -1.34
N PHE B 258 -14.54 -28.67 -1.24
CA PHE B 258 -13.46 -28.71 -2.22
C PHE B 258 -12.81 -30.10 -2.27
N GLU B 259 -12.62 -30.73 -1.10
CA GLU B 259 -11.97 -32.03 -1.06
C GLU B 259 -12.83 -33.12 -1.69
N GLU B 260 -14.15 -32.99 -1.63
CA GLU B 260 -15.02 -33.91 -2.36
C GLU B 260 -14.85 -33.75 -3.87
N ARG B 261 -14.69 -32.51 -4.34
CA ARG B 261 -14.45 -32.29 -5.77
C ARG B 261 -13.14 -32.93 -6.20
N ILE B 262 -12.07 -32.68 -5.45
CA ILE B 262 -10.77 -33.28 -5.75
C ILE B 262 -10.86 -34.81 -5.68
N SER B 263 -11.58 -35.32 -4.68
CA SER B 263 -11.75 -36.76 -4.59
C SER B 263 -12.39 -37.32 -5.88
N THR B 264 -13.36 -36.61 -6.44
CA THR B 264 -14.00 -37.07 -7.67
C THR B 264 -13.04 -37.02 -8.85
N LEU B 265 -12.20 -35.99 -8.90
CA LEU B 265 -11.21 -35.89 -9.96
C LEU B 265 -10.21 -37.02 -9.90
N LEU B 266 -9.84 -37.44 -8.69
CA LEU B 266 -8.92 -38.56 -8.52
C LEU B 266 -9.59 -39.88 -8.89
N LYS B 267 -10.88 -40.02 -8.62
CA LYS B 267 -11.62 -41.20 -9.07
C LYS B 267 -11.68 -41.26 -10.59
N TRP B 268 -11.90 -40.10 -11.24
CA TRP B 268 -11.89 -40.05 -12.70
C TRP B 268 -10.57 -40.57 -13.25
N LEU B 269 -9.45 -40.13 -12.67
CA LEU B 269 -8.14 -40.61 -13.10
C LEU B 269 -7.91 -42.08 -12.80
N ASP B 270 -8.75 -42.70 -11.98
CA ASP B 270 -8.68 -44.11 -11.65
C ASP B 270 -9.52 -44.97 -12.58
N LEU B 271 -10.14 -44.38 -13.59
CA LEU B 271 -11.00 -45.13 -14.51
C LEU B 271 -10.16 -46.00 -15.45
N PRO B 272 -10.75 -47.04 -16.02
CA PRO B 272 -10.02 -47.82 -17.02
C PRO B 272 -9.58 -46.96 -18.19
N LYS B 273 -8.47 -47.37 -18.81
CA LYS B 273 -7.91 -46.59 -19.92
C LYS B 273 -8.97 -46.23 -20.96
N ALA B 274 -9.84 -47.18 -21.29
CA ALA B 274 -10.81 -46.97 -22.36
C ALA B 274 -11.83 -45.90 -22.00
N GLU B 275 -12.09 -45.69 -20.70
CA GLU B 275 -13.08 -44.73 -20.24
C GLU B 275 -12.46 -43.50 -19.58
N ARG B 276 -11.14 -43.44 -19.49
CA ARG B 276 -10.51 -42.40 -18.70
C ARG B 276 -10.35 -41.13 -19.53
N PRO B 277 -10.80 -39.97 -19.03
CA PRO B 277 -10.57 -38.73 -19.77
C PRO B 277 -9.10 -38.39 -19.89
N ARG B 278 -8.78 -37.56 -20.89
CA ARG B 278 -7.46 -36.98 -21.04
C ARG B 278 -7.42 -35.48 -20.77
N PHE B 279 -8.57 -34.79 -20.76
CA PHE B 279 -8.63 -33.39 -20.38
C PHE B 279 -9.60 -33.23 -19.21
N TYR B 280 -9.18 -32.49 -18.19
CA TYR B 280 -9.97 -32.29 -16.99
C TYR B 280 -10.04 -30.81 -16.67
N THR B 281 -11.12 -30.40 -16.02
CA THR B 281 -11.21 -29.07 -15.45
C THR B 281 -11.69 -29.17 -14.00
N MET B 282 -11.21 -28.24 -13.19
CA MET B 282 -11.62 -28.13 -11.80
C MET B 282 -11.84 -26.66 -11.51
N TYR B 283 -12.86 -26.35 -10.72
CA TYR B 283 -13.23 -24.98 -10.43
C TYR B 283 -13.54 -24.85 -8.96
N PHE B 284 -12.91 -23.88 -8.30
CA PHE B 284 -13.24 -23.46 -6.95
C PHE B 284 -13.79 -22.04 -6.95
N GLU B 285 -14.77 -21.78 -6.06
CA GLU B 285 -15.31 -20.44 -5.88
C GLU B 285 -14.39 -19.54 -5.07
N GLU B 286 -13.47 -20.10 -4.29
CA GLU B 286 -12.53 -19.30 -3.51
C GLU B 286 -11.21 -19.11 -4.25
N PRO B 287 -10.49 -18.01 -3.96
CA PRO B 287 -10.81 -16.98 -2.93
C PRO B 287 -11.76 -15.86 -3.38
N ASP B 288 -12.53 -16.07 -4.44
CA ASP B 288 -13.42 -15.00 -4.90
C ASP B 288 -14.46 -14.65 -3.85
N SER B 289 -15.09 -15.67 -3.25
CA SER B 289 -16.19 -15.40 -2.32
C SER B 289 -15.72 -14.59 -1.13
N SER B 290 -14.55 -14.96 -0.58
CA SER B 290 -14.02 -14.25 0.58
C SER B 290 -13.50 -12.86 0.18
N GLY B 291 -12.92 -12.74 -1.01
CA GLY B 291 -12.48 -11.45 -1.50
C GLY B 291 -13.62 -10.45 -1.59
N HIS B 292 -14.78 -10.90 -2.07
CA HIS B 292 -15.97 -10.05 -2.06
C HIS B 292 -16.35 -9.66 -0.63
N ALA B 293 -16.43 -10.64 0.26
CA ALA B 293 -16.97 -10.41 1.59
C ALA B 293 -16.04 -9.57 2.45
N GLY B 294 -14.73 -9.75 2.31
CA GLY B 294 -13.78 -9.11 3.19
C GLY B 294 -12.80 -8.14 2.54
N GLY B 295 -12.77 -8.09 1.21
CA GLY B 295 -11.79 -7.29 0.52
C GLY B 295 -10.48 -8.05 0.37
N PRO B 296 -9.62 -7.63 -0.56
CA PRO B 296 -8.43 -8.44 -0.89
C PRO B 296 -7.37 -8.48 0.20
N VAL B 297 -7.36 -7.54 1.15
CA VAL B 297 -6.44 -7.57 2.27
C VAL B 297 -7.26 -7.82 3.52
N SER B 298 -7.48 -9.09 3.86
CA SER B 298 -8.38 -9.41 4.95
C SER B 298 -8.04 -10.79 5.49
N ALA B 299 -8.36 -10.99 6.77
CA ALA B 299 -8.20 -12.31 7.36
C ALA B 299 -9.02 -13.35 6.61
N ARG B 300 -10.18 -12.97 6.09
CA ARG B 300 -11.02 -13.92 5.37
C ARG B 300 -10.35 -14.40 4.09
N VAL B 301 -9.73 -13.51 3.33
CA VAL B 301 -8.99 -13.94 2.16
C VAL B 301 -7.83 -14.85 2.56
N ILE B 302 -7.14 -14.49 3.65
CA ILE B 302 -6.03 -15.31 4.16
C ILE B 302 -6.50 -16.73 4.40
N LYS B 303 -7.54 -16.88 5.23
CA LYS B 303 -8.08 -18.20 5.50
C LYS B 303 -8.52 -18.89 4.22
N ALA B 304 -9.14 -18.15 3.30
CA ALA B 304 -9.59 -18.75 2.05
C ALA B 304 -8.42 -19.27 1.23
N LEU B 305 -7.29 -18.55 1.23
CA LEU B 305 -6.13 -19.01 0.48
C LEU B 305 -5.55 -20.26 1.08
N GLN B 306 -5.61 -20.39 2.40
CA GLN B 306 -5.13 -21.61 3.04
C GLN B 306 -6.06 -22.78 2.74
N VAL B 307 -7.36 -22.50 2.61
CA VAL B 307 -8.33 -23.55 2.28
C VAL B 307 -8.06 -24.09 0.88
N VAL B 308 -7.93 -23.21 -0.10
CA VAL B 308 -7.72 -23.68 -1.46
C VAL B 308 -6.33 -24.28 -1.62
N ASP B 309 -5.34 -23.74 -0.92
CA ASP B 309 -4.01 -24.35 -0.99
C ASP B 309 -4.03 -25.76 -0.42
N HIS B 310 -4.79 -25.98 0.65
CA HIS B 310 -4.83 -27.30 1.27
C HIS B 310 -5.52 -28.32 0.35
N ALA B 311 -6.58 -27.89 -0.34
CA ALA B 311 -7.25 -28.79 -1.27
C ALA B 311 -6.42 -29.01 -2.53
N PHE B 312 -5.70 -27.98 -2.98
CA PHE B 312 -4.80 -28.21 -4.11
C PHE B 312 -3.71 -29.21 -3.74
N GLY B 313 -3.20 -29.11 -2.51
CA GLY B 313 -2.22 -30.07 -2.06
C GLY B 313 -2.76 -31.47 -1.97
N MET B 314 -4.04 -31.61 -1.59
CA MET B 314 -4.68 -32.91 -1.61
C MET B 314 -4.59 -33.55 -2.99
N LEU B 315 -4.90 -32.77 -4.03
CA LEU B 315 -4.78 -33.25 -5.41
C LEU B 315 -3.38 -33.76 -5.69
N MET B 316 -2.36 -32.98 -5.31
CA MET B 316 -0.99 -33.34 -5.65
C MET B 316 -0.52 -34.54 -4.85
N GLU B 317 -0.98 -34.68 -3.60
CA GLU B 317 -0.63 -35.88 -2.83
C GLU B 317 -1.27 -37.13 -3.42
N GLY B 318 -2.58 -37.06 -3.73
CA GLY B 318 -3.24 -38.19 -4.38
C GLY B 318 -2.62 -38.55 -5.73
N LEU B 319 -2.23 -37.53 -6.51
CA LEU B 319 -1.50 -37.79 -7.75
C LEU B 319 -0.21 -38.56 -7.48
N LYS B 320 0.53 -38.16 -6.44
CA LYS B 320 1.78 -38.82 -6.13
C LYS B 320 1.55 -40.23 -5.63
N GLN B 321 0.45 -40.46 -4.92
CA GLN B 321 0.03 -41.81 -4.57
C GLN B 321 -0.10 -42.69 -5.80
N ARG B 322 -0.53 -42.12 -6.92
CA ARG B 322 -0.72 -42.86 -8.16
C ARG B 322 0.49 -42.77 -9.08
N ASN B 323 1.59 -42.21 -8.60
CA ASN B 323 2.77 -41.92 -9.42
C ASN B 323 2.41 -41.11 -10.66
N LEU B 324 1.48 -40.16 -10.49
CA LEU B 324 1.07 -39.30 -11.59
C LEU B 324 1.51 -37.84 -11.43
N HIS B 325 2.11 -37.49 -10.29
CA HIS B 325 2.47 -36.09 -10.01
C HIS B 325 3.40 -35.52 -11.08
N ASN B 326 4.25 -36.35 -11.69
CA ASN B 326 5.12 -35.91 -12.78
C ASN B 326 4.63 -36.37 -14.14
N CYS B 327 3.40 -36.88 -14.23
CA CYS B 327 2.82 -37.30 -15.50
C CYS B 327 1.74 -36.36 -16.01
N VAL B 328 1.06 -35.68 -15.13
CA VAL B 328 -0.03 -34.79 -15.52
C VAL B 328 0.55 -33.43 -15.87
N ASN B 329 -0.06 -32.78 -16.87
CA ASN B 329 0.18 -31.37 -17.18
C ASN B 329 -0.93 -30.56 -16.52
N ILE B 330 -0.62 -29.92 -15.40
CA ILE B 330 -1.62 -29.19 -14.63
C ILE B 330 -1.37 -27.70 -14.79
N ILE B 331 -2.43 -26.95 -15.07
CA ILE B 331 -2.38 -25.50 -15.18
C ILE B 331 -3.28 -24.93 -14.08
N LEU B 332 -2.69 -24.16 -13.18
CA LEU B 332 -3.42 -23.47 -12.13
C LEU B 332 -3.48 -21.99 -12.47
N LEU B 333 -4.69 -21.47 -12.66
CA LEU B 333 -4.89 -20.08 -13.02
C LEU B 333 -6.15 -19.58 -12.33
N ALA B 334 -6.54 -18.35 -12.67
CA ALA B 334 -7.77 -17.74 -12.18
C ALA B 334 -8.41 -16.95 -13.31
N ASP B 335 -9.64 -16.49 -13.07
CA ASP B 335 -10.38 -15.72 -14.06
C ASP B 335 -10.03 -14.24 -14.02
N HIS B 336 -9.67 -13.73 -12.85
CA HIS B 336 -9.41 -12.32 -12.63
C HIS B 336 -8.91 -12.13 -11.20
N GLY B 337 -8.61 -10.89 -10.85
CA GLY B 337 -8.17 -10.54 -9.52
C GLY B 337 -9.29 -10.00 -8.67
N MET B 338 -8.95 -9.06 -7.80
CA MET B 338 -9.88 -8.53 -6.81
C MET B 338 -9.33 -7.21 -6.31
N ASP B 339 -10.19 -6.21 -6.22
CA ASP B 339 -9.82 -4.92 -5.66
C ASP B 339 -10.79 -4.58 -4.53
N GLN B 340 -10.49 -3.50 -3.84
CA GLN B 340 -11.29 -3.00 -2.73
C GLN B 340 -12.19 -1.87 -3.23
N THR B 341 -13.45 -1.88 -2.78
CA THR B 341 -14.37 -0.79 -3.05
C THR B 341 -14.65 -0.02 -1.77
N TYR B 342 -15.18 1.18 -1.93
CA TYR B 342 -15.52 2.04 -0.81
C TYR B 342 -16.85 2.71 -1.11
N CYS B 343 -17.66 2.91 -0.07
CA CYS B 343 -18.96 3.53 -0.25
C CYS B 343 -18.87 5.05 -0.40
N ASN B 344 -17.71 5.65 -0.12
CA ASN B 344 -17.47 7.05 -0.47
C ASN B 344 -16.86 7.20 -1.84
N LYS B 345 -16.66 6.10 -2.56
CA LYS B 345 -16.18 6.14 -3.94
C LYS B 345 -17.25 5.58 -4.87
N MET B 346 -18.43 6.19 -4.88
CA MET B 346 -19.53 5.78 -5.73
C MET B 346 -20.04 6.98 -6.50
N GLU B 347 -20.16 6.82 -7.82
CA GLU B 347 -20.76 7.83 -8.69
C GLU B 347 -22.21 7.46 -8.95
N TYR B 348 -23.08 8.47 -8.93
CA TYR B 348 -24.52 8.28 -9.04
C TYR B 348 -25.03 8.94 -10.31
N MET B 349 -25.83 8.21 -11.09
CA MET B 349 -26.39 8.78 -12.31
C MET B 349 -27.41 9.87 -12.03
N THR B 350 -28.05 9.85 -10.85
CA THR B 350 -28.93 10.94 -10.46
C THR B 350 -28.23 12.30 -10.44
N ASP B 351 -26.90 12.31 -10.44
CA ASP B 351 -26.13 13.55 -10.45
C ASP B 351 -25.86 14.06 -11.86
N TYR B 352 -26.33 13.35 -12.89
CA TYR B 352 -26.11 13.75 -14.28
C TYR B 352 -27.38 13.75 -15.12
N PHE B 353 -28.49 13.23 -14.61
CA PHE B 353 -29.75 13.21 -15.32
C PHE B 353 -30.87 13.65 -14.39
N PRO B 354 -31.78 14.51 -14.85
CA PRO B 354 -32.95 14.84 -14.02
C PRO B 354 -33.90 13.67 -13.86
N ARG B 355 -33.96 12.78 -14.84
CA ARG B 355 -34.84 11.61 -14.80
C ARG B 355 -34.06 10.43 -15.35
N ILE B 356 -33.96 9.35 -14.56
CA ILE B 356 -33.23 8.15 -14.95
C ILE B 356 -34.15 6.95 -15.12
N ASN B 357 -35.46 7.16 -15.06
CA ASN B 357 -36.42 6.06 -15.12
C ASN B 357 -36.50 5.45 -16.51
N PHE B 358 -36.02 6.15 -17.54
CA PHE B 358 -36.19 5.72 -18.92
C PHE B 358 -35.08 4.82 -19.42
N PHE B 359 -34.13 4.45 -18.56
CA PHE B 359 -33.06 3.53 -18.96
C PHE B 359 -32.81 2.52 -17.85
N TYR B 360 -32.19 1.41 -18.24
CA TYR B 360 -31.73 0.38 -17.32
C TYR B 360 -30.22 0.41 -17.28
N MET B 361 -29.65 0.15 -16.11
CA MET B 361 -28.21 0.24 -15.89
C MET B 361 -27.70 -1.06 -15.28
N TYR B 362 -26.75 -1.70 -15.96
CA TYR B 362 -25.91 -2.70 -15.31
C TYR B 362 -24.87 -1.94 -14.50
N GLU B 363 -24.87 -2.13 -13.20
CA GLU B 363 -24.14 -1.26 -12.29
C GLU B 363 -22.83 -1.89 -11.84
N GLY B 364 -21.92 -1.02 -11.40
CA GLY B 364 -20.72 -1.45 -10.70
C GLY B 364 -19.43 -1.03 -11.38
N PRO B 365 -18.48 -1.96 -11.49
CA PRO B 365 -17.17 -1.62 -12.06
C PRO B 365 -17.13 -1.51 -13.59
N ALA B 366 -18.08 -2.08 -14.30
CA ALA B 366 -18.09 -2.06 -15.77
C ALA B 366 -19.52 -1.90 -16.25
N PRO B 367 -20.11 -0.73 -16.05
CA PRO B 367 -21.55 -0.59 -16.28
C PRO B 367 -21.90 -0.34 -17.73
N ARG B 368 -23.17 -0.61 -18.02
CA ARG B 368 -23.77 -0.36 -19.33
C ARG B 368 -25.16 0.22 -19.12
N ILE B 369 -25.63 1.00 -20.09
CA ILE B 369 -26.96 1.59 -20.06
C ILE B 369 -27.71 1.21 -21.33
N ARG B 370 -28.95 0.78 -21.17
CA ARG B 370 -29.80 0.42 -22.30
C ARG B 370 -31.20 0.98 -22.05
N ALA B 371 -32.06 0.85 -23.06
CA ALA B 371 -33.44 1.25 -22.91
C ALA B 371 -34.11 0.47 -21.78
N HIS B 372 -34.94 1.17 -21.01
CA HIS B 372 -35.75 0.46 -20.01
C HIS B 372 -36.82 -0.40 -20.67
N ASN B 373 -37.38 0.08 -21.77
CA ASN B 373 -38.45 -0.63 -22.47
C ASN B 373 -37.82 -1.48 -23.56
N ILE B 374 -37.60 -2.76 -23.24
CA ILE B 374 -37.03 -3.72 -24.18
C ILE B 374 -38.06 -4.78 -24.55
N PRO B 375 -38.04 -5.23 -25.82
CA PRO B 375 -37.11 -4.84 -26.88
C PRO B 375 -37.58 -3.62 -27.69
N HIS B 376 -38.69 -3.00 -27.29
CA HIS B 376 -39.32 -2.00 -28.13
C HIS B 376 -38.36 -0.85 -28.43
N ASP B 377 -37.71 -0.31 -27.41
CA ASP B 377 -36.84 0.84 -27.57
C ASP B 377 -35.36 0.48 -27.64
N PHE B 378 -35.03 -0.79 -27.84
CA PHE B 378 -33.63 -1.20 -27.78
C PHE B 378 -32.80 -0.47 -28.83
N PHE B 379 -33.24 -0.47 -30.08
CA PHE B 379 -32.51 0.22 -31.14
C PHE B 379 -32.87 1.69 -31.24
N SER B 380 -34.05 2.10 -30.77
CA SER B 380 -34.41 3.52 -30.82
C SER B 380 -33.65 4.32 -29.78
N PHE B 381 -33.31 3.71 -28.65
CA PHE B 381 -32.60 4.38 -27.56
C PHE B 381 -31.50 5.28 -28.11
N ASN B 382 -31.46 6.52 -27.61
CA ASN B 382 -30.47 7.50 -28.07
C ASN B 382 -29.22 7.35 -27.22
N SER B 383 -28.39 6.37 -27.61
CA SER B 383 -27.16 6.09 -26.88
C SER B 383 -26.14 7.23 -27.04
N GLU B 384 -26.18 7.94 -28.17
CA GLU B 384 -25.28 9.07 -28.36
C GLU B 384 -25.55 10.15 -27.32
N GLU B 385 -26.83 10.52 -27.17
CA GLU B 385 -27.20 11.56 -26.21
C GLU B 385 -26.76 11.19 -24.80
N ILE B 386 -26.97 9.93 -24.41
CA ILE B 386 -26.59 9.47 -23.07
C ILE B 386 -25.10 9.71 -22.84
N VAL B 387 -24.27 9.25 -23.77
CA VAL B 387 -22.81 9.42 -23.61
C VAL B 387 -22.45 10.89 -23.56
N ARG B 388 -23.09 11.69 -24.41
CA ARG B 388 -22.81 13.12 -24.45
C ARG B 388 -23.20 13.81 -23.15
N ASN B 389 -24.37 13.46 -22.60
CA ASN B 389 -24.82 14.04 -21.34
C ASN B 389 -23.99 13.61 -20.15
N LEU B 390 -23.08 12.65 -20.32
CA LEU B 390 -22.21 12.19 -19.24
C LEU B 390 -20.76 12.59 -19.42
N SER B 391 -20.42 13.30 -20.50
CA SER B 391 -19.05 13.61 -20.83
C SER B 391 -18.65 14.96 -20.23
N CYS B 392 -17.48 14.98 -19.58
CA CYS B 392 -16.88 16.22 -19.11
C CYS B 392 -17.89 17.05 -18.31
N ARG B 393 -18.63 16.37 -17.44
CA ARG B 393 -19.62 17.02 -16.59
C ARG B 393 -19.02 17.56 -15.30
N LYS B 394 -17.94 16.96 -14.82
CA LYS B 394 -17.23 17.42 -13.64
C LYS B 394 -15.74 17.28 -13.90
N PRO B 395 -14.92 18.23 -13.44
CA PRO B 395 -13.48 18.12 -13.72
C PRO B 395 -12.86 16.86 -13.15
N ASP B 396 -13.41 16.33 -12.07
CA ASP B 396 -12.81 15.19 -11.36
C ASP B 396 -13.70 13.94 -11.41
N GLN B 397 -14.63 13.86 -12.36
CA GLN B 397 -15.52 12.69 -12.41
C GLN B 397 -14.70 11.43 -12.62
N HIS B 398 -15.16 10.35 -11.99
CA HIS B 398 -14.36 9.13 -11.83
C HIS B 398 -14.79 8.03 -12.78
N PHE B 399 -15.23 8.43 -13.98
CA PHE B 399 -15.57 7.50 -15.05
C PHE B 399 -15.63 8.31 -16.33
N LYS B 400 -15.39 7.64 -17.46
CA LYS B 400 -15.49 8.26 -18.76
C LYS B 400 -16.50 7.51 -19.61
N PRO B 401 -17.55 8.15 -20.12
CA PRO B 401 -18.49 7.46 -20.99
C PRO B 401 -17.92 7.26 -22.40
N TYR B 402 -18.35 6.16 -23.02
CA TYR B 402 -17.95 5.82 -24.36
C TYR B 402 -19.12 5.19 -25.09
N LEU B 403 -19.27 5.52 -26.37
CA LEU B 403 -19.89 4.60 -27.30
C LEU B 403 -18.89 3.48 -27.60
N THR B 404 -19.38 2.24 -27.63
CA THR B 404 -18.46 1.11 -27.64
C THR B 404 -17.48 1.10 -28.82
N PRO B 405 -17.79 1.64 -30.01
CA PRO B 405 -16.75 1.76 -31.03
C PRO B 405 -15.66 2.76 -30.69
N ASP B 406 -15.91 3.64 -29.70
CA ASP B 406 -14.91 4.60 -29.27
C ASP B 406 -14.00 4.04 -28.18
N LEU B 407 -14.34 2.89 -27.61
CA LEU B 407 -13.52 2.31 -26.55
C LEU B 407 -12.13 1.96 -27.07
N PRO B 408 -11.11 1.96 -26.20
CA PRO B 408 -9.78 1.52 -26.61
C PRO B 408 -9.82 0.18 -27.35
N LYS B 409 -9.20 0.16 -28.52
CA LYS B 409 -9.34 -0.98 -29.43
C LYS B 409 -8.75 -2.25 -28.85
N ARG B 410 -7.79 -2.14 -27.92
CA ARG B 410 -7.19 -3.33 -27.31
C ARG B 410 -8.19 -4.10 -26.44
N LEU B 411 -9.29 -3.46 -26.02
CA LEU B 411 -10.27 -4.16 -25.19
C LEU B 411 -11.09 -5.15 -26.01
N HIS B 412 -11.27 -4.88 -27.30
CA HIS B 412 -12.02 -5.76 -28.20
C HIS B 412 -13.42 -6.02 -27.65
N TYR B 413 -14.12 -4.95 -27.29
CA TYR B 413 -15.38 -5.05 -26.55
C TYR B 413 -16.45 -4.18 -27.19
N ALA B 414 -16.84 -4.52 -28.42
CA ALA B 414 -17.85 -3.73 -29.12
C ALA B 414 -18.74 -4.55 -30.03
N LYS B 415 -18.17 -5.55 -30.71
CA LYS B 415 -18.84 -6.21 -31.84
C LYS B 415 -19.71 -7.37 -31.37
N ASN B 416 -20.84 -7.01 -30.77
CA ASN B 416 -21.84 -7.98 -30.32
C ASN B 416 -23.09 -7.21 -29.90
N VAL B 417 -24.26 -7.62 -30.42
CA VAL B 417 -25.50 -6.91 -30.08
C VAL B 417 -25.77 -6.94 -28.59
N ARG B 418 -25.21 -7.92 -27.87
CA ARG B 418 -25.38 -7.99 -26.42
C ARG B 418 -24.58 -6.92 -25.70
N ILE B 419 -23.57 -6.35 -26.34
CA ILE B 419 -22.78 -5.25 -25.77
C ILE B 419 -23.53 -3.96 -26.07
N ASP B 420 -24.20 -3.41 -25.06
CA ASP B 420 -24.94 -2.18 -25.23
C ASP B 420 -24.00 -1.04 -25.63
N LYS B 421 -24.52 -0.12 -26.44
CA LYS B 421 -23.67 0.91 -27.04
C LYS B 421 -23.12 1.87 -25.98
N VAL B 422 -23.87 2.12 -24.90
CA VAL B 422 -23.41 3.01 -23.85
C VAL B 422 -22.54 2.23 -22.88
N HIS B 423 -21.28 2.64 -22.75
CA HIS B 423 -20.38 2.06 -21.78
C HIS B 423 -19.74 3.15 -20.93
N LEU B 424 -19.47 2.82 -19.66
CA LEU B 424 -18.74 3.70 -18.77
C LEU B 424 -17.47 2.97 -18.30
N PHE B 425 -16.34 3.63 -18.47
CA PHE B 425 -15.04 3.10 -18.06
C PHE B 425 -14.71 3.74 -16.71
N VAL B 426 -14.76 2.94 -15.64
CA VAL B 426 -14.70 3.47 -14.27
C VAL B 426 -13.25 3.44 -13.77
N ASP B 427 -12.91 4.40 -12.93
CA ASP B 427 -11.57 4.52 -12.37
C ASP B 427 -11.36 3.48 -11.27
N GLN B 428 -10.09 3.26 -10.94
CA GLN B 428 -9.71 2.26 -9.94
C GLN B 428 -10.47 2.48 -8.64
N GLN B 429 -11.06 1.41 -8.12
CA GLN B 429 -11.68 1.35 -6.79
C GLN B 429 -12.98 2.13 -6.70
N TRP B 430 -13.49 2.66 -7.81
CA TRP B 430 -14.74 3.39 -7.82
C TRP B 430 -15.87 2.50 -8.35
N LEU B 431 -17.10 2.94 -8.13
CA LEU B 431 -18.29 2.26 -8.61
C LEU B 431 -19.24 3.29 -9.20
N ALA B 432 -20.08 2.83 -10.13
CA ALA B 432 -21.07 3.68 -10.78
C ALA B 432 -22.43 2.99 -10.70
N VAL B 433 -23.39 3.66 -10.08
CA VAL B 433 -24.72 3.11 -9.85
C VAL B 433 -25.76 4.12 -10.28
N ARG B 434 -27.03 3.71 -10.19
CA ARG B 434 -28.14 4.55 -10.65
C ARG B 434 -28.42 5.69 -9.66
N SER B 435 -28.65 5.36 -8.40
CA SER B 435 -29.06 6.33 -7.39
C SER B 435 -28.26 6.08 -6.11
N LYS B 436 -28.49 6.94 -5.13
CA LYS B 436 -27.85 6.79 -3.83
C LYS B 436 -28.46 5.65 -3.02
N SER B 437 -29.44 4.93 -3.58
CA SER B 437 -30.03 3.79 -2.91
C SER B 437 -29.16 2.54 -3.02
N ASN B 438 -28.34 2.43 -4.07
CA ASN B 438 -27.48 1.27 -4.23
C ASN B 438 -26.41 1.26 -3.13
N THR B 439 -26.14 0.07 -2.60
CA THR B 439 -25.21 -0.08 -1.48
C THR B 439 -24.22 -1.22 -1.67
N ASN B 440 -24.15 -1.81 -2.86
CA ASN B 440 -23.20 -2.88 -3.13
C ASN B 440 -21.77 -2.32 -3.11
N CYS B 441 -21.32 -1.88 -1.94
CA CYS B 441 -20.02 -1.25 -1.77
C CYS B 441 -19.43 -1.64 -0.42
N GLY B 442 -18.16 -1.28 -0.22
CA GLY B 442 -17.46 -1.57 1.01
C GLY B 442 -16.68 -2.87 1.00
N GLY B 443 -17.11 -3.83 0.18
CA GLY B 443 -16.40 -5.09 0.04
C GLY B 443 -15.51 -5.10 -1.19
N GLY B 444 -14.95 -6.28 -1.46
CA GLY B 444 -14.16 -6.46 -2.67
C GLY B 444 -15.03 -6.62 -3.89
N ASN B 445 -14.50 -6.21 -5.04
CA ASN B 445 -15.20 -6.43 -6.30
C ASN B 445 -14.20 -6.43 -7.45
N HIS B 446 -14.70 -6.78 -8.62
CA HIS B 446 -13.89 -6.88 -9.82
C HIS B 446 -14.77 -6.57 -11.02
N GLY B 447 -14.15 -6.56 -12.19
CA GLY B 447 -14.82 -6.16 -13.41
C GLY B 447 -14.17 -4.99 -14.10
N TYR B 448 -13.28 -4.26 -13.42
CA TYR B 448 -12.60 -3.10 -13.96
C TYR B 448 -11.68 -3.43 -15.13
N ASN B 449 -11.04 -2.38 -15.66
CA ASN B 449 -10.05 -2.51 -16.72
C ASN B 449 -9.06 -3.63 -16.41
N ASN B 450 -8.84 -4.50 -17.40
CA ASN B 450 -7.95 -5.65 -17.25
C ASN B 450 -6.49 -5.25 -17.07
N GLU B 451 -6.15 -3.98 -17.27
CA GLU B 451 -4.80 -3.49 -17.06
C GLU B 451 -4.53 -3.07 -15.62
N PHE B 452 -5.57 -2.77 -14.83
CA PHE B 452 -5.39 -2.52 -13.41
C PHE B 452 -4.69 -3.72 -12.77
N ARG B 453 -3.66 -3.44 -11.97
CA ARG B 453 -2.86 -4.51 -11.39
C ARG B 453 -3.68 -5.40 -10.49
N SER B 454 -4.66 -4.83 -9.78
CA SER B 454 -5.53 -5.62 -8.91
C SER B 454 -6.35 -6.64 -9.68
N MET B 455 -6.58 -6.41 -10.98
CA MET B 455 -7.39 -7.31 -11.78
C MET B 455 -6.60 -8.43 -12.42
N GLU B 456 -5.28 -8.45 -12.26
CA GLU B 456 -4.45 -9.50 -12.85
C GLU B 456 -4.61 -10.80 -12.07
N ALA B 457 -4.52 -11.90 -12.80
CA ALA B 457 -4.74 -13.24 -12.28
C ALA B 457 -3.43 -14.02 -12.24
N ILE B 458 -3.48 -15.20 -11.63
CA ILE B 458 -2.33 -16.08 -11.57
C ILE B 458 -2.33 -17.00 -12.77
N PHE B 459 -1.14 -17.46 -13.14
CA PHE B 459 -0.96 -18.60 -14.04
C PHE B 459 0.27 -19.36 -13.59
N LEU B 460 0.08 -20.62 -13.20
CA LEU B 460 1.15 -21.54 -12.89
C LEU B 460 0.91 -22.85 -13.63
N ALA B 461 1.98 -23.54 -13.97
CA ALA B 461 1.88 -24.82 -14.67
C ALA B 461 2.98 -25.74 -14.18
N HIS B 462 2.83 -27.03 -14.49
CA HIS B 462 3.82 -28.04 -14.11
C HIS B 462 3.48 -29.36 -14.79
N GLY B 463 4.47 -29.97 -15.42
CA GLY B 463 4.27 -31.27 -16.05
C GLY B 463 5.38 -31.64 -17.01
N PRO B 464 5.33 -32.88 -17.50
CA PRO B 464 6.42 -33.34 -18.39
C PRO B 464 6.57 -32.49 -19.64
N SER B 465 5.52 -31.83 -20.10
CA SER B 465 5.62 -31.00 -21.29
C SER B 465 6.08 -29.58 -21.00
N PHE B 466 6.07 -29.16 -19.74
CA PHE B 466 6.43 -27.80 -19.37
C PHE B 466 7.91 -27.72 -18.95
N LYS B 467 8.45 -26.52 -19.09
CA LYS B 467 9.76 -26.21 -18.54
C LYS B 467 9.70 -26.10 -17.02
N GLU B 468 10.84 -26.32 -16.39
CA GLU B 468 10.95 -26.37 -14.93
C GLU B 468 11.55 -25.07 -14.39
N LYS B 469 11.13 -24.73 -13.17
CA LYS B 469 11.75 -23.64 -12.40
C LYS B 469 11.94 -22.39 -13.26
N THR B 470 10.93 -22.07 -14.03
CA THR B 470 11.00 -20.96 -14.98
C THR B 470 9.96 -19.91 -14.64
N GLU B 471 10.36 -18.65 -14.70
CA GLU B 471 9.45 -17.52 -14.65
C GLU B 471 9.37 -16.92 -16.04
N VAL B 472 8.13 -16.69 -16.51
CA VAL B 472 7.91 -16.08 -17.81
C VAL B 472 7.20 -14.74 -17.63
N GLU B 473 7.27 -13.93 -18.68
CA GLU B 473 6.65 -12.62 -18.68
C GLU B 473 5.13 -12.78 -18.71
N PRO B 474 4.41 -11.72 -18.39
CA PRO B 474 2.93 -11.79 -18.45
C PRO B 474 2.44 -12.12 -19.84
N PHE B 475 1.31 -12.82 -19.90
CA PHE B 475 0.57 -13.05 -21.12
C PHE B 475 -0.92 -13.03 -20.80
N GLU B 476 -1.74 -13.16 -21.85
CA GLU B 476 -3.18 -13.00 -21.77
C GLU B 476 -3.89 -14.36 -21.84
N ASN B 477 -5.05 -14.43 -21.16
CA ASN B 477 -5.76 -15.70 -21.04
C ASN B 477 -6.24 -16.25 -22.39
N ILE B 478 -6.39 -15.41 -23.40
CA ILE B 478 -6.79 -15.87 -24.72
C ILE B 478 -5.76 -16.79 -25.36
N GLU B 479 -4.55 -16.88 -24.81
CA GLU B 479 -3.48 -17.70 -25.38
C GLU B 479 -3.46 -19.12 -24.83
N VAL B 480 -4.20 -19.39 -23.75
CA VAL B 480 -4.13 -20.69 -23.08
C VAL B 480 -4.77 -21.79 -23.92
N TYR B 481 -5.81 -21.47 -24.69
CA TYR B 481 -6.48 -22.48 -25.51
C TYR B 481 -5.50 -23.15 -26.46
N ASN B 482 -4.69 -22.36 -27.18
CA ASN B 482 -3.70 -22.92 -28.10
C ASN B 482 -2.68 -23.77 -27.35
N LEU B 483 -2.33 -23.37 -26.13
CA LEU B 483 -1.38 -24.13 -25.33
C LEU B 483 -1.93 -25.49 -24.97
N MET B 484 -3.19 -25.55 -24.55
CA MET B 484 -3.78 -26.83 -24.17
C MET B 484 -3.93 -27.74 -25.37
N CYS B 485 -4.24 -27.19 -26.54
CA CYS B 485 -4.27 -28.00 -27.74
C CYS B 485 -2.89 -28.56 -28.04
N ASP B 486 -1.85 -27.76 -27.84
CA ASP B 486 -0.49 -28.28 -28.00
C ASP B 486 -0.21 -29.40 -27.01
N LEU B 487 -0.66 -29.24 -25.76
CA LEU B 487 -0.37 -30.25 -24.74
C LEU B 487 -1.01 -31.58 -25.08
N LEU B 488 -2.22 -31.57 -25.64
CA LEU B 488 -2.90 -32.77 -26.09
C LEU B 488 -2.57 -33.13 -27.53
N ARG B 489 -1.74 -32.34 -28.21
CA ARG B 489 -1.31 -32.66 -29.57
C ARG B 489 -2.49 -32.73 -30.53
N ILE B 490 -3.47 -31.85 -30.33
CA ILE B 490 -4.62 -31.78 -31.23
C ILE B 490 -4.63 -30.40 -31.89
N GLN B 491 -5.58 -30.19 -32.78
CA GLN B 491 -5.67 -28.94 -33.51
C GLN B 491 -6.70 -28.02 -32.88
N PRO B 492 -6.39 -26.72 -32.73
CA PRO B 492 -7.36 -25.81 -32.12
C PRO B 492 -8.35 -25.22 -33.14
N ALA B 493 -9.57 -25.00 -32.66
CA ALA B 493 -10.54 -24.28 -33.44
C ALA B 493 -10.06 -22.84 -33.63
N PRO B 494 -10.55 -22.14 -34.65
CA PRO B 494 -10.08 -20.77 -34.88
C PRO B 494 -10.34 -19.90 -33.65
N ASN B 495 -9.34 -19.11 -33.27
CA ASN B 495 -9.44 -18.32 -32.05
C ASN B 495 -8.52 -17.11 -32.15
N ASN B 496 -8.45 -16.35 -31.05
CA ASN B 496 -7.76 -15.06 -31.03
C ASN B 496 -6.40 -15.13 -30.35
N GLY B 497 -5.98 -16.32 -29.92
CA GLY B 497 -4.60 -16.49 -29.53
C GLY B 497 -3.68 -16.41 -30.73
N THR B 498 -2.40 -16.23 -30.44
CA THR B 498 -1.35 -16.23 -31.45
C THR B 498 -0.54 -17.51 -31.24
N HIS B 499 -0.73 -18.45 -32.15
CA HIS B 499 -0.23 -19.81 -31.94
C HIS B 499 1.29 -19.83 -32.06
N GLY B 500 1.96 -20.19 -30.96
CA GLY B 500 3.41 -20.14 -30.86
C GLY B 500 3.92 -19.12 -29.87
N SER B 501 3.08 -18.14 -29.49
CA SER B 501 3.53 -17.10 -28.58
C SER B 501 3.80 -17.62 -27.18
N LEU B 502 3.32 -18.83 -26.84
CA LEU B 502 3.62 -19.47 -25.56
C LEU B 502 4.50 -20.70 -25.71
N ASN B 503 5.18 -20.85 -26.84
CA ASN B 503 6.08 -21.98 -27.04
C ASN B 503 7.20 -21.98 -26.02
N HIS B 504 7.58 -20.82 -25.48
CA HIS B 504 8.67 -20.76 -24.52
C HIS B 504 8.30 -21.38 -23.17
N LEU B 505 7.05 -21.80 -22.99
CA LEU B 505 6.65 -22.56 -21.80
C LEU B 505 6.85 -24.05 -21.96
N LEU B 506 7.13 -24.53 -23.17
CA LEU B 506 7.14 -25.95 -23.48
C LEU B 506 8.56 -26.43 -23.70
N LYS B 507 8.87 -27.61 -23.14
CA LYS B 507 10.17 -28.23 -23.42
C LYS B 507 10.35 -28.43 -24.92
N VAL B 508 9.34 -29.00 -25.57
CA VAL B 508 9.37 -29.27 -27.01
C VAL B 508 8.07 -28.78 -27.65
N PRO B 509 8.04 -27.59 -28.24
CA PRO B 509 6.80 -27.11 -28.87
C PRO B 509 6.20 -28.10 -29.85
N PHE B 510 4.87 -28.21 -29.80
CA PHE B 510 4.14 -29.05 -30.75
C PHE B 510 3.89 -28.32 -32.06
N TYR B 511 3.62 -27.02 -31.99
CA TYR B 511 3.40 -26.18 -33.16
C TYR B 511 4.57 -25.22 -33.30
N GLU B 512 5.19 -25.22 -34.48
CA GLU B 512 6.30 -24.33 -34.77
C GLU B 512 5.83 -23.25 -35.74
N PRO B 513 5.70 -22.00 -35.29
CA PRO B 513 5.20 -20.96 -36.20
C PRO B 513 6.22 -20.58 -37.25
N SER B 514 5.73 -20.01 -38.33
CA SER B 514 6.57 -19.53 -39.42
C SER B 514 6.16 -18.10 -39.78
N HIS B 515 6.98 -17.47 -40.61
CA HIS B 515 6.65 -16.12 -41.07
C HIS B 515 5.43 -16.16 -41.98
N ALA B 516 4.54 -15.19 -41.80
CA ALA B 516 3.41 -15.03 -42.70
C ALA B 516 3.90 -14.65 -44.10
N GLU B 517 3.29 -15.24 -45.11
CA GLU B 517 3.68 -15.01 -46.49
C GLU B 517 2.93 -13.80 -47.05
N GLU B 518 3.68 -12.84 -47.60
CA GLU B 518 3.05 -11.65 -48.16
C GLU B 518 2.08 -12.04 -49.27
N VAL B 519 0.90 -11.42 -49.24
CA VAL B 519 -0.18 -11.77 -50.16
C VAL B 519 -0.20 -10.84 -51.37
N SER B 520 -0.06 -9.54 -51.16
CA SER B 520 -0.05 -8.55 -52.23
C SER B 520 1.39 -8.09 -52.42
N LYS B 521 2.05 -8.61 -53.46
CA LYS B 521 3.43 -8.26 -53.71
C LYS B 521 3.54 -6.82 -54.19
N PHE B 522 4.53 -6.10 -53.67
CA PHE B 522 4.68 -4.69 -54.00
C PHE B 522 5.04 -4.52 -55.47
N SER B 523 4.46 -3.49 -56.08
CA SER B 523 4.87 -3.05 -57.40
C SER B 523 5.93 -1.97 -57.23
N VAL B 524 6.25 -1.25 -58.31
CA VAL B 524 7.35 -0.30 -58.31
C VAL B 524 6.81 1.07 -58.68
N CYS B 525 7.36 2.11 -58.06
CA CYS B 525 7.03 3.51 -58.34
C CYS B 525 8.34 4.21 -58.67
N GLY B 526 8.73 4.16 -59.94
CA GLY B 526 9.99 4.73 -60.36
C GLY B 526 9.92 6.24 -60.59
N PHE B 527 11.08 6.87 -60.47
CA PHE B 527 11.21 8.32 -60.63
C PHE B 527 11.57 8.63 -62.09
N ALA B 528 10.56 8.46 -62.95
CA ALA B 528 10.79 8.61 -64.39
C ALA B 528 11.00 10.07 -64.78
N ASN B 529 10.22 10.98 -64.20
CA ASN B 529 10.25 12.38 -64.58
C ASN B 529 10.37 13.26 -63.34
N PRO B 530 11.27 14.26 -63.33
CA PRO B 530 11.38 15.12 -62.15
C PRO B 530 10.29 16.17 -62.04
N LEU B 531 9.52 16.44 -63.14
CA LEU B 531 8.46 17.44 -63.09
C LEU B 531 7.09 16.78 -62.91
N PRO B 532 6.12 17.50 -62.34
CA PRO B 532 4.78 16.91 -62.18
C PRO B 532 3.82 17.34 -63.27
N THR B 533 3.09 16.38 -63.85
CA THR B 533 2.18 16.71 -64.94
C THR B 533 0.97 17.50 -64.46
N GLU B 534 0.55 17.30 -63.21
CA GLU B 534 -0.58 18.03 -62.64
C GLU B 534 -0.18 18.72 -61.36
N SER B 535 -0.71 19.92 -61.15
CA SER B 535 -0.42 20.67 -59.92
C SER B 535 -1.16 20.09 -58.72
N LEU B 536 -2.26 19.38 -58.96
CA LEU B 536 -3.08 18.80 -57.88
C LEU B 536 -3.65 19.87 -56.96
N ASP B 537 -3.74 21.11 -57.45
CA ASP B 537 -4.34 22.20 -56.71
C ASP B 537 -3.54 22.53 -55.45
N CYS B 538 -2.24 22.23 -55.48
CA CYS B 538 -1.34 22.47 -54.34
C CYS B 538 -0.39 23.61 -54.69
N PHE B 539 -0.25 24.56 -53.78
CA PHE B 539 0.52 25.78 -54.01
C PHE B 539 1.59 25.93 -52.95
N CYS B 540 2.82 26.20 -53.39
CA CYS B 540 3.96 26.50 -52.52
C CYS B 540 4.65 27.73 -53.11
N PRO B 541 4.11 28.92 -52.86
CA PRO B 541 4.72 30.13 -53.43
C PRO B 541 6.19 30.30 -53.08
N HIS B 542 6.67 29.63 -52.03
CA HIS B 542 8.10 29.64 -51.72
C HIS B 542 8.93 29.35 -52.95
N LEU B 543 8.46 28.44 -53.80
CA LEU B 543 9.19 28.01 -54.99
C LEU B 543 8.60 28.75 -56.19
N GLN B 544 9.13 29.94 -56.46
CA GLN B 544 8.65 30.75 -57.58
C GLN B 544 9.18 30.21 -58.91
N ASN B 545 10.50 30.09 -59.04
CA ASN B 545 11.09 29.67 -60.29
C ASN B 545 10.70 28.24 -60.61
N SER B 546 10.81 27.90 -61.91
CA SER B 546 10.56 26.54 -62.35
C SER B 546 11.74 25.63 -62.00
N THR B 547 12.96 26.10 -62.24
CA THR B 547 14.15 25.34 -61.85
C THR B 547 14.16 25.12 -60.34
N GLN B 548 13.76 26.14 -59.57
CA GLN B 548 13.70 26.00 -58.12
C GLN B 548 12.81 24.82 -57.72
N LEU B 549 11.79 24.51 -58.52
CA LEU B 549 10.89 23.41 -58.19
C LEU B 549 11.48 22.06 -58.60
N GLU B 550 12.16 22.00 -59.74
CA GLU B 550 12.74 20.74 -60.19
C GLU B 550 13.88 20.30 -59.28
N GLN B 551 14.71 21.25 -58.83
CA GLN B 551 15.84 20.90 -57.98
C GLN B 551 15.37 20.34 -56.64
N VAL B 552 14.33 20.93 -56.05
CA VAL B 552 13.76 20.38 -54.82
C VAL B 552 13.25 18.97 -55.07
N ASN B 553 12.61 18.74 -56.21
CA ASN B 553 12.07 17.41 -56.51
C ASN B 553 13.16 16.41 -56.86
N GLN B 554 14.34 16.89 -57.25
CA GLN B 554 15.46 15.97 -57.50
C GLN B 554 15.91 15.28 -56.22
N MET B 555 15.60 15.84 -55.05
CA MET B 555 15.93 15.18 -53.79
C MET B 555 15.27 13.82 -53.70
N LEU B 556 14.09 13.65 -54.31
CA LEU B 556 13.35 12.40 -54.21
C LEU B 556 13.97 11.28 -55.04
N SER B 557 14.91 11.58 -55.92
CA SER B 557 15.57 10.55 -56.73
C SER B 557 16.86 10.16 -56.03
N LEU B 558 16.81 9.08 -55.25
CA LEU B 558 17.97 8.61 -54.50
C LEU B 558 18.64 7.45 -55.23
N THR B 559 19.95 7.38 -55.09
CA THR B 559 20.72 6.30 -55.68
C THR B 559 20.52 5.00 -54.90
N GLN B 560 20.89 3.90 -55.54
CA GLN B 560 20.84 2.60 -54.86
C GLN B 560 21.56 2.66 -53.53
N GLU B 561 22.75 3.25 -53.52
CA GLU B 561 23.50 3.42 -52.27
C GLU B 561 22.66 4.13 -51.21
N GLU B 562 21.95 5.19 -51.61
CA GLU B 562 21.15 5.94 -50.66
C GLU B 562 19.90 5.18 -50.23
N ILE B 563 19.42 4.27 -51.08
CA ILE B 563 18.26 3.46 -50.71
C ILE B 563 18.64 2.43 -49.65
N THR B 564 19.81 1.80 -49.82
CA THR B 564 20.27 0.86 -48.80
C THR B 564 20.51 1.54 -47.47
N ALA B 565 20.91 2.81 -47.50
CA ALA B 565 21.16 3.55 -46.26
C ALA B 565 19.87 3.89 -45.54
N THR B 566 18.83 4.30 -46.28
CA THR B 566 17.57 4.64 -45.63
C THR B 566 16.86 3.37 -45.14
N VAL B 567 16.93 2.29 -45.92
CA VAL B 567 16.34 1.03 -45.48
C VAL B 567 17.06 0.52 -44.24
N LYS B 568 18.39 0.58 -44.24
CA LYS B 568 19.16 0.08 -43.10
C LYS B 568 18.80 0.82 -41.83
N VAL B 569 18.57 2.13 -41.91
CA VAL B 569 18.30 2.94 -40.73
C VAL B 569 16.81 3.06 -40.44
N ASN B 570 15.99 3.17 -41.49
CA ASN B 570 14.58 3.45 -41.31
C ASN B 570 13.71 2.21 -41.46
N LEU B 571 14.20 1.15 -42.08
CA LEU B 571 13.53 -0.15 -42.11
C LEU B 571 14.42 -1.21 -41.47
N PRO B 572 14.84 -1.01 -40.22
CA PRO B 572 15.79 -1.94 -39.60
C PRO B 572 15.21 -3.34 -39.42
N PHE B 573 13.90 -3.46 -39.27
CA PHE B 573 13.25 -4.74 -39.03
C PHE B 573 12.63 -5.32 -40.29
N GLY B 574 12.87 -4.71 -41.45
CA GLY B 574 12.21 -5.06 -42.67
C GLY B 574 10.92 -4.27 -42.88
N ARG B 575 10.53 -4.16 -44.14
CA ARG B 575 9.28 -3.50 -44.47
C ARG B 575 8.10 -4.30 -43.91
N PRO B 576 7.04 -3.63 -43.46
CA PRO B 576 5.80 -4.36 -43.19
C PRO B 576 5.28 -5.04 -44.44
N ARG B 577 4.87 -6.28 -44.29
CA ARG B 577 4.32 -7.06 -45.40
C ARG B 577 2.81 -6.88 -45.45
N VAL B 578 2.26 -6.86 -46.67
CA VAL B 578 0.83 -6.69 -46.89
C VAL B 578 0.21 -8.06 -47.04
N LEU B 579 -0.67 -8.41 -46.11
CA LEU B 579 -1.38 -9.68 -46.15
C LEU B 579 -2.75 -9.58 -46.80
N GLN B 580 -3.28 -8.38 -47.00
CA GLN B 580 -4.51 -8.24 -47.76
C GLN B 580 -4.33 -8.79 -49.18
N LYS B 581 -5.41 -9.29 -49.75
CA LYS B 581 -5.39 -9.83 -51.11
C LYS B 581 -5.77 -8.75 -52.11
N ASN B 582 -5.04 -8.73 -53.24
CA ASN B 582 -5.40 -7.87 -54.37
C ASN B 582 -5.21 -6.39 -54.05
N VAL B 583 -4.19 -6.07 -53.26
CA VAL B 583 -3.88 -4.68 -52.89
C VAL B 583 -2.71 -4.22 -53.73
N ASP B 584 -2.89 -3.08 -54.40
CA ASP B 584 -1.84 -2.46 -55.19
C ASP B 584 -1.08 -1.48 -54.30
N HIS B 585 0.23 -1.68 -54.15
CA HIS B 585 1.03 -0.83 -53.30
C HIS B 585 2.47 -0.82 -53.80
N CYS B 586 3.16 0.29 -53.54
CA CYS B 586 4.57 0.44 -53.86
C CYS B 586 5.27 1.15 -52.72
N LEU B 587 6.60 1.04 -52.70
CA LEU B 587 7.40 1.65 -51.65
C LEU B 587 8.00 2.97 -52.13
N LEU B 588 7.98 3.97 -51.27
CA LEU B 588 8.54 5.30 -51.53
C LEU B 588 9.75 5.49 -50.63
N TYR B 589 10.94 5.57 -51.25
CA TYR B 589 12.19 5.68 -50.52
C TYR B 589 12.63 7.14 -50.43
N HIS B 590 12.76 7.64 -49.21
CA HIS B 590 13.39 8.94 -48.94
C HIS B 590 14.60 8.73 -48.04
N ARG B 591 15.24 9.85 -47.67
CA ARG B 591 16.42 9.79 -46.81
C ARG B 591 16.04 9.62 -45.34
N GLU B 592 14.99 10.30 -44.89
CA GLU B 592 14.60 10.27 -43.49
C GLU B 592 13.37 9.41 -43.23
N TYR B 593 12.78 8.80 -44.26
CA TYR B 593 11.61 7.96 -44.03
C TYR B 593 11.30 7.14 -45.27
N VAL B 594 10.69 5.97 -45.05
CA VAL B 594 10.25 5.07 -46.11
C VAL B 594 8.79 4.72 -45.85
N SER B 595 8.01 4.61 -46.93
CA SER B 595 6.57 4.39 -46.80
C SER B 595 6.09 3.37 -47.82
N GLY B 596 4.97 2.73 -47.49
CA GLY B 596 4.27 1.87 -48.42
C GLY B 596 2.98 2.54 -48.88
N PHE B 597 2.93 2.92 -50.16
CA PHE B 597 1.83 3.74 -50.68
C PHE B 597 0.72 2.84 -51.22
N GLY B 598 -0.48 3.00 -50.68
CA GLY B 598 -1.64 2.28 -51.18
C GLY B 598 -2.31 3.01 -52.32
N LYS B 599 -2.09 2.55 -53.55
CA LYS B 599 -2.45 3.32 -54.74
C LYS B 599 -3.95 3.61 -54.78
N ALA B 600 -4.79 2.58 -54.67
CA ALA B 600 -6.22 2.80 -54.74
C ALA B 600 -6.70 3.72 -53.62
N MET B 601 -6.05 3.68 -52.47
CA MET B 601 -6.36 4.54 -51.34
C MET B 601 -5.80 5.94 -51.50
N ARG B 602 -4.76 6.11 -52.33
CA ARG B 602 -4.13 7.40 -52.59
C ARG B 602 -3.43 7.96 -51.36
N MET B 603 -3.11 7.11 -50.39
CA MET B 603 -2.35 7.53 -49.22
C MET B 603 -1.52 6.34 -48.76
N PRO B 604 -0.52 6.58 -47.92
CA PRO B 604 0.33 5.46 -47.46
C PRO B 604 -0.38 4.57 -46.44
N MET B 605 -0.17 3.26 -46.60
CA MET B 605 -0.62 2.29 -45.61
C MET B 605 0.26 2.33 -44.37
N TRP B 606 1.54 2.62 -44.55
CA TRP B 606 2.49 2.70 -43.45
C TRP B 606 3.62 3.63 -43.85
N SER B 607 4.28 4.19 -42.84
CA SER B 607 5.42 5.09 -43.05
C SER B 607 6.40 4.84 -41.91
N SER B 608 7.63 4.47 -42.25
CA SER B 608 8.61 4.03 -41.26
C SER B 608 9.82 4.96 -41.26
N TYR B 609 10.19 5.44 -40.08
CA TYR B 609 11.35 6.31 -39.93
C TYR B 609 11.93 6.15 -38.54
N THR B 610 13.26 6.20 -38.46
CA THR B 610 13.97 6.08 -37.20
C THR B 610 14.41 7.46 -36.73
N VAL B 611 14.04 7.80 -35.50
CA VAL B 611 14.40 9.09 -34.90
C VAL B 611 15.57 8.84 -33.95
N PRO B 612 16.78 9.32 -34.26
CA PRO B 612 17.89 9.09 -33.35
C PRO B 612 17.81 9.99 -32.13
N GLN B 613 18.59 9.61 -31.11
CA GLN B 613 18.69 10.42 -29.91
C GLN B 613 19.50 11.68 -30.21
N LEU B 614 19.05 12.81 -29.66
CA LEU B 614 19.66 14.10 -29.92
C LEU B 614 20.08 14.76 -28.61
N GLY B 615 21.05 15.66 -28.72
CA GLY B 615 21.56 16.38 -27.55
C GLY B 615 20.69 17.54 -27.17
N ASP B 616 20.22 18.31 -28.15
CA ASP B 616 19.32 19.44 -27.91
C ASP B 616 17.89 18.92 -27.97
N THR B 617 17.21 18.91 -26.83
CA THR B 617 15.83 18.44 -26.74
C THR B 617 14.84 19.54 -27.08
N SER B 618 15.21 20.44 -27.98
CA SER B 618 14.31 21.50 -28.39
C SER B 618 13.07 20.90 -29.05
N PRO B 619 11.86 21.24 -28.60
CA PRO B 619 10.66 20.79 -29.32
C PRO B 619 10.68 21.25 -30.77
N LEU B 620 10.38 20.35 -31.69
CA LEU B 620 10.42 20.67 -33.10
C LEU B 620 9.50 21.86 -33.39
N PRO B 621 9.91 22.77 -34.28
CA PRO B 621 9.02 23.88 -34.63
C PRO B 621 8.02 23.45 -35.69
N PRO B 622 6.88 24.15 -35.81
CA PRO B 622 5.90 23.77 -36.83
C PRO B 622 6.52 23.69 -38.22
N THR B 623 5.90 22.92 -39.11
CA THR B 623 6.41 22.78 -40.46
C THR B 623 6.17 24.04 -41.27
N VAL B 624 6.94 24.20 -42.34
CA VAL B 624 6.80 25.34 -43.24
C VAL B 624 5.38 25.37 -43.77
N PRO B 625 4.54 26.32 -43.36
CA PRO B 625 3.18 26.39 -43.89
C PRO B 625 3.17 26.96 -45.30
N ASP B 626 2.01 26.87 -45.94
CA ASP B 626 1.82 27.38 -47.30
C ASP B 626 2.78 26.73 -48.29
N CYS B 627 3.15 25.48 -48.07
CA CYS B 627 3.98 24.75 -49.02
C CYS B 627 3.56 23.30 -49.09
N LEU B 628 2.96 22.93 -50.22
CA LEU B 628 2.71 21.55 -50.59
C LEU B 628 2.90 21.41 -52.09
N ARG B 629 3.15 20.19 -52.53
CA ARG B 629 3.33 19.93 -53.96
C ARG B 629 3.15 18.44 -54.20
N ALA B 630 3.20 18.06 -55.48
CA ALA B 630 2.91 16.70 -55.90
C ALA B 630 4.15 15.81 -55.81
N ASP B 631 3.90 14.51 -55.72
CA ASP B 631 4.94 13.51 -55.78
C ASP B 631 5.07 13.07 -57.24
N VAL B 632 6.23 13.32 -57.85
CA VAL B 632 6.42 13.04 -59.27
C VAL B 632 6.63 11.55 -59.50
N ARG B 633 6.58 10.75 -58.43
CA ARG B 633 6.60 9.30 -58.56
C ARG B 633 5.21 8.69 -58.64
N VAL B 634 4.20 9.42 -58.20
CA VAL B 634 2.82 8.92 -58.11
C VAL B 634 1.98 9.66 -59.13
N PRO B 635 1.18 8.99 -59.94
CA PRO B 635 0.33 9.69 -60.89
C PRO B 635 -0.79 10.44 -60.18
N PRO B 636 -1.37 11.45 -60.84
CA PRO B 636 -2.48 12.18 -60.20
C PRO B 636 -3.68 11.31 -59.91
N SER B 637 -3.95 10.32 -60.77
CA SER B 637 -5.07 9.42 -60.55
C SER B 637 -4.94 8.70 -59.21
N GLU B 638 -3.71 8.47 -58.75
CA GLU B 638 -3.45 7.78 -57.49
C GLU B 638 -2.91 8.72 -56.42
N SER B 639 -3.14 10.02 -56.57
CA SER B 639 -2.64 11.02 -55.64
C SER B 639 -3.80 11.83 -55.09
N GLN B 640 -3.59 12.39 -53.91
CA GLN B 640 -4.54 13.33 -53.35
C GLN B 640 -4.39 14.69 -54.02
N LYS B 641 -5.50 15.43 -54.07
CA LYS B 641 -5.50 16.81 -54.52
C LYS B 641 -5.74 17.70 -53.32
N CYS B 642 -4.93 18.75 -53.18
CA CYS B 642 -5.16 19.72 -52.13
C CYS B 642 -6.56 20.32 -52.24
N SER B 643 -7.15 20.31 -53.43
CA SER B 643 -8.50 20.84 -53.59
C SER B 643 -9.54 19.96 -52.91
N PHE B 644 -9.29 18.66 -52.80
CA PHE B 644 -10.20 17.79 -52.07
C PHE B 644 -10.40 18.30 -50.66
N TYR B 645 -9.31 18.76 -50.02
CA TYR B 645 -9.41 19.21 -48.64
C TYR B 645 -10.07 20.56 -48.54
N LEU B 646 -9.84 21.43 -49.52
CA LEU B 646 -10.57 22.69 -49.58
C LEU B 646 -12.07 22.46 -49.73
N ALA B 647 -12.45 21.52 -50.60
CA ALA B 647 -13.86 21.24 -50.82
C ALA B 647 -14.52 20.65 -49.58
N ASP B 648 -13.84 19.73 -48.89
CA ASP B 648 -14.40 19.10 -47.71
C ASP B 648 -14.29 20.05 -46.54
N LYS B 649 -15.41 20.62 -46.12
CA LYS B 649 -15.47 21.59 -45.04
C LYS B 649 -15.43 20.95 -43.66
N ASN B 650 -15.40 19.63 -43.57
CA ASN B 650 -15.47 18.94 -42.30
C ASN B 650 -14.17 18.21 -41.94
N ILE B 651 -13.13 18.32 -42.75
CA ILE B 651 -11.87 17.64 -42.45
C ILE B 651 -10.76 18.30 -43.26
N THR B 652 -9.56 18.31 -42.69
CA THR B 652 -8.37 18.85 -43.33
C THR B 652 -7.33 17.74 -43.47
N HIS B 653 -6.12 18.12 -43.86
CA HIS B 653 -5.05 17.17 -44.11
C HIS B 653 -3.95 17.29 -43.09
N GLY B 654 -3.44 16.14 -42.62
CA GLY B 654 -2.28 16.09 -41.77
C GLY B 654 -1.16 15.31 -42.45
N PHE B 655 0.04 15.45 -41.90
CA PHE B 655 1.20 14.73 -42.40
C PHE B 655 1.40 13.46 -41.59
N LEU B 656 1.78 12.39 -42.27
CA LEU B 656 2.04 11.13 -41.58
C LEU B 656 3.43 11.14 -40.96
N TYR B 657 4.45 11.50 -41.74
CA TYR B 657 5.80 11.67 -41.24
C TYR B 657 6.04 13.14 -40.91
N PRO B 658 6.60 13.48 -39.75
CA PRO B 658 6.78 14.90 -39.40
C PRO B 658 7.77 15.57 -40.34
N PRO B 659 7.35 16.58 -41.10
CA PRO B 659 8.33 17.31 -41.92
C PRO B 659 9.35 18.06 -41.09
N ALA B 660 8.93 18.66 -39.97
CA ALA B 660 9.80 19.47 -39.13
C ALA B 660 10.91 18.67 -38.46
N SER B 661 10.87 17.34 -38.53
CA SER B 661 11.97 16.52 -38.04
C SER B 661 13.12 16.45 -39.04
N ASN B 662 13.22 17.44 -39.93
CA ASN B 662 14.33 17.48 -40.88
C ASN B 662 15.65 17.60 -40.13
N ARG B 663 16.57 16.69 -40.43
CA ARG B 663 17.92 16.72 -39.87
C ARG B 663 18.94 17.22 -40.88
N THR B 664 18.46 17.70 -42.03
CA THR B 664 19.27 18.41 -43.01
C THR B 664 18.55 19.71 -43.32
N SER B 665 19.24 20.62 -44.01
CA SER B 665 18.69 21.95 -44.21
C SER B 665 17.43 21.90 -45.07
N ASP B 666 17.44 21.14 -46.16
CA ASP B 666 16.36 21.15 -47.13
C ASP B 666 15.56 19.85 -47.17
N SER B 667 15.77 18.94 -46.21
CA SER B 667 15.03 17.68 -46.24
C SER B 667 13.55 17.86 -45.92
N GLN B 668 13.16 18.99 -45.32
CA GLN B 668 11.75 19.18 -45.01
C GLN B 668 10.88 19.15 -46.25
N TYR B 669 11.47 19.40 -47.43
CA TYR B 669 10.70 19.31 -48.67
C TYR B 669 10.39 17.87 -49.04
N ASP B 670 11.19 16.92 -48.59
CA ASP B 670 10.93 15.51 -48.86
C ASP B 670 9.63 15.02 -48.24
N ALA B 671 9.05 15.78 -47.31
CA ALA B 671 7.81 15.40 -46.65
C ALA B 671 6.64 16.30 -47.02
N LEU B 672 6.89 17.45 -47.62
CA LEU B 672 5.84 18.37 -48.06
C LEU B 672 5.31 17.98 -49.44
N ILE B 673 4.97 16.70 -49.61
CA ILE B 673 4.45 16.19 -50.87
C ILE B 673 3.14 15.47 -50.60
N THR B 674 2.41 15.22 -51.70
CA THR B 674 1.04 14.70 -51.59
C THR B 674 1.02 13.26 -51.10
N SER B 675 2.07 12.49 -51.38
CA SER B 675 2.12 11.09 -50.93
C SER B 675 2.25 10.95 -49.42
N ASN B 676 2.54 12.04 -48.71
CA ASN B 676 2.70 12.03 -47.26
C ASN B 676 1.52 12.68 -46.56
N LEU B 677 0.41 12.85 -47.27
CA LEU B 677 -0.80 13.45 -46.71
C LEU B 677 -1.78 12.36 -46.30
N VAL B 678 -2.51 12.62 -45.22
CA VAL B 678 -3.60 11.74 -44.78
C VAL B 678 -4.73 12.61 -44.25
N PRO B 679 -6.00 12.24 -44.45
CA PRO B 679 -7.10 13.09 -44.00
C PRO B 679 -7.16 13.16 -42.47
N MET B 680 -7.23 14.38 -41.95
CA MET B 680 -7.21 14.57 -40.51
C MET B 680 -8.22 15.63 -40.08
N TYR B 681 -9.10 15.26 -39.15
CA TYR B 681 -9.97 16.24 -38.53
C TYR B 681 -9.14 17.31 -37.84
N GLU B 682 -9.69 18.52 -37.82
CA GLU B 682 -8.97 19.64 -37.23
C GLU B 682 -8.55 19.35 -35.80
N GLU B 683 -9.51 18.96 -34.95
CA GLU B 683 -9.21 18.74 -33.55
C GLU B 683 -8.25 17.58 -33.32
N PHE B 684 -8.17 16.64 -34.26
CA PHE B 684 -7.23 15.52 -34.11
C PHE B 684 -5.81 15.94 -34.44
N ARG B 685 -5.65 16.73 -35.51
CA ARG B 685 -4.31 17.13 -35.95
C ARG B 685 -3.58 17.88 -34.84
N LYS B 686 -4.28 18.69 -34.07
CA LYS B 686 -3.68 19.34 -32.91
C LYS B 686 -3.07 18.29 -31.97
N MET B 687 -3.85 17.25 -31.65
CA MET B 687 -3.32 16.14 -30.87
C MET B 687 -2.17 15.46 -31.59
N TRP B 688 -2.35 15.17 -32.88
CA TRP B 688 -1.34 14.51 -33.67
C TRP B 688 -0.02 15.29 -33.69
N ASP B 689 -0.11 16.61 -33.91
CA ASP B 689 1.10 17.41 -34.07
C ASP B 689 1.86 17.56 -32.76
N TYR B 690 1.13 17.75 -31.65
CA TYR B 690 1.81 17.88 -30.36
C TYR B 690 2.58 16.60 -30.03
N PHE B 691 2.03 15.45 -30.37
CA PHE B 691 2.72 14.19 -30.08
C PHE B 691 4.04 14.11 -30.84
N HIS B 692 4.01 14.44 -32.13
CA HIS B 692 5.24 14.37 -32.93
C HIS B 692 6.20 15.51 -32.62
N SER B 693 5.72 16.60 -32.03
CA SER B 693 6.55 17.77 -31.75
C SER B 693 7.21 17.72 -30.39
N VAL B 694 6.57 17.10 -29.40
CA VAL B 694 7.08 17.11 -28.03
C VAL B 694 7.29 15.68 -27.56
N LEU B 695 6.22 14.88 -27.55
CA LEU B 695 6.26 13.58 -26.91
C LEU B 695 7.18 12.61 -27.65
N LEU B 696 7.15 12.60 -28.98
CA LEU B 696 7.98 11.67 -29.73
C LEU B 696 9.46 11.92 -29.49
N ILE B 697 9.83 13.17 -29.22
CA ILE B 697 11.23 13.48 -28.95
C ILE B 697 11.65 12.88 -27.61
N LYS B 698 10.80 13.00 -26.59
CA LYS B 698 11.12 12.46 -25.28
C LYS B 698 11.19 10.95 -25.29
N HIS B 699 10.41 10.29 -26.15
CA HIS B 699 10.53 8.84 -26.29
C HIS B 699 11.88 8.46 -26.88
N ALA B 700 12.31 9.17 -27.92
CA ALA B 700 13.58 8.85 -28.57
C ALA B 700 14.74 8.96 -27.60
N THR B 701 14.73 9.99 -26.74
CA THR B 701 15.84 10.18 -25.81
C THR B 701 15.82 9.13 -24.71
N GLU B 702 14.65 8.89 -24.12
CA GLU B 702 14.56 7.89 -23.05
C GLU B 702 14.93 6.50 -23.55
N ARG B 703 14.68 6.22 -24.82
CA ARG B 703 14.88 4.88 -25.38
C ARG B 703 16.13 4.79 -26.26
N ASN B 704 16.94 5.85 -26.29
CA ASN B 704 18.16 5.90 -27.11
C ASN B 704 17.81 5.79 -28.59
N GLY B 705 16.95 6.69 -29.04
CA GLY B 705 16.35 6.60 -30.35
C GLY B 705 15.12 5.72 -30.35
N VAL B 706 14.33 5.84 -31.42
CA VAL B 706 13.10 5.07 -31.53
C VAL B 706 12.70 4.96 -32.99
N ASN B 707 12.35 3.76 -33.42
CA ASN B 707 11.79 3.57 -34.76
C ASN B 707 10.28 3.77 -34.70
N VAL B 708 9.76 4.48 -35.70
CA VAL B 708 8.35 4.87 -35.75
C VAL B 708 7.74 4.29 -37.03
N VAL B 709 6.65 3.54 -36.88
CA VAL B 709 5.83 3.12 -38.01
C VAL B 709 4.41 3.58 -37.73
N SER B 710 3.81 4.27 -38.70
CA SER B 710 2.49 4.85 -38.54
C SER B 710 1.70 4.69 -39.83
N GLY B 711 0.38 4.75 -39.70
CA GLY B 711 -0.50 4.62 -40.83
C GLY B 711 -1.96 4.70 -40.44
N PRO B 712 -2.84 4.76 -41.43
CA PRO B 712 -4.28 4.84 -41.14
C PRO B 712 -4.89 3.48 -40.85
N ILE B 713 -6.01 3.52 -40.13
CA ILE B 713 -6.81 2.34 -39.85
C ILE B 713 -8.24 2.65 -40.25
N PHE B 714 -8.89 1.68 -40.90
CA PHE B 714 -10.29 1.77 -41.30
C PHE B 714 -11.05 0.59 -40.72
N ASP B 715 -11.88 0.85 -39.71
CA ASP B 715 -12.70 -0.19 -39.06
C ASP B 715 -14.06 0.42 -38.71
N TYR B 716 -14.83 0.74 -39.75
CA TYR B 716 -16.14 1.35 -39.54
C TYR B 716 -17.17 0.38 -38.98
N ASN B 717 -16.99 -0.92 -39.20
CA ASN B 717 -17.86 -1.93 -38.59
C ASN B 717 -17.37 -2.36 -37.21
N TYR B 718 -16.25 -1.81 -36.75
CA TYR B 718 -15.70 -2.04 -35.41
C TYR B 718 -15.70 -3.52 -35.03
N ASP B 719 -15.15 -4.34 -35.92
CA ASP B 719 -14.94 -5.77 -35.64
C ASP B 719 -13.46 -6.09 -35.39
N GLY B 720 -12.61 -5.07 -35.30
CA GLY B 720 -11.22 -5.30 -35.02
C GLY B 720 -10.37 -5.75 -36.19
N HIS B 721 -10.94 -5.76 -37.41
CA HIS B 721 -10.21 -6.14 -38.61
C HIS B 721 -10.21 -4.98 -39.60
N PHE B 722 -9.19 -4.94 -40.46
CA PHE B 722 -9.11 -3.92 -41.49
C PHE B 722 -10.33 -4.01 -42.40
N ASP B 723 -10.85 -2.84 -42.79
CA ASP B 723 -12.04 -2.79 -43.62
C ASP B 723 -11.68 -3.04 -45.07
N ALA B 724 -12.51 -3.82 -45.77
CA ALA B 724 -12.44 -3.86 -47.21
C ALA B 724 -12.86 -2.50 -47.76
N PRO B 725 -12.32 -2.10 -48.92
CA PRO B 725 -12.67 -0.78 -49.47
C PRO B 725 -14.17 -0.52 -49.51
N ASP B 726 -14.97 -1.56 -49.66
CA ASP B 726 -16.42 -1.42 -49.75
C ASP B 726 -17.11 -1.46 -48.39
N GLU B 727 -16.35 -1.55 -47.29
CA GLU B 727 -16.89 -1.43 -45.94
C GLU B 727 -16.70 -0.05 -45.34
N ILE B 728 -15.96 0.82 -46.02
CA ILE B 728 -15.67 2.16 -45.53
C ILE B 728 -16.80 3.09 -45.95
N THR B 729 -17.40 3.77 -44.97
CA THR B 729 -18.62 4.52 -45.21
C THR B 729 -18.40 6.02 -45.30
N LYS B 730 -17.20 6.52 -45.08
CA LYS B 730 -16.94 7.95 -45.14
C LYS B 730 -15.70 8.19 -45.99
N HIS B 731 -15.82 9.08 -46.96
CA HIS B 731 -14.74 9.42 -47.88
C HIS B 731 -14.57 10.93 -47.95
N LEU B 732 -13.45 11.33 -48.50
CA LEU B 732 -13.07 12.74 -48.54
C LEU B 732 -13.82 13.43 -49.67
N ALA B 733 -14.67 14.39 -49.31
CA ALA B 733 -15.41 15.22 -50.27
C ALA B 733 -16.19 14.28 -51.18
N ASN B 734 -16.11 14.42 -52.50
CA ASN B 734 -16.83 13.56 -53.44
C ASN B 734 -15.90 12.54 -54.10
N THR B 735 -14.80 12.20 -53.43
CA THR B 735 -13.79 11.31 -53.99
C THR B 735 -13.89 9.93 -53.36
N ASP B 736 -12.94 9.06 -53.73
CA ASP B 736 -12.84 7.73 -53.17
C ASP B 736 -11.80 7.65 -52.04
N VAL B 737 -11.26 8.78 -51.61
CA VAL B 737 -10.25 8.79 -50.56
C VAL B 737 -10.93 8.50 -49.23
N PRO B 738 -10.59 7.39 -48.56
CA PRO B 738 -11.32 7.02 -47.35
C PRO B 738 -10.83 7.79 -46.14
N ILE B 739 -11.73 7.99 -45.19
CA ILE B 739 -11.45 8.67 -43.93
C ILE B 739 -11.11 7.61 -42.88
N PRO B 740 -9.91 7.61 -42.31
CA PRO B 740 -9.60 6.63 -41.26
C PRO B 740 -10.48 6.78 -40.03
N THR B 741 -10.69 5.66 -39.33
CA THR B 741 -11.31 5.68 -38.01
C THR B 741 -10.27 5.81 -36.90
N HIS B 742 -9.04 5.36 -37.18
CA HIS B 742 -7.95 5.41 -36.22
C HIS B 742 -6.65 5.63 -36.98
N TYR B 743 -5.63 6.09 -36.26
CA TYR B 743 -4.27 6.07 -36.74
C TYR B 743 -3.43 5.26 -35.78
N PHE B 744 -2.45 4.54 -36.31
CA PHE B 744 -1.54 3.77 -35.49
C PHE B 744 -0.15 4.39 -35.53
N VAL B 745 0.53 4.26 -34.39
CA VAL B 745 1.90 4.72 -34.20
C VAL B 745 2.57 3.65 -33.35
N VAL B 746 3.52 2.94 -33.94
CA VAL B 746 4.24 1.87 -33.24
C VAL B 746 5.68 2.33 -33.03
N LEU B 747 6.06 2.52 -31.78
CA LEU B 747 7.43 2.88 -31.41
C LEU B 747 8.19 1.61 -31.06
N THR B 748 9.31 1.38 -31.76
CA THR B 748 10.15 0.21 -31.54
C THR B 748 11.57 0.67 -31.25
N SER B 749 12.14 0.17 -30.15
CA SER B 749 13.49 0.49 -29.75
C SER B 749 14.17 -0.81 -29.31
N CYS B 750 15.37 -0.68 -28.76
CA CYS B 750 16.11 -1.83 -28.27
C CYS B 750 15.83 -2.03 -26.78
N LYS B 751 15.54 -3.27 -26.39
CA LYS B 751 15.29 -3.54 -24.98
C LYS B 751 16.48 -3.12 -24.14
N ASN B 752 17.70 -3.37 -24.64
CA ASN B 752 18.93 -2.88 -24.05
C ASN B 752 19.17 -1.47 -24.58
N LYS B 753 18.83 -0.46 -23.78
CA LYS B 753 18.94 0.93 -24.20
C LYS B 753 20.35 1.33 -24.60
N SER B 754 21.35 0.48 -24.33
CA SER B 754 22.71 0.77 -24.77
C SER B 754 22.82 0.80 -26.29
N HIS B 755 21.88 0.19 -27.01
CA HIS B 755 21.90 0.12 -28.46
C HIS B 755 20.79 0.99 -29.04
N THR B 756 20.99 1.40 -30.28
CA THR B 756 19.98 2.15 -31.02
C THR B 756 19.04 1.19 -31.73
N PRO B 757 17.89 1.69 -32.18
CA PRO B 757 16.92 0.78 -32.84
C PRO B 757 17.50 0.05 -34.05
N GLU B 758 18.21 0.76 -34.92
CA GLU B 758 18.73 0.13 -36.13
C GLU B 758 19.93 -0.75 -35.88
N ASN B 759 20.50 -0.71 -34.68
CA ASN B 759 21.69 -1.48 -34.32
C ASN B 759 21.45 -2.26 -33.04
N CYS B 760 20.35 -3.01 -33.02
CA CYS B 760 19.91 -3.74 -31.84
C CYS B 760 20.06 -5.24 -32.08
N PRO B 761 21.03 -5.91 -31.46
CA PRO B 761 21.23 -7.35 -31.75
C PRO B 761 20.35 -8.26 -30.91
N GLY B 762 19.84 -7.76 -29.81
CA GLY B 762 19.04 -8.56 -28.89
C GLY B 762 17.55 -8.41 -29.15
N TRP B 763 16.78 -8.38 -28.07
CA TRP B 763 15.34 -8.21 -28.19
C TRP B 763 15.01 -6.74 -28.44
N LEU B 764 13.83 -6.53 -29.01
CA LEU B 764 13.31 -5.20 -29.22
C LEU B 764 12.34 -4.86 -28.10
N ASP B 765 11.95 -3.59 -28.06
CA ASP B 765 10.99 -3.07 -27.08
C ASP B 765 9.97 -2.22 -27.83
N VAL B 766 8.70 -2.61 -27.77
CA VAL B 766 7.67 -1.97 -28.57
C VAL B 766 6.74 -1.16 -27.67
N LEU B 767 6.18 -0.10 -28.26
CA LEU B 767 5.19 0.74 -27.59
C LEU B 767 4.19 1.17 -28.66
N PRO B 768 3.10 0.39 -28.86
CA PRO B 768 2.16 0.70 -29.95
C PRO B 768 0.93 1.49 -29.51
N PHE B 769 0.47 2.39 -30.37
CA PHE B 769 -0.74 3.18 -30.14
C PHE B 769 -1.74 2.97 -31.26
N ILE B 770 -3.02 2.99 -30.90
CA ILE B 770 -4.12 3.00 -31.87
C ILE B 770 -5.07 4.10 -31.42
N ILE B 771 -4.87 5.30 -31.95
CA ILE B 771 -5.57 6.49 -31.45
C ILE B 771 -6.84 6.71 -32.28
N PRO B 772 -7.98 7.01 -31.65
CA PRO B 772 -9.19 7.27 -32.43
C PRO B 772 -9.09 8.58 -33.20
N HIS B 773 -9.53 8.53 -34.46
CA HIS B 773 -9.54 9.68 -35.34
C HIS B 773 -10.91 10.33 -35.24
N ARG B 774 -11.08 11.25 -34.28
CA ARG B 774 -12.37 11.83 -33.99
C ARG B 774 -12.37 13.34 -34.24
N PRO B 775 -13.50 13.88 -34.70
CA PRO B 775 -13.54 15.33 -35.01
C PRO B 775 -13.46 16.24 -33.80
N THR B 776 -13.66 15.71 -32.59
CA THR B 776 -13.51 16.50 -31.37
C THR B 776 -12.68 15.71 -30.37
N ASN B 777 -12.17 16.43 -29.38
CA ASN B 777 -11.39 15.83 -28.29
C ASN B 777 -12.18 15.78 -26.99
N VAL B 778 -13.50 15.59 -27.08
CA VAL B 778 -14.33 15.51 -25.88
C VAL B 778 -13.94 14.31 -25.02
N GLU B 779 -13.25 13.32 -25.60
CA GLU B 779 -12.76 12.20 -24.79
C GLU B 779 -11.71 12.67 -23.79
N SER B 780 -10.94 13.69 -24.14
CA SER B 780 -9.87 14.18 -23.28
C SER B 780 -10.32 15.26 -22.31
N CYS B 781 -11.59 15.68 -22.38
CA CYS B 781 -12.11 16.82 -21.63
C CYS B 781 -11.05 17.94 -21.57
N PRO B 782 -10.64 18.48 -22.72
CA PRO B 782 -9.59 19.51 -22.71
C PRO B 782 -9.88 20.66 -21.77
N GLU B 783 -11.11 21.16 -21.77
CA GLU B 783 -11.54 22.27 -20.92
C GLU B 783 -10.79 23.56 -21.20
N GLY B 784 -9.98 23.60 -22.26
CA GLY B 784 -9.21 24.78 -22.59
C GLY B 784 -7.81 24.81 -22.04
N LYS B 785 -7.24 23.67 -21.66
CA LYS B 785 -5.89 23.62 -21.11
C LYS B 785 -4.89 23.28 -22.21
N PRO B 786 -3.61 23.59 -22.00
CA PRO B 786 -2.60 23.26 -22.99
C PRO B 786 -2.50 21.75 -23.24
N GLU B 787 -2.09 21.39 -24.45
CA GLU B 787 -1.93 19.98 -24.82
C GLU B 787 -0.99 19.25 -23.87
N ALA B 788 -0.04 19.97 -23.26
CA ALA B 788 0.85 19.35 -22.29
C ALA B 788 0.11 18.65 -21.15
N LEU B 789 -1.19 18.91 -21.00
CA LEU B 789 -1.96 18.41 -19.86
C LEU B 789 -3.04 17.41 -20.23
N TRP B 790 -3.03 16.89 -21.46
CA TRP B 790 -4.08 15.92 -21.81
C TRP B 790 -3.76 15.06 -23.04
N VAL B 791 -2.86 15.51 -23.91
CA VAL B 791 -2.55 14.72 -25.10
C VAL B 791 -1.88 13.41 -24.72
N GLU B 792 -0.81 13.47 -23.92
CA GLU B 792 -0.09 12.26 -23.57
C GLU B 792 -0.98 11.26 -22.86
N GLU B 793 -1.85 11.74 -21.97
CA GLU B 793 -2.81 10.88 -21.30
C GLU B 793 -3.73 10.21 -22.30
N ARG B 794 -4.08 10.90 -23.39
CA ARG B 794 -4.98 10.32 -24.39
C ARG B 794 -4.29 9.19 -25.15
N PHE B 795 -3.03 9.39 -25.54
CA PHE B 795 -2.27 8.35 -26.22
C PHE B 795 -2.06 7.13 -25.32
N THR B 796 -1.77 7.37 -24.05
CA THR B 796 -1.54 6.27 -23.12
C THR B 796 -2.79 5.43 -22.93
N ALA B 797 -3.98 6.04 -23.01
CA ALA B 797 -5.21 5.29 -22.88
C ALA B 797 -5.50 4.43 -24.11
N HIS B 798 -4.78 4.63 -25.21
CA HIS B 798 -5.03 3.89 -26.43
C HIS B 798 -3.81 3.09 -26.87
N ILE B 799 -2.91 2.78 -25.93
CA ILE B 799 -1.89 1.79 -26.19
C ILE B 799 -2.57 0.46 -26.55
N ALA B 800 -1.91 -0.32 -27.40
CA ALA B 800 -2.42 -1.61 -27.84
C ALA B 800 -1.24 -2.54 -28.07
N ARG B 801 -1.53 -3.78 -28.46
CA ARG B 801 -0.51 -4.71 -28.90
C ARG B 801 -0.19 -4.48 -30.37
N VAL B 802 0.98 -4.94 -30.80
CA VAL B 802 1.31 -4.92 -32.22
C VAL B 802 0.35 -5.83 -32.98
N ARG B 803 -0.10 -6.91 -32.33
CA ARG B 803 -1.04 -7.83 -32.97
C ARG B 803 -2.36 -7.13 -33.30
N ASP B 804 -2.80 -6.24 -32.41
CA ASP B 804 -4.01 -5.46 -32.70
C ASP B 804 -3.82 -4.57 -33.92
N VAL B 805 -2.64 -3.98 -34.07
CA VAL B 805 -2.37 -3.16 -35.24
C VAL B 805 -2.40 -4.01 -36.51
N GLU B 806 -1.77 -5.18 -36.47
CA GLU B 806 -1.78 -6.09 -37.62
C GLU B 806 -3.20 -6.46 -38.01
N LEU B 807 -4.02 -6.83 -37.02
CA LEU B 807 -5.40 -7.23 -37.31
C LEU B 807 -6.18 -6.08 -37.94
N LEU B 808 -5.93 -4.85 -37.50
CA LEU B 808 -6.67 -3.68 -37.99
C LEU B 808 -6.12 -3.12 -39.29
N THR B 809 -4.96 -3.58 -39.76
CA THR B 809 -4.35 -3.03 -40.96
C THR B 809 -4.13 -4.06 -42.06
N GLY B 810 -4.04 -5.33 -41.72
CA GLY B 810 -3.66 -6.33 -42.69
C GLY B 810 -2.17 -6.39 -42.96
N LEU B 811 -1.35 -5.89 -42.04
CA LEU B 811 0.10 -5.83 -42.18
C LEU B 811 0.75 -6.77 -41.17
N ASP B 812 1.95 -7.24 -41.52
CA ASP B 812 2.75 -8.12 -40.67
C ASP B 812 4.14 -7.51 -40.51
N PHE B 813 4.53 -7.24 -39.27
CA PHE B 813 5.75 -6.52 -38.95
C PHE B 813 6.89 -7.45 -38.53
N TYR B 814 8.12 -6.93 -38.65
CA TYR B 814 9.32 -7.51 -38.05
C TYR B 814 9.81 -8.78 -38.74
N GLN B 815 9.36 -9.05 -39.98
CA GLN B 815 9.68 -10.32 -40.61
C GLN B 815 11.16 -10.47 -40.93
N ASP B 816 11.93 -9.38 -40.97
CA ASP B 816 13.35 -9.47 -41.25
C ASP B 816 14.22 -9.32 -40.02
N LYS B 817 13.63 -9.21 -38.83
CA LYS B 817 14.39 -9.25 -37.59
C LYS B 817 14.95 -10.66 -37.38
N VAL B 818 16.27 -10.77 -37.32
CA VAL B 818 16.91 -12.06 -37.09
C VAL B 818 16.66 -12.47 -35.65
N GLN B 819 15.73 -13.39 -35.46
CA GLN B 819 15.29 -13.84 -34.14
C GLN B 819 14.31 -14.98 -34.36
N PRO B 820 14.18 -15.93 -33.44
CA PRO B 820 13.18 -16.99 -33.63
C PRO B 820 11.78 -16.42 -33.71
N VAL B 821 11.01 -16.92 -34.68
CA VAL B 821 9.64 -16.44 -34.90
C VAL B 821 8.85 -16.44 -33.60
N SER B 822 8.96 -17.52 -32.83
CA SER B 822 8.17 -17.63 -31.60
C SER B 822 8.47 -16.49 -30.66
N GLU B 823 9.70 -15.97 -30.69
CA GLU B 823 10.06 -14.82 -29.85
C GLU B 823 9.53 -13.52 -30.44
N ILE B 824 9.43 -13.42 -31.76
CA ILE B 824 8.75 -12.27 -32.36
C ILE B 824 7.27 -12.29 -32.00
N LEU B 825 6.68 -13.47 -31.85
CA LEU B 825 5.27 -13.54 -31.49
C LEU B 825 5.05 -13.10 -30.04
N GLN B 826 6.04 -13.30 -29.18
CA GLN B 826 5.97 -12.72 -27.84
C GLN B 826 5.96 -11.20 -27.92
N LEU B 827 6.85 -10.64 -28.73
CA LEU B 827 6.89 -9.19 -28.89
C LEU B 827 5.56 -8.64 -29.36
N LYS B 828 4.91 -9.34 -30.31
CA LYS B 828 3.70 -8.82 -30.93
C LYS B 828 2.49 -8.88 -30.01
N THR B 829 2.48 -9.78 -29.02
CA THR B 829 1.39 -9.85 -28.05
C THR B 829 1.67 -9.05 -26.78
N TYR B 830 2.86 -8.49 -26.66
CA TYR B 830 3.21 -7.67 -25.50
C TYR B 830 2.31 -6.44 -25.41
N LEU B 831 1.81 -6.16 -24.21
CA LEU B 831 1.03 -4.95 -23.95
C LEU B 831 1.79 -4.07 -22.96
N PRO B 832 2.29 -2.91 -23.37
CA PRO B 832 2.92 -2.00 -22.40
C PRO B 832 1.93 -1.52 -21.36
N THR B 833 2.34 -1.53 -20.10
CA THR B 833 1.49 -1.14 -18.99
C THR B 833 2.13 0.00 -18.20
N PHE B 834 1.31 1.00 -17.86
CA PHE B 834 1.76 2.14 -17.06
C PHE B 834 0.77 2.47 -15.97
C1 NAG C . 34.04 4.52 15.38
C2 NAG C . 35.56 4.36 15.44
C3 NAG C . 36.22 5.18 14.32
C4 NAG C . 35.59 4.88 12.97
C5 NAG C . 34.06 4.97 13.04
C6 NAG C . 33.38 4.48 11.79
C7 NAG C . 36.40 3.88 17.69
C8 NAG C . 36.93 4.48 18.96
N2 NAG C . 36.08 4.77 16.72
O3 NAG C . 37.61 4.87 14.30
O4 NAG C . 35.99 5.85 12.01
O5 NAG C . 33.57 4.16 14.12
O6 NAG C . 31.99 4.34 11.99
O7 NAG C . 36.26 2.68 17.54
H1 NAG C . 33.80 5.45 15.56
H2 NAG C . 35.77 3.43 15.28
H3 NAG C . 36.11 6.13 14.52
H4 NAG C . 35.85 3.99 12.66
H5 NAG C . 33.81 5.90 13.21
H61 NAG C . 33.77 3.62 11.53
H62 NAG C . 33.54 5.13 11.07
H81 NAG C . 37.13 3.77 19.59
H82 NAG C . 36.26 5.08 19.35
H83 NAG C . 37.75 4.98 18.76
HN2 NAG C . 36.21 5.65 16.89
HO3 NAG C . 37.77 4.21 14.86
HO6 NAG C . 31.55 4.63 11.28
C1 NAG C . 37.35 5.71 11.55
C2 NAG C . 37.32 5.92 10.04
C3 NAG C . 38.74 5.87 9.47
C4 NAG C . 39.65 6.83 10.22
C5 NAG C . 39.58 6.57 11.72
C6 NAG C . 40.36 7.57 12.54
C7 NAG C . 35.33 5.21 8.78
C8 NAG C . 34.59 4.06 8.18
N2 NAG C . 36.48 4.92 9.40
O3 NAG C . 38.70 6.22 8.09
O4 NAG C . 40.99 6.67 9.76
O5 NAG C . 38.21 6.67 12.15
O6 NAG C . 39.74 7.80 13.80
O7 NAG C . 34.91 6.37 8.71
H1 NAG C . 37.66 4.81 11.75
H2 NAG C . 36.96 6.80 9.86
H3 NAG C . 39.09 4.96 9.56
H4 NAG C . 39.36 7.75 10.03
H5 NAG C . 39.91 5.68 11.90
H61 NAG C . 40.41 8.41 12.05
H62 NAG C . 41.27 7.23 12.68
H81 NAG C . 35.16 3.63 7.51
H82 NAG C . 33.77 4.38 7.76
H83 NAG C . 34.37 3.42 8.88
HN2 NAG C . 36.74 4.05 9.43
HO3 NAG C . 38.80 7.10 8.01
HO4 NAG C . 41.02 6.78 8.89
HO6 NAG C . 39.49 7.02 14.14
C1 NAG D . 22.56 4.77 41.55
C2 NAG D . 21.34 5.65 41.77
C3 NAG D . 21.50 6.45 43.06
C4 NAG D . 21.80 5.52 44.22
C5 NAG D . 22.96 4.59 43.90
C6 NAG D . 23.13 3.50 44.94
C7 NAG D . 20.36 6.28 39.59
C8 NAG D . 20.27 7.33 38.53
N2 NAG D . 21.14 6.56 40.64
O3 NAG D . 20.31 7.18 43.34
O4 NAG D . 22.14 6.33 45.34
O5 NAG D . 22.74 3.92 42.65
O6 NAG D . 24.45 2.97 44.91
O7 NAG D . 19.74 5.21 39.51
H1 NAG D . 23.36 5.34 41.45
H2 NAG D . 20.56 5.08 41.86
H3 NAG D . 22.24 7.08 42.95
H4 NAG D . 21.00 5.00 44.43
H5 NAG D . 23.78 5.11 43.85
H61 NAG D . 22.49 2.79 44.77
H62 NAG D . 22.95 3.88 45.82
H81 NAG D . 19.68 7.02 37.82
H82 NAG D . 21.15 7.49 38.17
H83 NAG D . 19.91 8.15 38.91
HN2 NAG D . 21.56 7.36 40.65
HO3 NAG D . 19.83 6.75 43.95
HO6 NAG D . 24.85 3.19 44.16
C1 NAG D . 21.18 6.26 46.40
C2 NAG D . 21.92 6.68 47.65
C3 NAG D . 20.99 6.75 48.85
C4 NAG D . 19.76 7.59 48.54
C5 NAG D . 19.12 7.12 47.23
C6 NAG D . 17.98 8.01 46.78
C7 NAG D . 24.30 6.07 47.79
C8 NAG D . 25.29 4.99 48.13
N2 NAG D . 23.01 5.75 47.92
O3 NAG D . 21.68 7.32 49.95
O4 NAG D . 18.81 7.40 49.59
O5 NAG D . 20.10 7.15 46.19
O6 NAG D . 18.44 9.33 46.48
O7 NAG D . 24.65 7.18 47.41
H1 NAG D . 20.84 5.36 46.50
H2 NAG D . 22.30 7.57 47.51
H3 NAG D . 20.70 5.85 49.08
H4 NAG D . 20.00 8.53 48.47
H5 NAG D . 18.79 6.21 47.33
H61 NAG D . 17.31 8.06 47.49
H62 NAG D . 17.58 7.62 45.98
H81 NAG D . 25.15 4.22 47.54
H82 NAG D . 25.17 4.72 49.06
H83 NAG D . 26.19 5.33 48.00
HN2 NAG D . 22.80 4.91 48.21
HO3 NAG D . 21.28 7.10 50.71
HO6 NAG D . 19.22 9.27 46.05
C1 BMA D . 18.38 8.65 50.17
C2 BMA D . 17.08 8.36 50.98
C3 BMA D . 16.61 9.60 51.71
C4 BMA D . 17.76 10.19 52.55
C5 BMA D . 18.99 10.45 51.66
C6 BMA D . 20.18 10.97 52.46
O2 BMA D . 17.31 7.38 51.98
O3 BMA D . 15.49 9.33 52.55
O4 BMA D . 17.34 11.40 53.14
O5 BMA D . 19.38 9.19 51.02
O6 BMA D . 20.09 10.48 53.80
H1 BMA D . 18.16 9.37 49.37
H2 BMA D . 16.30 8.01 50.27
H3 BMA D . 16.30 10.37 50.99
H4 BMA D . 18.04 9.45 53.32
H5 BMA D . 18.73 11.19 50.90
H61 BMA D . 20.16 12.06 52.43
H62 BMA D . 21.10 10.63 51.96
HO2 BMA D . 16.73 6.64 51.77
HO3 BMA D . 15.53 8.38 52.74
HO4 BMA D . 16.39 11.30 53.32
HO6 BMA D . 20.84 10.83 54.29
C1 NAG E . 27.93 23.73 -0.62
C2 NAG E . 29.28 23.11 -0.96
C3 NAG E . 30.27 24.18 -1.43
C4 NAG E . 29.67 25.05 -2.52
C5 NAG E . 28.29 25.56 -2.12
C6 NAG E . 27.57 26.28 -3.23
C7 NAG E . 30.16 21.11 0.18
C8 NAG E . 30.70 20.56 1.46
N2 NAG E . 29.82 22.40 0.20
O3 NAG E . 31.43 23.53 -1.93
O4 NAG E . 30.51 26.17 -2.74
O5 NAG E . 27.46 24.45 -1.75
O6 NAG E . 27.40 25.44 -4.36
O7 NAG E . 30.02 20.42 -0.83
H1 NAG E . 28.03 24.34 0.13
H2 NAG E . 29.16 22.47 -1.69
H3 NAG E . 30.52 24.74 -0.67
H4 NAG E . 29.59 24.53 -3.36
H5 NAG E . 28.38 26.15 -1.36
H61 NAG E . 28.10 27.06 -3.50
H62 NAG E . 26.70 26.57 -2.91
H81 NAG E . 30.91 19.61 1.34
H82 NAG E . 30.03 20.66 2.17
H83 NAG E . 31.50 21.04 1.71
HN2 NAG E . 29.95 22.87 0.97
HO3 NAG E . 31.20 22.97 -2.58
C1 NAG E . 31.03 26.23 -4.08
C2 NAG E . 31.62 27.63 -4.25
C3 NAG E . 32.27 27.76 -5.63
C4 NAG E . 33.29 26.65 -5.83
C5 NAG E . 32.61 25.30 -5.62
C6 NAG E . 33.58 24.14 -5.72
C7 NAG E . 30.51 29.39 -2.96
C8 NAG E . 29.39 30.39 -2.93
N2 NAG E . 30.60 28.64 -4.07
O3 NAG E . 32.89 29.03 -5.73
O4 NAG E . 33.84 26.72 -7.14
O5 NAG E . 32.04 25.25 -4.31
O6 NAG E . 33.02 23.07 -6.47
O7 NAG E . 31.30 29.28 -2.03
H1 NAG E . 30.29 26.10 -4.72
H2 NAG E . 32.31 27.76 -3.58
H3 NAG E . 31.58 27.70 -6.31
H4 NAG E . 34.01 26.76 -5.18
H5 NAG E . 31.91 25.18 -6.29
H61 NAG E . 33.80 23.83 -4.82
H62 NAG E . 34.40 24.44 -6.15
H81 NAG E . 28.54 29.91 -3.01
H82 NAG E . 29.48 31.01 -3.68
H83 NAG E . 29.41 30.88 -2.09
HN2 NAG E . 29.98 28.77 -4.73
HO3 NAG E . 33.40 29.06 -6.45
HO4 NAG E . 33.77 27.55 -7.45
HO6 NAG E . 32.97 22.35 -5.97
C1 FUC E . 26.25 25.88 -5.12
C2 FUC E . 26.18 25.04 -6.44
C3 FUC E . 25.73 23.59 -6.17
C4 FUC E . 24.44 23.57 -5.33
C5 FUC E . 24.65 24.41 -4.06
C6 FUC E . 23.39 24.54 -3.21
O2 FUC E . 27.42 25.06 -7.15
O3 FUC E . 25.42 22.92 -7.42
O4 FUC E . 23.34 24.06 -6.09
O5 FUC E . 25.07 25.76 -4.37
H1 FUC E . 26.34 26.94 -5.35
H2 FUC E . 25.44 25.51 -7.09
H3 FUC E . 26.51 23.05 -5.63
H4 FUC E . 24.25 22.53 -5.01
H5 FUC E . 25.44 23.93 -3.48
H61 FUC E . 23.60 25.16 -2.33
H62 FUC E . 23.05 23.56 -2.89
H63 FUC E . 22.58 25.02 -3.79
HO2 FUC E . 28.11 25.03 -6.48
HO3 FUC E . 24.68 22.33 -7.22
HO4 FUC E . 22.55 23.76 -5.63
C1 NAG F . 13.04 14.74 31.04
C2 NAG F . 13.34 16.23 30.92
C3 NAG F . 14.78 16.51 31.36
C4 NAG F . 15.11 15.87 32.70
C5 NAG F . 14.63 14.43 32.80
C6 NAG F . 14.67 13.88 34.21
C7 NAG F . 12.20 17.63 29.24
C8 NAG F . 12.15 18.04 27.79
N2 NAG F . 13.13 16.72 29.57
O3 NAG F . 14.99 17.91 31.45
O4 NAG F . 16.52 15.84 32.81
O5 NAG F . 13.26 14.31 32.37
O6 NAG F . 13.89 14.68 35.08
O7 NAG F . 11.44 18.11 30.07
H1 NAG F . 13.63 14.24 30.43
H2 NAG F . 12.74 16.71 31.53
H3 NAG F . 15.39 16.14 30.68
H4 NAG F . 14.73 16.41 33.43
H5 NAG F . 15.18 13.87 32.22
H61 NAG F . 15.60 13.87 34.52
H62 NAG F . 14.32 12.98 34.21
H81 NAG F . 11.97 17.25 27.25
H82 NAG F . 13.02 18.41 27.54
H83 NAG F . 11.45 18.70 27.67
HN2 NAG F . 13.67 16.41 28.90
HO3 NAG F . 15.70 18.14 30.97
HO6 NAG F . 13.22 14.20 35.41
C1 NAG F . 17.11 16.76 33.74
C2 NAG F . 18.53 16.25 33.93
C3 NAG F . 19.27 17.15 34.92
C4 NAG F . 19.23 18.59 34.44
C5 NAG F . 17.79 19.03 34.17
C6 NAG F . 17.72 20.38 33.49
C7 NAG F . 18.90 13.86 33.54
C8 NAG F . 18.84 12.48 34.13
N2 NAG F . 18.54 14.87 34.35
O3 NAG F . 20.62 16.71 35.04
O4 NAG F . 19.81 19.44 35.43
O5 NAG F . 17.14 18.11 33.28
O6 NAG F . 17.90 20.27 32.08
O7 NAG F . 19.25 14.06 32.38
H1 NAG F . 16.63 16.72 34.60
H2 NAG F . 18.98 16.32 33.06
H3 NAG F . 18.84 17.08 35.79
H4 NAG F . 19.75 18.66 33.62
H5 NAG F . 17.30 19.07 35.01
H61 NAG F . 18.41 20.96 33.87
H62 NAG F . 16.85 20.78 33.67
H81 NAG F . 17.92 12.29 34.41
H82 NAG F . 19.45 12.43 34.89
H83 NAG F . 19.11 11.83 33.45
HN2 NAG F . 18.29 14.66 35.20
HO3 NAG F . 20.66 15.99 35.56
HO4 NAG F . 20.14 20.16 35.04
HO6 NAG F . 18.64 19.81 31.92
C1 NAG G . -12.26 47.34 13.09
C2 NAG G . -13.65 47.75 12.64
C3 NAG G . -13.61 48.23 11.19
C4 NAG G . -12.56 49.30 11.02
C5 NAG G . -11.21 48.87 11.59
C6 NAG G . -10.21 49.99 11.63
C7 NAG G . -15.73 46.72 13.46
C8 NAG G . -16.56 45.47 13.52
N2 NAG G . -14.57 46.63 12.78
O3 NAG G . -14.88 48.75 10.82
O4 NAG G . -12.39 49.61 9.64
O5 NAG G . -11.39 48.44 12.96
O6 NAG G . -10.81 51.17 12.13
O7 NAG G . -16.10 47.76 13.98
H1 NAG G . -11.94 46.61 12.54
H2 NAG G . -13.95 48.48 13.20
H3 NAG G . -13.40 47.47 10.61
H4 NAG G . -12.85 50.12 11.49
H5 NAG G . -10.86 48.13 11.06
H61 NAG G . -9.88 50.15 10.72
H62 NAG G . -9.46 49.74 12.21
H81 NAG G . -16.05 44.76 13.96
H82 NAG G . -16.79 45.18 12.61
H83 NAG G . -17.38 45.64 14.02
HN2 NAG G . -14.34 45.83 12.42
HO3 NAG G . -15.17 48.35 10.09
C1 NAG G . -12.87 50.94 9.37
C2 NAG G . -12.33 51.40 8.01
C3 NAG G . -12.92 52.75 7.62
C4 NAG G . -14.44 52.71 7.69
C5 NAG G . -14.88 52.24 9.07
C6 NAG G . -16.37 52.08 9.20
C7 NAG G . -10.09 50.45 7.67
C8 NAG G . -8.61 50.70 7.75
N2 NAG G . -10.88 51.46 8.03
O3 NAG G . -12.50 53.11 6.31
O4 NAG G . -14.97 54.00 7.44
O5 NAG G . -14.30 50.96 9.34
O6 NAG G . -16.81 50.81 8.71
O7 NAG G . -10.53 49.37 7.29
H1 NAG G . -12.56 51.56 10.06
H2 NAG G . -12.60 50.74 7.33
H3 NAG G . -12.59 53.43 8.25
H4 NAG G . -14.77 52.09 7.02
H5 NAG G . -14.56 52.88 9.74
H61 NAG G . -16.82 52.79 8.69
H62 NAG G . -16.63 52.15 10.13
H81 NAG G . -8.37 51.45 7.16
H82 NAG G . -8.13 49.91 7.46
H83 NAG G . -8.37 50.93 8.66
HN2 NAG G . -10.48 52.25 8.29
HO3 NAG G . -11.69 53.47 6.34
HO4 NAG G . -15.60 53.94 6.81
HO6 NAG G . -16.10 50.30 8.54
C1 FUC G . -10.09 52.32 11.66
C2 FUC G . -10.89 53.58 12.08
C3 FUC G . -10.79 53.82 13.60
C4 FUC G . -9.33 53.77 14.04
C5 FUC G . -8.73 52.44 13.64
C6 FUC G . -7.27 52.30 14.03
O2 FUC G . -12.25 53.51 11.68
O3 FUC G . -11.30 55.11 13.94
O4 FUC G . -8.61 54.83 13.41
O5 FUC G . -8.79 52.29 12.21
H1 FUC G . -9.96 52.27 10.58
H2 FUC G . -10.45 54.44 11.58
H3 FUC G . -11.36 53.04 14.13
H4 FUC G . -9.27 53.86 15.14
H5 FUC G . -9.33 51.66 14.10
H61 FUC G . -6.88 51.32 13.70
H62 FUC G . -7.16 52.37 15.12
H63 FUC G . -6.66 53.08 13.57
HO2 FUC G . -12.67 54.32 12.00
HO3 FUC G . -11.70 55.03 14.81
C1 NAG H . 22.13 -19.63 21.76
C2 NAG H . 23.48 -20.31 22.07
C3 NAG H . 23.61 -21.62 21.27
C4 NAG H . 22.40 -22.50 21.46
C5 NAG H . 21.14 -21.71 21.10
C6 NAG H . 19.86 -22.50 21.31
C7 NAG H . 25.19 -18.68 22.69
C8 NAG H . 26.31 -17.81 22.21
N2 NAG H . 24.58 -19.42 21.77
O3 NAG H . 24.79 -22.30 21.70
O4 NAG H . 22.49 -23.66 20.62
O5 NAG H . 21.06 -20.55 21.94
O6 NAG H . 19.88 -23.24 22.52
O7 NAG H . 24.85 -18.70 23.88
H1 NAG H . 22.13 -19.31 20.84
H2 NAG H . 23.50 -20.54 23.02
H3 NAG H . 23.71 -21.40 20.32
H4 NAG H . 22.35 -22.79 22.39
H5 NAG H . 21.20 -21.43 20.17
H61 NAG H . 19.74 -23.11 20.56
H62 NAG H . 19.10 -21.87 21.33
H81 NAG H . 25.97 -17.19 21.54
H82 NAG H . 27.01 -18.37 21.81
H83 NAG H . 26.69 -17.31 22.96
HN2 NAG H . 24.87 -19.37 20.91
HO3 NAG H . 24.83 -23.10 21.29
HO4 NAG H . 21.77 -24.15 20.72
C1 FUC H . 19.74 -22.35 23.66
C2 FUC H . 18.68 -22.95 24.61
C3 FUC H . 19.21 -24.23 25.29
C4 FUC H . 20.59 -23.96 25.93
C5 FUC H . 21.53 -23.41 24.87
C6 FUC H . 22.92 -23.05 25.40
O2 FUC H . 17.47 -23.20 23.93
O3 FUC H . 18.31 -24.65 26.34
O4 FUC H . 20.45 -23.02 26.99
O5 FUC H . 20.99 -22.22 24.30
H1 FUC H . 19.45 -21.35 23.33
H2 FUC H . 18.47 -22.22 25.38
H3 FUC H . 19.31 -25.03 24.54
H4 FUC H . 21.01 -24.92 26.31
H5 FUC H . 21.61 -24.17 24.07
H61 FUC H . 23.54 -22.65 24.59
H62 FUC H . 23.39 -23.93 25.82
H63 FUC H . 22.83 -22.29 26.18
HO2 FUC H . 17.19 -24.08 24.19
HO3 FUC H . 18.23 -23.90 26.93
C1 NAG I . -23.35 17.96 23.29
C2 NAG I . -23.57 16.45 23.12
C3 NAG I . -25.06 16.07 23.12
C4 NAG I . -25.81 16.76 24.25
C5 NAG I . -25.55 18.25 24.16
C6 NAG I . -26.28 19.06 25.22
C7 NAG I . -21.86 15.22 21.82
C8 NAG I . -21.37 14.88 20.44
N2 NAG I . -22.95 16.00 21.88
O3 NAG I . -25.19 14.66 23.26
O4 NAG I . -27.21 16.50 24.15
O5 NAG I . -24.15 18.47 24.36
O6 NAG I . -26.01 20.45 25.05
O7 NAG I . -21.29 14.81 22.84
H1 NAG I . -23.60 18.43 22.46
H2 NAG I . -23.13 15.98 23.87
H3 NAG I . -25.45 16.34 22.28
H4 NAG I . -25.48 16.43 25.11
H5 NAG I . -25.80 18.57 23.28
H61 NAG I . -26.00 18.78 26.10
H62 NAG I . -27.25 18.91 25.12
H81 NAG I . -21.14 15.70 19.97
H82 NAG I . -22.07 14.41 19.96
H83 NAG I . -20.57 14.32 20.50
HN2 NAG I . -23.32 16.27 21.09
HO3 NAG I . -25.96 14.47 23.67
HO4 NAG I . -27.46 15.99 24.83
C1 FUC I . -27.24 21.21 25.03
C2 FUC I . -26.85 22.70 25.05
C3 FUC I . -26.09 23.04 23.78
C4 FUC I . -26.95 22.73 22.56
C5 FUC I . -27.39 21.25 22.61
C6 FUC I . -28.41 20.88 21.54
O2 FUC I . -26.10 23.06 26.20
O3 FUC I . -25.78 24.43 23.75
O4 FUC I . -28.08 23.58 22.53
O5 FUC I . -28.00 20.91 23.88
H1 FUC I . -27.87 20.95 25.89
H2 FUC I . -27.77 23.29 25.07
H3 FUC I . -25.17 22.44 23.74
H4 FUC I . -26.34 22.85 21.65
H5 FUC I . -26.48 20.63 22.49
H61 FUC I . -28.70 19.83 21.63
H62 FUC I . -27.99 21.05 20.55
H63 FUC I . -29.31 21.50 21.64
HO2 FUC I . -26.05 24.03 26.19
HO3 FUC I . -26.11 24.76 22.91
C1 NAG J . -35.33 -8.93 -18.91
C2 NAG J . -36.83 -9.11 -19.17
C3 NAG J . -37.52 -7.74 -19.22
C4 NAG J . -37.21 -6.93 -17.97
C5 NAG J . -35.69 -6.88 -17.74
C6 NAG J . -35.32 -6.23 -16.42
C7 NAG J . -37.29 -11.15 -20.47
C8 NAG J . -37.51 -11.72 -21.84
N2 NAG J . -37.06 -9.84 -20.42
O3 NAG J . -38.93 -7.94 -19.32
O4 NAG J . -37.64 -5.58 -18.13
O5 NAG J . -35.15 -8.20 -17.71
O6 NAG J . -34.21 -5.35 -16.59
O7 NAG J . -37.29 -11.85 -19.46
H1 NAG J . -34.92 -8.44 -19.65
H2 NAG J . -37.21 -9.62 -18.44
H3 NAG J . -37.21 -7.25 -20.00
H4 NAG J . -37.64 -7.33 -17.19
H5 NAG J . -35.28 -6.38 -18.46
H61 NAG J . -35.10 -6.92 -15.78
H62 NAG J . -36.09 -5.72 -16.09
H81 NAG J . -37.66 -12.68 -21.77
H82 NAG J . -36.73 -11.56 -22.39
H83 NAG J . -38.29 -11.30 -22.24
HN2 NAG J . -37.07 -9.36 -21.19
HO3 NAG J . -39.15 -8.01 -20.17
HO6 NAG J . -33.60 -5.52 -15.96
C1 NAG J . -39.08 -5.40 -18.10
C2 NAG J . -39.35 -4.14 -17.29
C3 NAG J . -40.85 -3.85 -17.27
C4 NAG J . -41.38 -3.75 -18.69
C5 NAG J . -41.02 -5.02 -19.48
C6 NAG J . -41.37 -4.92 -20.95
C7 NAG J . -37.70 -3.64 -15.54
C8 NAG J . -37.32 -3.87 -14.11
N2 NAG J . -38.84 -4.25 -15.93
O3 NAG J . -41.11 -2.64 -16.58
O4 NAG J . -42.79 -3.57 -18.68
O5 NAG J . -39.61 -5.26 -19.41
O6 NAG J . -40.60 -3.93 -21.62
O7 NAG J . -37.04 -2.96 -16.30
H1 NAG J . -39.49 -6.17 -17.66
H2 NAG J . -38.92 -3.39 -17.73
H3 NAG J . -41.32 -4.59 -16.81
H4 NAG J . -40.97 -2.98 -19.13
H5 NAG J . -41.49 -5.78 -19.09
H61 NAG J . -42.31 -4.70 -21.04
H62 NAG J . -41.21 -5.79 -21.38
H81 NAG J . -38.02 -3.54 -13.53
H82 NAG J . -36.48 -3.39 -13.93
H83 NAG J . -37.18 -4.82 -13.96
HN2 NAG J . -39.30 -4.75 -15.33
HO3 NAG J . -41.28 -1.99 -17.18
HO4 NAG J . -43.02 -2.88 -19.19
HO6 NAG J . -40.42 -4.19 -22.44
C1 NAG K . -20.57 -28.55 -33.86
C2 NAG K . -19.26 -28.10 -34.46
C3 NAG K . -19.12 -28.62 -35.88
C4 NAG K . -19.34 -30.13 -35.94
C5 NAG K . -20.61 -30.53 -35.21
C6 NAG K . -20.73 -32.03 -35.03
C7 NAG K . -18.37 -26.00 -33.56
C8 NAG K . -18.37 -24.51 -33.68
N2 NAG K . -19.14 -26.65 -34.43
O3 NAG K . -17.83 -28.30 -36.36
O4 NAG K . -19.50 -30.51 -37.30
O5 NAG K . -20.64 -29.96 -33.89
O6 NAG K . -22.00 -32.38 -34.49
O7 NAG K . -17.68 -26.59 -32.73
H1 NAG K . -21.30 -28.19 -34.39
H2 NAG K . -18.53 -28.48 -33.93
H3 NAG K . -19.79 -28.17 -36.44
H4 NAG K . -18.57 -30.58 -35.55
H5 NAG K . -21.39 -30.21 -35.71
H61 NAG K . -20.03 -32.34 -34.44
H62 NAG K . -20.63 -32.46 -35.91
H81 NAG K . -19.28 -24.17 -33.53
H82 NAG K . -18.07 -24.25 -34.57
H83 NAG K . -17.77 -24.12 -33.00
HN2 NAG K . -19.63 -26.17 -35.02
HO3 NAG K . -17.27 -28.98 -36.19
HO6 NAG K . -21.99 -33.23 -34.25
C1 NAG K . -18.43 -31.33 -37.81
C2 NAG K . -18.99 -32.04 -39.04
C3 NAG K . -17.90 -32.85 -39.73
C4 NAG K . -16.65 -32.02 -39.98
C5 NAG K . -16.21 -31.34 -38.69
C6 NAG K . -15.04 -30.40 -38.89
C7 NAG K . -21.37 -32.64 -39.03
C8 NAG K . -22.39 -33.64 -38.58
N2 NAG K . -20.10 -32.90 -38.68
O3 NAG K . -18.40 -33.33 -40.98
O4 NAG K . -15.60 -32.87 -40.42
O5 NAG K . -17.29 -30.55 -38.17
O6 NAG K . -15.38 -29.36 -39.80
O7 NAG K . -21.67 -31.64 -39.67
H1 NAG K . -18.18 -31.99 -37.14
H2 NAG K . -19.30 -31.37 -39.67
H3 NAG K . -17.66 -33.62 -39.17
H4 NAG K . -16.83 -31.35 -40.67
H5 NAG K . -15.97 -32.02 -38.04
H61 NAG K . -14.29 -30.90 -39.23
H62 NAG K . -14.81 -30.01 -38.03
H81 NAG K . -22.38 -33.69 -37.60
H82 NAG K . -22.17 -34.51 -38.96
H83 NAG K . -23.27 -33.36 -38.87
HN2 NAG K . -19.93 -33.66 -38.20
HO3 NAG K . -17.73 -33.67 -41.45
HO6 NAG K . -16.21 -29.10 -39.67
C1 BMA K . -14.93 -32.39 -41.59
C2 BMA K . -13.57 -33.08 -41.58
C3 BMA K . -12.79 -32.81 -42.87
C4 BMA K . -13.64 -33.06 -44.11
C5 BMA K . -15.02 -32.34 -44.00
C6 BMA K . -15.98 -32.72 -45.13
O2 BMA K . -13.75 -34.49 -41.47
O3 BMA K . -11.60 -33.60 -42.94
O4 BMA K . -12.94 -32.59 -45.26
O5 BMA K . -15.65 -32.71 -42.76
O6 BMA K . -15.92 -34.13 -45.32
H1 BMA K . -14.79 -31.30 -41.53
H2 BMA K . -12.99 -32.70 -40.70
H3 BMA K . -12.46 -31.77 -42.89
H4 BMA K . -13.84 -34.15 -44.19
H5 BMA K . -14.87 -31.25 -44.03
H61 BMA K . -15.68 -32.17 -46.04
H62 BMA K . -16.98 -32.38 -44.84
HO2 BMA K . -13.10 -34.89 -42.07
HO3 BMA K . -11.79 -34.29 -43.61
HO4 BMA K . -13.61 -32.17 -45.83
HO6 BMA K . -16.57 -34.36 -45.99
C1 NAG L . -29.42 15.56 -22.13
C2 NAG L . -30.80 15.53 -21.47
C3 NAG L . -31.74 16.51 -22.17
C4 NAG L . -31.13 17.90 -22.25
C5 NAG L . -29.73 17.83 -22.86
C6 NAG L . -29.00 19.16 -22.80
C7 NAG L . -31.88 13.59 -20.41
C8 NAG L . -32.41 12.21 -20.62
N2 NAG L . -31.36 14.18 -21.49
O3 NAG L . -32.97 16.57 -21.46
O4 NAG L . -31.95 18.74 -23.04
O5 NAG L . -28.91 16.89 -22.14
O6 NAG L . -28.81 19.59 -21.46
O7 NAG L . -31.91 14.14 -19.31
H1 NAG L . -29.49 15.22 -23.05
H2 NAG L . -30.70 15.81 -20.54
H3 NAG L . -31.91 16.19 -23.08
H4 NAG L . -31.06 18.28 -21.34
H5 NAG L . -29.80 17.56 -23.79
H61 NAG L . -29.52 19.83 -23.28
H62 NAG L . -28.13 19.07 -23.23
H81 NAG L . -32.77 11.87 -19.77
H82 NAG L . -31.70 11.63 -20.92
H83 NAG L . -33.13 12.23 -21.28
HN2 NAG L . -31.36 13.73 -22.28
HO3 NAG L . -32.87 17.09 -20.73
HO6 NAG L . -28.52 18.91 -20.97
C1 NAG L . -32.19 19.99 -22.38
C2 NAG L . -32.62 21.03 -23.41
C3 NAG L . -32.96 22.35 -22.73
C4 NAG L . -33.99 22.12 -21.64
C5 NAG L . -33.51 21.04 -20.68
C6 NAG L . -34.53 20.67 -19.62
C7 NAG L . -31.66 20.72 -25.66
C8 NAG L . -30.51 21.04 -26.56
N2 NAG L . -31.59 21.24 -24.42
O3 NAG L . -33.46 23.27 -23.69
O4 NAG L . -34.21 23.33 -20.91
O5 NAG L . -33.22 19.84 -21.40
O6 NAG L . -34.72 19.27 -19.55
O7 NAG L . -32.60 20.04 -26.02
H1 NAG L . -31.38 20.29 -21.94
H2 NAG L . -33.43 20.71 -23.86
H3 NAG L . -32.15 22.71 -22.33
H4 NAG L . -34.84 21.84 -22.04
H5 NAG L . -32.69 21.34 -20.23
H61 NAG L . -35.38 21.10 -19.85
H62 NAG L . -34.23 21.00 -18.76
H81 NAG L . -30.43 22.01 -26.67
H82 NAG L . -30.64 20.63 -27.43
H83 NAG L . -29.68 20.70 -26.17
HN2 NAG L . -30.86 21.74 -24.20
HO3 NAG L . -33.84 23.95 -23.28
HO4 NAG L . -34.97 23.70 -21.17
HO6 NAG L . -35.54 19.06 -19.82
C1 NAG M . -11.35 -13.79 -32.88
C2 NAG M . -11.54 -12.71 -33.94
C3 NAG M . -12.91 -12.89 -34.59
C4 NAG M . -13.11 -14.31 -35.08
C5 NAG M . -12.73 -15.35 -34.03
C6 NAG M . -12.65 -16.76 -34.57
C7 NAG M . -10.39 -10.55 -33.61
C8 NAG M . -10.47 -9.21 -32.96
N2 NAG M . -11.42 -11.38 -33.37
O3 NAG M . -13.04 -11.99 -35.68
O4 NAG M . -14.51 -14.46 -35.37
O5 NAG M . -11.44 -15.06 -33.48
O6 NAG M . -11.67 -16.87 -35.60
O7 NAG M . -9.44 -10.89 -34.32
H1 NAG M . -12.05 -13.70 -32.20
H2 NAG M . -10.85 -12.83 -34.63
H3 NAG M . -13.60 -12.68 -33.93
H4 NAG M . -12.60 -14.46 -35.89
H5 NAG M . -13.39 -15.33 -33.30
H61 NAG M . -13.52 -17.00 -34.94
H62 NAG M . -12.42 -17.37 -33.85
H81 NAG M . -10.52 -9.33 -31.99
H82 NAG M . -11.27 -8.75 -33.27
H83 NAG M . -9.68 -8.70 -33.19
HN2 NAG M . -12.10 -11.07 -32.86
HO3 NAG M . -12.94 -12.43 -36.44
HO6 NAG M . -10.88 -16.63 -35.28
C1 NAG M . -14.76 -14.71 -36.75
C2 NAG M . -16.13 -15.37 -36.85
C3 NAG M . -16.50 -15.62 -38.30
C4 NAG M . -16.41 -14.33 -39.11
C5 NAG M . -15.04 -13.69 -38.90
C6 NAG M . -14.93 -12.32 -39.54
C7 NAG M . -16.61 -16.71 -34.83
C8 NAG M . -16.56 -18.06 -34.21
N2 NAG M . -16.15 -16.61 -36.08
O3 NAG M . -17.83 -16.13 -38.36
O4 NAG M . -16.62 -14.59 -40.48
O5 NAG M . -14.77 -13.51 -37.50
O6 NAG M . -15.25 -11.29 -38.62
O7 NAG M . -17.05 -15.72 -34.23
H1 NAG M . -14.09 -15.30 -37.12
H2 NAG M . -16.79 -14.77 -36.47
H3 NAG M . -15.89 -16.28 -38.68
H4 NAG M . -17.09 -13.71 -38.78
H5 NAG M . -14.35 -14.28 -39.29
H61 NAG M . -15.54 -12.27 -40.30
H62 NAG M . -14.01 -12.19 -39.85
H81 NAG M . -15.63 -18.38 -34.19
H82 NAG M . -17.09 -18.68 -34.73
H83 NAG M . -16.91 -18.02 -33.29
HN2 NAG M . -15.84 -17.38 -36.49
HO3 NAG M . -18.26 -15.75 -39.04
HO4 NAG M . -16.97 -13.87 -40.87
HO6 NAG M . -16.02 -11.47 -38.23
C1 NAG N . -25.67 -29.26 -2.83
C2 NAG N . -26.98 -30.00 -2.65
C3 NAG N . -27.43 -29.94 -1.19
C4 NAG N . -26.31 -30.42 -0.26
C5 NAG N . -24.97 -29.75 -0.59
C6 NAG N . -23.80 -30.37 0.12
C7 NAG N . -28.51 -30.07 -4.59
C8 NAG N . -29.56 -29.34 -5.37
N2 NAG N . -28.01 -29.43 -3.51
O3 NAG N . -28.59 -30.74 -1.01
O4 NAG N . -26.66 -30.08 1.07
O5 NAG N . -24.69 -29.83 -2.00
O6 NAG N . -23.81 -31.79 0.03
O7 NAG N . -28.12 -31.19 -4.92
H1 NAG N . -25.79 -28.33 -2.58
H2 NAG N . -26.85 -30.94 -2.90
H3 NAG N . -27.64 -29.02 -0.97
H4 NAG N . -26.22 -31.39 -0.34
H5 NAG N . -25.04 -28.80 -0.35
H61 NAG N . -23.82 -30.11 1.06
H62 NAG N . -22.97 -30.04 -0.28
H81 NAG N . -29.19 -28.50 -5.70
H82 NAG N . -30.32 -29.15 -4.79
H83 NAG N . -29.85 -29.88 -6.12
HN2 NAG N . -28.33 -28.60 -3.32
HO3 NAG N . -28.65 -30.99 -0.17
C1 NAG N . -26.29 -31.09 2.03
C2 NAG N . -26.05 -30.39 3.36
C3 NAG N . -25.70 -31.42 4.44
C4 NAG N . -26.77 -32.49 4.51
C5 NAG N . -26.98 -33.11 3.14
C6 NAG N . -28.11 -34.12 3.10
C7 NAG N . -25.25 -28.07 3.34
C8 NAG N . -24.05 -27.18 3.20
N2 NAG N . -25.01 -29.38 3.25
O3 NAG N . -25.56 -30.76 5.69
O4 NAG N . -26.41 -33.48 5.46
O5 NAG N . -27.32 -32.10 2.18
O6 NAG N . -28.33 -34.69 4.39
O7 NAG N . -26.37 -27.62 3.54
H1 NAG N . -25.47 -31.52 1.74
H2 NAG N . -26.88 -29.95 3.63
H3 NAG N . -24.84 -31.84 4.20
H4 NAG N . -27.61 -32.07 4.80
H5 NAG N . -26.16 -33.56 2.87
H61 NAG N . -27.89 -34.83 2.48
H62 NAG N . -28.93 -33.67 2.82
H81 NAG N . -23.64 -27.32 2.32
H82 NAG N . -23.40 -27.39 3.90
H83 NAG N . -24.33 -26.24 3.28
HN2 NAG N . -24.16 -29.66 3.10
HO3 NAG N . -25.27 -31.35 6.30
HO4 NAG N . -26.52 -34.28 5.10
HO6 NAG N . -28.60 -35.53 4.30
C1 FUC N . -23.50 -32.26 -1.31
C2 FUC N . -22.46 -33.40 -1.23
C3 FUC N . -23.09 -34.66 -0.62
C4 FUC N . -24.34 -35.07 -1.40
C5 FUC N . -25.32 -33.89 -1.44
C6 FUC N . -26.54 -34.17 -2.30
O2 FUC N . -21.30 -33.01 -0.51
O3 FUC N . -22.16 -35.75 -0.70
O4 FUC N . -23.99 -35.44 -2.73
O5 FUC N . -24.69 -32.70 -1.98
H1 FUC N . -23.12 -31.43 -1.92
H2 FUC N . -22.15 -33.63 -2.25
H3 FUC N . -23.36 -34.47 0.43
H4 FUC N . -24.84 -35.90 -0.88
H5 FUC N . -25.62 -33.70 -0.40
H61 FUC N . -27.21 -33.30 -2.31
H62 FUC N . -27.08 -35.03 -1.92
H63 FUC N . -26.24 -34.38 -3.34
HO2 FUC N . -21.02 -33.79 -0.01
HO3 FUC N . -21.76 -35.70 -1.58
HO4 FUC N . -23.38 -36.19 -2.63
ZN ZN O . 13.57 -3.70 13.56
ZN ZN P . 12.36 -2.99 16.98
CA CA Q . 16.31 26.12 27.75
NA NA R . 14.13 46.80 11.97
CL CL S . 11.13 48.49 12.28
CL CL T . 16.66 30.50 9.04
CL CL U . -9.41 -16.56 39.79
S SO4 V . -17.65 15.37 26.55
O1 SO4 V . -17.44 16.12 27.79
O2 SO4 V . -16.88 14.13 26.64
O3 SO4 V . -19.07 15.05 26.44
O4 SO4 V . -17.24 16.15 25.38
S SO4 W . 13.54 29.50 -0.85
O1 SO4 W . 13.67 29.56 0.61
O2 SO4 W . 12.64 28.42 -1.23
O3 SO4 W . 13.03 30.78 -1.32
O4 SO4 W . 14.86 29.24 -1.45
PG APC X . 20.82 -2.49 12.80
O1G APC X . 20.73 -4.00 12.87
O2G APC X . 21.94 -2.09 11.87
O3G APC X . 21.08 -1.97 14.19
PB APC X . 18.09 -1.57 13.16
O1B APC X . 18.26 -0.18 13.71
O2B APC X . 16.81 -1.71 12.37
O3B APC X . 19.39 -1.91 12.21
PA APC X . 16.29 -2.81 15.32
O1A APC X . 15.88 -1.39 15.66
O2A APC X . 15.33 -3.43 14.33
C3A APC X . 18.01 -2.77 14.59
O5' APC X . 16.29 -3.68 16.72
C5' APC X . 15.93 -5.04 16.68
C4' APC X . 17.16 -5.90 17.09
O4' APC X . 17.51 -5.65 18.32
C3' APC X . 16.76 -7.39 17.07
O3' APC X . 17.22 -8.00 15.95
C2' APC X . 17.44 -7.99 18.32
O2' APC X . 18.37 -9.07 17.88
C1' APC X . 18.13 -7.03 18.89
N9 APC X . 18.00 -7.06 20.35
C8 APC X . 16.95 -6.98 21.17
N7 APC X . 17.38 -7.07 22.44
C5 APC X . 18.71 -7.18 22.40
C6 APC X . 19.63 -7.30 23.40
N6 APC X . 19.52 -7.34 24.85
N1 APC X . 20.93 -7.40 23.10
C2 APC X . 21.32 -7.41 21.81
N3 APC X . 20.40 -7.29 20.82
C4 APC X . 19.09 -7.18 21.11
H3A1 APC X . 18.24 -3.66 14.28
H3A2 APC X . 18.64 -2.50 15.28
H5'1 APC X . 15.66 -5.28 15.79
H5'2 APC X . 15.20 -5.20 17.30
H4' APC X . 17.90 -5.75 16.48
H3' APC X . 15.80 -7.48 17.13
H2' APC X . 16.76 -8.34 18.92
HO2' APC X . 18.77 -9.39 18.56
H1' APC X . 19.06 -7.10 18.64
H8 APC X . 16.06 -6.89 20.90
HN61 APC X . 20.19 -7.59 25.32
HN62 APC X . 18.78 -7.11 25.22
H2 APC X . 22.22 -7.48 21.60
ZN ZN Y . -16.37 -12.39 -8.01
ZN ZN Z . -15.05 -14.37 -10.38
CA CA AA . -13.53 -3.96 -39.92
NA NA BA . -10.54 21.50 -45.43
S SO4 CA . 18.06 -8.77 -24.51
O1 SO4 CA . 17.01 -9.64 -23.99
O2 SO4 CA . 19.31 -9.13 -23.87
O3 SO4 CA . 18.17 -8.99 -25.95
O4 SO4 CA . 17.75 -7.36 -24.23
S SO4 DA . -14.15 -39.78 28.34
O1 SO4 DA . -15.45 -40.36 28.02
O2 SO4 DA . -13.41 -40.74 29.17
O3 SO4 DA . -13.40 -39.52 27.12
O4 SO4 DA . -14.32 -38.54 29.10
PG APC EA . -23.54 -10.94 -9.92
O1G APC EA . -23.41 -12.09 -10.89
O2G APC EA . -24.42 -11.33 -8.76
O3G APC EA . -24.16 -9.75 -10.60
PB APC EA . -20.64 -10.89 -10.12
O1B APC EA . -20.76 -10.47 -11.57
O2B APC EA . -19.51 -10.16 -9.44
O3B APC EA . -22.06 -10.50 -9.36
PA APC EA . -18.63 -13.23 -10.18
O1A APC EA . -18.04 -12.57 -11.39
O2A APC EA . -17.89 -12.84 -8.92
C3A APC EA . -20.42 -12.74 -10.02
O5' APC EA . -18.52 -14.86 -10.41
C5' APC EA . -18.40 -15.68 -9.30
C4' APC EA . -19.69 -16.53 -9.19
O4' APC EA . -19.77 -17.34 -10.21
C3' APC EA . -19.63 -17.44 -7.94
O3' APC EA . -20.42 -16.93 -6.96
C2' APC EA . -20.21 -18.79 -8.42
O2' APC EA . -21.38 -19.10 -7.56
C1' APC EA . -20.60 -18.62 -9.66
N9 APC EA . -20.28 -19.75 -10.50
C8 APC EA . -19.13 -20.33 -10.82
N7 APC EA . -19.36 -21.34 -11.65
C5 APC EA . -20.68 -21.38 -11.87
C6 APC EA . -21.44 -22.22 -12.64
N6 APC EA . -21.10 -23.35 -13.49
N1 APC EA . -22.76 -22.05 -12.69
C2 APC EA . -23.34 -21.06 -11.98
N3 APC EA . -22.59 -20.24 -11.22
C4 APC EA . -21.25 -20.40 -11.17
H3A1 APC EA . -20.76 -13.05 -9.17
H3A2 APC EA . -20.93 -13.16 -10.73
H5'1 APC EA . -18.28 -15.15 -8.50
H5'2 APC EA . -17.63 -16.28 -9.41
H4' APC EA . -20.46 -15.96 -9.15
H3' APC EA . -18.72 -17.54 -7.65
HO3' APC EA . -20.56 -17.54 -6.38
H2' APC EA . -19.53 -19.48 -8.36
HO2' APC EA . -21.75 -19.81 -7.86
H1' APC EA . -21.55 -18.43 -9.68
H8 APC EA . -18.29 -20.08 -10.50
HN61 APC EA . -21.72 -23.83 -13.84
HN62 APC EA . -20.28 -23.54 -13.65
H2 APC EA . -24.26 -20.94 -12.01
#